data_4QEY
#
_entry.id   4QEY
#
_cell.length_a   90.590
_cell.length_b   101.340
_cell.length_c   91.420
_cell.angle_alpha   90.000
_cell.angle_beta   107.910
_cell.angle_gamma   90.000
#
_symmetry.space_group_name_H-M   'P 1 21 1'
#
loop_
_entity.id
_entity.type
_entity.pdbx_description
1 polymer 'Uncharacterized protein'
2 non-polymer DI(HYDROXYETHYL)ETHER
3 non-polymer 1,2-ETHANEDIOL
4 non-polymer 'TRIETHYLENE GLYCOL'
5 water water
#
_entity_poly.entity_id   1
_entity_poly.type   'polypeptide(L)'
_entity_poly.pdbx_seq_one_letter_code
;GNDDDNKNTTGVHKIVVEQSGNTDDFDLNIAFGAANTGGVAKLYNENGEYLGDSYLVNKVTENKISCQTGKEGS(MSE)
(MSE)TCAGSVISTSEQAGKKLKISVIAYIDNKEVNRLEKEYITKGSTLVENFSVSTTSVE
;
_entity_poly.pdbx_strand_id   A,B,C,D,E,F,G,H,I,J
#
loop_
_chem_comp.id
_chem_comp.type
_chem_comp.name
_chem_comp.formula
EDO non-polymer 1,2-ETHANEDIOL 'C2 H6 O2'
PEG non-polymer DI(HYDROXYETHYL)ETHER 'C4 H10 O3'
PGE non-polymer 'TRIETHYLENE GLYCOL' 'C6 H14 O4'
#
# COMPACT_ATOMS: atom_id res chain seq x y z
N ASN A 8 -34.74 5.76 38.79
CA ASN A 8 -34.63 4.84 37.65
C ASN A 8 -33.80 5.47 36.54
N THR A 9 -32.96 4.63 35.91
CA THR A 9 -32.05 4.95 34.81
C THR A 9 -32.74 4.61 33.47
N THR A 10 -33.94 3.97 33.52
CA THR A 10 -34.68 3.56 32.32
C THR A 10 -35.47 4.78 31.78
N GLY A 11 -35.32 4.99 30.47
CA GLY A 11 -35.97 6.07 29.73
C GLY A 11 -35.44 6.22 28.33
N VAL A 12 -35.69 7.39 27.70
CA VAL A 12 -35.19 7.67 26.35
C VAL A 12 -33.76 8.16 26.48
N HIS A 13 -32.81 7.26 26.19
CA HIS A 13 -31.38 7.55 26.19
C HIS A 13 -31.04 8.17 24.84
N LYS A 14 -30.42 9.36 24.86
CA LYS A 14 -30.09 10.14 23.67
C LYS A 14 -28.72 10.78 23.79
N ILE A 15 -27.96 10.78 22.70
CA ILE A 15 -26.65 11.42 22.63
C ILE A 15 -26.64 12.30 21.38
N VAL A 16 -26.32 13.59 21.57
CA VAL A 16 -26.21 14.57 20.49
C VAL A 16 -24.73 14.94 20.34
N VAL A 17 -24.22 14.84 19.12
CA VAL A 17 -22.86 15.22 18.75
C VAL A 17 -22.97 16.46 17.87
N GLU A 18 -22.23 17.51 18.22
CA GLU A 18 -22.18 18.77 17.48
C GLU A 18 -20.75 19.13 17.14
N GLN A 19 -20.53 19.67 15.94
CA GLN A 19 -19.20 20.11 15.50
C GLN A 19 -19.28 21.52 14.92
N SER A 20 -18.23 22.29 15.12
CA SER A 20 -18.10 23.65 14.58
C SER A 20 -16.61 23.95 14.35
N GLY A 21 -16.32 25.00 13.60
CA GLY A 21 -14.97 25.40 13.27
C GLY A 21 -14.62 25.05 11.85
N ASN A 22 -13.36 24.63 11.66
CA ASN A 22 -12.81 24.25 10.36
C ASN A 22 -13.19 22.83 10.05
N THR A 23 -14.50 22.56 9.94
CA THR A 23 -15.06 21.21 9.76
C THR A 23 -14.57 20.54 8.47
N ASP A 24 -14.16 21.31 7.47
CA ASP A 24 -13.67 20.76 6.20
C ASP A 24 -12.24 20.18 6.32
N ASP A 25 -11.51 20.56 7.38
CA ASP A 25 -10.11 20.14 7.59
C ASP A 25 -9.98 18.95 8.56
N PHE A 26 -11.08 18.30 8.89
CA PHE A 26 -11.13 17.14 9.76
C PHE A 26 -12.07 16.10 9.20
N ASP A 27 -11.96 14.87 9.70
CA ASP A 27 -12.88 13.73 9.52
C ASP A 27 -13.42 13.35 10.88
N LEU A 28 -14.73 13.46 11.09
CA LEU A 28 -15.41 13.06 12.32
C LEU A 28 -16.15 11.77 12.05
N ASN A 29 -15.78 10.71 12.80
CA ASN A 29 -16.37 9.38 12.69
C ASN A 29 -16.99 9.05 14.02
N ILE A 30 -18.28 8.76 14.05
CA ILE A 30 -18.96 8.50 15.32
C ILE A 30 -19.77 7.18 15.20
N ALA A 31 -19.80 6.44 16.30
CA ALA A 31 -20.52 5.18 16.43
C ALA A 31 -21.37 5.21 17.69
N PHE A 32 -22.64 4.83 17.56
CA PHE A 32 -23.61 4.77 18.66
C PHE A 32 -24.09 3.35 18.85
N GLY A 33 -24.20 2.99 20.11
CA GLY A 33 -24.69 1.68 20.56
C GLY A 33 -25.53 1.88 21.80
N ALA A 34 -26.59 1.07 21.94
CA ALA A 34 -27.47 1.21 23.09
C ALA A 34 -28.04 -0.15 23.52
N ALA A 35 -28.60 -0.15 24.75
CA ALA A 35 -29.22 -1.31 25.37
C ALA A 35 -30.59 -0.94 25.94
N ASN A 36 -31.56 -1.86 25.83
CA ASN A 36 -32.90 -1.74 26.41
C ASN A 36 -33.03 -2.72 27.55
N THR A 37 -34.10 -2.61 28.32
CA THR A 37 -34.39 -3.52 29.41
C THR A 37 -34.73 -4.93 28.83
N GLY A 38 -35.18 -4.96 27.57
CA GLY A 38 -35.53 -6.18 26.85
C GLY A 38 -34.37 -6.87 26.14
N GLY A 39 -33.35 -6.10 25.76
CA GLY A 39 -32.17 -6.58 25.05
C GLY A 39 -31.48 -5.50 24.23
N VAL A 40 -31.27 -5.77 22.92
CA VAL A 40 -30.64 -4.82 21.99
C VAL A 40 -31.69 -3.77 21.62
N ALA A 41 -31.31 -2.49 21.72
CA ALA A 41 -32.21 -1.38 21.47
C ALA A 41 -32.25 -0.93 20.01
N LYS A 42 -33.45 -0.61 19.54
CA LYS A 42 -33.65 0.02 18.25
C LYS A 42 -33.14 1.44 18.31
N LEU A 43 -32.56 1.97 17.24
CA LEU A 43 -32.03 3.34 17.32
C LEU A 43 -32.83 4.25 16.39
N TYR A 44 -33.04 5.49 16.83
CA TYR A 44 -33.84 6.44 16.08
C TYR A 44 -33.18 7.78 15.99
N ASN A 45 -33.46 8.51 14.92
CA ASN A 45 -32.96 9.88 14.75
C ASN A 45 -33.96 10.83 15.44
N GLU A 46 -33.74 12.17 15.35
CA GLU A 46 -34.58 13.22 15.95
C GLU A 46 -36.05 13.13 15.47
N ASN A 47 -36.29 12.72 14.20
CA ASN A 47 -37.62 12.59 13.57
C ASN A 47 -38.29 11.23 13.87
N GLY A 48 -37.67 10.44 14.76
CA GLY A 48 -38.16 9.13 15.17
C GLY A 48 -38.05 8.02 14.14
N GLU A 49 -37.20 8.22 13.12
CA GLU A 49 -36.98 7.24 12.06
C GLU A 49 -35.98 6.19 12.53
N TYR A 50 -36.29 4.90 12.34
CA TYR A 50 -35.45 3.76 12.74
C TYR A 50 -34.18 3.75 11.91
N LEU A 51 -33.02 3.69 12.61
CA LEU A 51 -31.66 3.71 12.02
C LEU A 51 -31.00 2.33 11.96
N GLY A 52 -31.53 1.39 12.75
CA GLY A 52 -30.98 0.06 12.93
C GLY A 52 -30.62 -0.09 14.40
N ASP A 53 -29.89 -1.16 14.74
CA ASP A 53 -29.50 -1.46 16.13
C ASP A 53 -28.08 -0.98 16.45
N SER A 54 -27.40 -0.44 15.47
CA SER A 54 -26.09 0.20 15.57
C SER A 54 -26.10 1.39 14.62
N TYR A 55 -25.60 2.55 15.05
CA TYR A 55 -25.60 3.71 14.16
C TYR A 55 -24.16 4.22 14.03
N LEU A 56 -23.59 4.00 12.85
CA LEU A 56 -22.23 4.36 12.50
C LEU A 56 -22.24 5.41 11.38
N VAL A 57 -21.67 6.60 11.65
CA VAL A 57 -21.58 7.68 10.67
C VAL A 57 -20.09 7.99 10.41
N ASN A 58 -19.61 7.71 9.21
CA ASN A 58 -18.23 8.04 8.82
C ASN A 58 -18.22 9.38 8.15
N LYS A 59 -17.21 10.23 8.45
CA LYS A 59 -17.00 11.57 7.88
C LYS A 59 -18.33 12.38 7.93
N VAL A 60 -18.80 12.65 9.17
CA VAL A 60 -20.01 13.42 9.49
C VAL A 60 -19.93 14.79 8.81
N THR A 61 -20.89 15.10 7.92
CA THR A 61 -20.94 16.38 7.18
C THR A 61 -21.93 17.35 7.88
N GLU A 62 -22.90 16.80 8.62
CA GLU A 62 -23.88 17.57 9.39
C GLU A 62 -23.22 18.20 10.62
N ASN A 63 -23.69 19.38 11.06
CA ASN A 63 -23.14 20.07 12.23
C ASN A 63 -23.70 19.48 13.52
N LYS A 64 -24.77 18.69 13.41
CA LYS A 64 -25.44 18.06 14.54
C LYS A 64 -25.92 16.65 14.12
N ILE A 65 -25.59 15.65 14.94
CA ILE A 65 -26.02 14.26 14.78
C ILE A 65 -26.64 13.85 16.09
N SER A 66 -27.81 13.25 16.01
CA SER A 66 -28.56 12.77 17.16
C SER A 66 -28.91 11.30 17.00
N CYS A 67 -28.89 10.58 18.12
CA CYS A 67 -29.27 9.18 18.19
C CYS A 67 -29.99 8.92 19.52
N GLN A 68 -31.13 8.22 19.50
CA GLN A 68 -31.90 7.91 20.70
C GLN A 68 -32.54 6.52 20.66
N THR A 69 -32.92 6.01 21.85
CA THR A 69 -33.64 4.75 22.04
C THR A 69 -35.13 5.03 22.23
N GLY A 70 -35.87 3.97 22.55
CA GLY A 70 -37.27 4.04 22.91
C GLY A 70 -37.35 4.33 24.39
N LYS A 71 -38.57 4.31 24.97
CA LYS A 71 -38.82 4.61 26.38
C LYS A 71 -38.19 3.58 27.34
N GLU A 72 -37.83 2.36 26.85
CA GLU A 72 -37.29 1.30 27.69
C GLU A 72 -35.76 1.17 27.59
N GLY A 73 -35.10 2.23 27.12
CA GLY A 73 -33.66 2.31 27.02
C GLY A 73 -33.00 2.31 28.38
N SER A 74 -31.89 1.57 28.53
CA SER A 74 -31.17 1.45 29.80
C SER A 74 -29.76 2.07 29.72
N MSE A 75 -29.22 2.25 28.50
CA MSE A 75 -27.88 2.80 28.29
C MSE A 75 -27.61 3.14 26.84
O MSE A 75 -28.08 2.43 25.95
CB MSE A 75 -26.85 1.74 28.73
CG MSE A 75 -25.46 2.28 28.86
SE MSE A 75 -24.18 0.98 28.28
CE MSE A 75 -24.56 0.98 26.27
N MSE A 76 -26.80 4.19 26.60
CA MSE A 76 -26.32 4.54 25.26
C MSE A 76 -24.85 4.98 25.34
O MSE A 76 -24.48 5.70 26.27
CB MSE A 76 -27.16 5.60 24.55
CG MSE A 76 -26.62 5.90 23.14
SE MSE A 76 -27.64 7.08 22.04
CE MSE A 76 -29.10 5.91 21.73
N THR A 77 -24.03 4.56 24.37
CA THR A 77 -22.62 4.91 24.27
C THR A 77 -22.35 5.52 22.91
N CYS A 78 -21.50 6.55 22.90
CA CYS A 78 -21.04 7.21 21.70
C CYS A 78 -19.54 7.21 21.70
N ALA A 79 -18.96 6.58 20.68
CA ALA A 79 -17.51 6.53 20.47
C ALA A 79 -17.19 7.25 19.21
N GLY A 80 -16.21 8.14 19.28
CA GLY A 80 -15.82 8.92 18.11
C GLY A 80 -14.33 9.04 17.87
N SER A 81 -13.97 9.42 16.64
CA SER A 81 -12.61 9.70 16.25
C SER A 81 -12.59 10.96 15.41
N VAL A 82 -11.56 11.75 15.61
CA VAL A 82 -11.26 13.01 14.91
C VAL A 82 -9.88 12.84 14.26
N ILE A 83 -9.82 12.94 12.93
CA ILE A 83 -8.59 12.84 12.14
C ILE A 83 -8.53 14.08 11.27
N SER A 84 -7.40 14.78 11.29
N SER A 84 -7.37 14.72 11.15
CA SER A 84 -7.12 15.99 10.51
CA SER A 84 -7.23 15.92 10.33
C SER A 84 -6.67 15.62 9.12
C SER A 84 -6.57 15.63 8.96
N THR A 85 -7.17 16.36 8.11
N THR A 85 -5.30 15.10 8.94
CA THR A 85 -6.90 16.15 6.68
CA THR A 85 -4.44 14.80 7.78
C THR A 85 -6.16 17.38 6.06
C THR A 85 -3.94 16.14 7.13
N SER A 86 -5.44 18.16 6.89
N SER A 86 -4.70 17.26 7.26
CA SER A 86 -4.72 19.36 6.49
CA SER A 86 -4.42 18.63 6.79
C SER A 86 -3.28 19.40 7.04
C SER A 86 -2.97 19.04 7.07
N GLU A 87 -2.33 19.80 6.16
CA GLU A 87 -0.91 20.09 6.40
C GLU A 87 -0.70 21.49 7.01
N GLN A 88 -1.79 22.24 7.25
CA GLN A 88 -1.75 23.59 7.79
C GLN A 88 -2.05 23.55 9.29
N ALA A 89 -1.15 24.17 10.08
CA ALA A 89 -1.27 24.25 11.54
C ALA A 89 -2.27 25.35 11.94
N GLY A 90 -2.96 25.14 13.06
CA GLY A 90 -3.91 26.10 13.59
C GLY A 90 -5.35 25.94 13.19
N LYS A 91 -5.69 24.86 12.43
CA LYS A 91 -7.07 24.56 12.05
C LYS A 91 -7.77 23.99 13.28
N LYS A 92 -8.93 24.53 13.65
CA LYS A 92 -9.62 24.13 14.87
C LYS A 92 -10.95 23.47 14.61
N LEU A 93 -11.25 22.45 15.44
CA LEU A 93 -12.53 21.76 15.47
C LEU A 93 -13.02 21.74 16.88
N LYS A 94 -14.27 22.17 17.07
CA LYS A 94 -14.96 22.15 18.35
C LYS A 94 -15.97 21.05 18.31
N ILE A 95 -15.94 20.17 19.32
CA ILE A 95 -16.85 19.03 19.44
C ILE A 95 -17.58 19.11 20.77
N SER A 96 -18.90 18.92 20.76
CA SER A 96 -19.68 18.78 21.98
C SER A 96 -20.46 17.48 21.89
N VAL A 97 -20.37 16.66 22.95
CA VAL A 97 -21.09 15.39 23.04
C VAL A 97 -21.98 15.50 24.28
N ILE A 98 -23.31 15.59 24.09
CA ILE A 98 -24.23 15.76 25.22
C ILE A 98 -25.16 14.54 25.30
N ALA A 99 -25.17 13.91 26.49
CA ALA A 99 -25.98 12.72 26.79
C ALA A 99 -27.20 13.10 27.62
N TYR A 100 -28.35 12.54 27.25
CA TYR A 100 -29.63 12.77 27.91
C TYR A 100 -30.36 11.48 28.26
N ILE A 101 -31.21 11.54 29.29
CA ILE A 101 -32.15 10.49 29.70
C ILE A 101 -33.45 11.24 29.91
N ASP A 102 -34.43 11.02 29.00
CA ASP A 102 -35.74 11.67 28.99
C ASP A 102 -35.58 13.22 28.94
N ASN A 103 -34.71 13.69 28.01
CA ASN A 103 -34.40 15.09 27.71
C ASN A 103 -33.79 15.86 28.95
N LYS A 104 -33.24 15.09 29.92
CA LYS A 104 -32.51 15.62 31.06
C LYS A 104 -31.04 15.27 30.86
N GLU A 105 -30.17 16.30 30.74
CA GLU A 105 -28.74 16.13 30.53
C GLU A 105 -28.11 15.39 31.71
N VAL A 106 -27.43 14.28 31.41
CA VAL A 106 -26.80 13.41 32.41
C VAL A 106 -25.28 13.41 32.23
N ASN A 107 -24.78 13.75 31.03
CA ASN A 107 -23.36 13.79 30.76
C ASN A 107 -23.03 14.75 29.62
N ARG A 108 -21.78 15.25 29.60
CA ARG A 108 -21.32 16.21 28.60
C ARG A 108 -19.82 16.16 28.44
N LEU A 109 -19.36 16.22 27.20
CA LEU A 109 -17.94 16.32 26.85
C LEU A 109 -17.76 17.44 25.84
N GLU A 110 -16.89 18.38 26.18
CA GLU A 110 -16.51 19.51 25.33
C GLU A 110 -15.05 19.37 24.96
N LYS A 111 -14.76 19.27 23.67
CA LYS A 111 -13.39 19.13 23.17
C LYS A 111 -13.10 20.12 22.05
N GLU A 112 -11.84 20.59 21.99
CA GLU A 112 -11.35 21.47 20.94
C GLU A 112 -10.03 20.90 20.42
N TYR A 113 -9.97 20.64 19.10
CA TYR A 113 -8.81 20.05 18.43
C TYR A 113 -8.15 21.09 17.56
N ILE A 114 -6.81 21.19 17.64
CA ILE A 114 -6.02 22.15 16.85
C ILE A 114 -4.89 21.40 16.15
N THR A 115 -4.77 21.59 14.82
CA THR A 115 -3.74 20.94 13.99
C THR A 115 -2.36 21.59 14.26
N LYS A 116 -1.29 20.78 14.11
CA LYS A 116 0.10 21.17 14.35
C LYS A 116 0.96 21.07 13.06
N GLY A 117 0.37 20.60 11.98
CA GLY A 117 1.04 20.39 10.69
C GLY A 117 1.07 18.92 10.31
N SER A 118 1.12 18.06 11.32
CA SER A 118 1.14 16.61 11.19
C SER A 118 -0.29 16.06 11.35
N THR A 119 -0.47 14.76 11.08
CA THR A 119 -1.78 14.12 11.17
C THR A 119 -2.17 14.02 12.66
N LEU A 120 -3.37 14.56 12.97
CA LEU A 120 -4.01 14.56 14.28
C LEU A 120 -4.97 13.39 14.34
N VAL A 121 -4.76 12.52 15.34
CA VAL A 121 -5.60 11.34 15.55
C VAL A 121 -6.03 11.40 16.99
N GLU A 122 -7.30 11.77 17.20
CA GLU A 122 -7.90 11.93 18.52
C GLU A 122 -9.15 11.05 18.66
N ASN A 123 -9.48 10.64 19.89
CA ASN A 123 -10.62 9.77 20.18
C ASN A 123 -11.40 10.25 21.37
N PHE A 124 -12.68 9.87 21.43
CA PHE A 124 -13.55 10.18 22.57
C PHE A 124 -14.57 9.09 22.73
N SER A 125 -15.10 8.98 23.95
CA SER A 125 -16.14 8.01 24.33
C SER A 125 -16.97 8.61 25.43
N VAL A 126 -18.29 8.74 25.19
CA VAL A 126 -19.24 9.32 26.16
C VAL A 126 -20.47 8.41 26.26
N SER A 127 -20.94 8.18 27.47
CA SER A 127 -22.09 7.34 27.72
C SER A 127 -23.12 8.08 28.60
N THR A 128 -24.39 7.63 28.57
CA THR A 128 -25.47 8.19 29.39
C THR A 128 -25.40 7.68 30.83
N THR A 129 -24.71 6.53 31.07
CA THR A 129 -24.63 5.88 32.38
C THR A 129 -23.19 5.87 32.98
N SER A 130 -22.31 6.79 32.53
CA SER A 130 -20.95 6.93 33.07
C SER A 130 -21.03 7.38 34.51
N VAL A 131 -20.33 6.70 35.44
CA VAL A 131 -20.35 7.01 36.86
C VAL A 131 -19.29 8.09 37.16
N GLU A 132 -19.69 9.11 37.94
CA GLU A 132 -18.86 10.26 38.32
C GLU A 132 -17.67 9.85 39.21
N THR B 9 -41.59 -15.89 21.79
CA THR B 9 -40.59 -15.37 20.85
C THR B 9 -39.88 -16.53 20.12
N THR B 10 -40.15 -17.79 20.54
CA THR B 10 -39.54 -19.00 19.93
C THR B 10 -40.31 -19.36 18.65
N GLY B 11 -39.54 -19.59 17.58
CA GLY B 11 -40.07 -19.95 16.27
C GLY B 11 -39.01 -19.90 15.19
N VAL B 12 -39.43 -19.88 13.91
CA VAL B 12 -38.49 -19.78 12.79
C VAL B 12 -38.15 -18.30 12.60
N HIS B 13 -36.95 -17.93 13.08
CA HIS B 13 -36.39 -16.59 12.94
C HIS B 13 -35.76 -16.49 11.57
N LYS B 14 -36.16 -15.47 10.79
CA LYS B 14 -35.72 -15.28 9.40
C LYS B 14 -35.47 -13.82 9.11
N ILE B 15 -34.41 -13.52 8.37
CA ILE B 15 -34.09 -12.16 7.93
C ILE B 15 -33.85 -12.23 6.42
N VAL B 16 -34.56 -11.37 5.68
CA VAL B 16 -34.44 -11.24 4.24
C VAL B 16 -33.82 -9.87 3.94
N VAL B 17 -32.76 -9.86 3.13
CA VAL B 17 -32.08 -8.66 2.66
C VAL B 17 -32.38 -8.54 1.17
N GLU B 18 -32.89 -7.40 0.75
CA GLU B 18 -33.17 -7.10 -0.66
C GLU B 18 -32.42 -5.85 -1.10
N GLN B 19 -31.89 -5.88 -2.33
CA GLN B 19 -31.19 -4.75 -2.93
C GLN B 19 -31.76 -4.46 -4.30
N SER B 20 -31.92 -3.18 -4.65
CA SER B 20 -32.40 -2.77 -5.97
C SER B 20 -31.73 -1.46 -6.34
N GLY B 21 -31.80 -1.12 -7.63
CA GLY B 21 -31.19 0.08 -8.19
C GLY B 21 -29.91 -0.24 -8.93
N ASN B 22 -28.88 0.62 -8.73
CA ASN B 22 -27.56 0.48 -9.35
C ASN B 22 -26.72 -0.46 -8.52
N THR B 23 -27.15 -1.73 -8.42
CA THR B 23 -26.53 -2.79 -7.62
C THR B 23 -25.08 -3.10 -8.06
N ASP B 24 -24.74 -2.79 -9.31
CA ASP B 24 -23.41 -2.99 -9.86
C ASP B 24 -22.40 -1.97 -9.33
N ASP B 25 -22.88 -0.81 -8.84
CA ASP B 25 -22.02 0.31 -8.40
C ASP B 25 -21.78 0.30 -6.88
N PHE B 26 -22.18 -0.78 -6.21
CA PHE B 26 -22.01 -0.94 -4.78
C PHE B 26 -21.56 -2.35 -4.44
N ASP B 27 -20.91 -2.48 -3.28
CA ASP B 27 -20.54 -3.74 -2.66
C ASP B 27 -21.36 -3.91 -1.39
N LEU B 28 -22.24 -4.92 -1.36
CA LEU B 28 -23.09 -5.25 -0.22
C LEU B 28 -22.52 -6.48 0.46
N ASN B 29 -22.12 -6.33 1.72
CA ASN B 29 -21.55 -7.41 2.53
C ASN B 29 -22.46 -7.63 3.70
N ILE B 30 -22.97 -8.84 3.88
CA ILE B 30 -23.93 -9.09 4.96
C ILE B 30 -23.50 -10.34 5.75
N ALA B 31 -23.76 -10.31 7.06
CA ALA B 31 -23.42 -11.38 7.98
C ALA B 31 -24.62 -11.69 8.86
N PHE B 32 -24.95 -12.98 8.99
CA PHE B 32 -26.07 -13.48 9.79
C PHE B 32 -25.58 -14.39 10.89
N GLY B 33 -26.25 -14.30 12.03
CA GLY B 33 -25.99 -15.08 13.22
C GLY B 33 -27.27 -15.26 13.99
N ALA B 34 -27.46 -16.42 14.62
CA ALA B 34 -28.68 -16.70 15.34
C ALA B 34 -28.45 -17.55 16.57
N ALA B 35 -29.49 -17.65 17.40
CA ALA B 35 -29.54 -18.44 18.62
C ALA B 35 -30.82 -19.28 18.68
N ASN B 36 -30.68 -20.55 19.09
CA ASN B 36 -31.78 -21.47 19.37
C ASN B 36 -32.00 -21.49 20.87
N THR B 37 -33.02 -22.21 21.35
CA THR B 37 -33.27 -22.31 22.79
C THR B 37 -32.15 -23.19 23.41
N GLY B 38 -31.56 -24.09 22.61
CA GLY B 38 -30.48 -24.98 23.01
C GLY B 38 -29.07 -24.42 22.97
N GLY B 39 -28.82 -23.45 22.08
CA GLY B 39 -27.50 -22.83 21.93
C GLY B 39 -27.30 -22.16 20.58
N VAL B 40 -26.15 -22.44 19.90
CA VAL B 40 -25.81 -21.90 18.57
C VAL B 40 -26.73 -22.53 17.53
N ALA B 41 -27.40 -21.68 16.74
CA ALA B 41 -28.38 -22.12 15.75
C ALA B 41 -27.75 -22.48 14.40
N LYS B 42 -28.21 -23.59 13.83
CA LYS B 42 -27.90 -23.97 12.46
C LYS B 42 -28.65 -22.99 11.56
N LEU B 43 -27.98 -22.50 10.51
CA LEU B 43 -28.64 -21.56 9.60
C LEU B 43 -29.00 -22.26 8.28
N TYR B 44 -30.14 -21.87 7.70
CA TYR B 44 -30.69 -22.45 6.47
C TYR B 44 -31.13 -21.39 5.49
N ASN B 45 -31.11 -21.73 4.20
CA ASN B 45 -31.60 -20.85 3.15
C ASN B 45 -33.11 -21.06 3.00
N GLU B 46 -33.74 -20.45 1.96
N GLU B 46 -33.70 -20.47 1.94
CA GLU B 46 -35.17 -20.55 1.67
CA GLU B 46 -35.11 -20.52 1.53
C GLU B 46 -35.59 -22.00 1.31
C GLU B 46 -35.58 -21.96 1.28
N ASN B 47 -34.67 -22.82 0.75
CA ASN B 47 -34.91 -24.23 0.36
C ASN B 47 -34.59 -25.24 1.51
N GLY B 48 -34.32 -24.72 2.71
CA GLY B 48 -34.00 -25.53 3.89
C GLY B 48 -32.63 -26.19 3.90
N GLU B 49 -31.72 -25.71 3.04
CA GLU B 49 -30.36 -26.21 2.92
C GLU B 49 -29.48 -25.55 3.99
N TYR B 50 -28.69 -26.36 4.71
CA TYR B 50 -27.80 -25.92 5.78
C TYR B 50 -26.66 -25.08 5.20
N LEU B 51 -26.47 -23.88 5.78
CA LEU B 51 -25.46 -22.89 5.37
C LEU B 51 -24.23 -22.85 6.27
N GLY B 52 -24.36 -23.41 7.47
CA GLY B 52 -23.35 -23.37 8.52
C GLY B 52 -23.93 -22.68 9.74
N ASP B 53 -23.09 -22.34 10.74
CA ASP B 53 -23.54 -21.71 12.00
C ASP B 53 -23.40 -20.18 11.94
N SER B 54 -22.78 -19.68 10.88
CA SER B 54 -22.62 -18.28 10.56
C SER B 54 -22.76 -18.14 9.07
N TYR B 55 -23.50 -17.16 8.59
CA TYR B 55 -23.67 -17.01 7.15
C TYR B 55 -23.18 -15.63 6.75
N LEU B 56 -22.02 -15.61 6.10
CA LEU B 56 -21.34 -14.40 5.65
C LEU B 56 -21.28 -14.38 4.14
N VAL B 57 -21.89 -13.35 3.51
CA VAL B 57 -21.90 -13.17 2.06
C VAL B 57 -21.18 -11.86 1.71
N ASN B 58 -20.05 -11.95 1.05
CA ASN B 58 -19.28 -10.81 0.56
C ASN B 58 -19.75 -10.47 -0.86
N LYS B 59 -19.94 -9.17 -1.16
CA LYS B 59 -20.33 -8.64 -2.49
C LYS B 59 -21.55 -9.42 -3.06
N VAL B 60 -22.73 -9.22 -2.43
CA VAL B 60 -24.00 -9.85 -2.77
C VAL B 60 -24.40 -9.46 -4.19
N THR B 61 -24.55 -10.46 -5.07
CA THR B 61 -24.90 -10.25 -6.48
C THR B 61 -26.41 -10.49 -6.69
N GLU B 62 -27.03 -11.32 -5.81
CA GLU B 62 -28.47 -11.62 -5.85
C GLU B 62 -29.27 -10.43 -5.33
N ASN B 63 -30.50 -10.25 -5.84
CA ASN B 63 -31.37 -9.15 -5.44
C ASN B 63 -32.04 -9.42 -4.10
N LYS B 64 -32.03 -10.69 -3.65
CA LYS B 64 -32.63 -11.15 -2.42
C LYS B 64 -31.75 -12.25 -1.79
N ILE B 65 -31.43 -12.10 -0.50
CA ILE B 65 -30.69 -13.05 0.31
C ILE B 65 -31.51 -13.33 1.55
N SER B 66 -31.71 -14.61 1.85
CA SER B 66 -32.50 -15.06 2.99
C SER B 66 -31.70 -15.99 3.89
N CYS B 67 -31.94 -15.89 5.21
CA CYS B 67 -31.33 -16.75 6.21
C CYS B 67 -32.34 -17.02 7.33
N GLN B 68 -32.49 -18.29 7.75
CA GLN B 68 -33.46 -18.68 8.77
C GLN B 68 -32.92 -19.80 9.71
N THR B 69 -33.57 -19.94 10.87
CA THR B 69 -33.29 -20.99 11.87
C THR B 69 -34.32 -22.09 11.75
N GLY B 70 -34.24 -23.05 12.68
CA GLY B 70 -35.24 -24.11 12.84
C GLY B 70 -36.39 -23.57 13.66
N LYS B 71 -37.36 -24.44 14.00
CA LYS B 71 -38.55 -24.09 14.79
C LYS B 71 -38.24 -23.63 16.23
N GLU B 72 -37.04 -23.94 16.76
N GLU B 72 -37.05 -23.95 16.76
CA GLU B 72 -36.66 -23.63 18.14
CA GLU B 72 -36.64 -23.65 18.13
C GLU B 72 -35.75 -22.38 18.22
C GLU B 72 -35.75 -22.38 18.22
N GLY B 73 -35.72 -21.58 17.15
CA GLY B 73 -34.96 -20.32 17.09
C GLY B 73 -35.48 -19.31 18.08
N SER B 74 -34.56 -18.59 18.76
CA SER B 74 -34.93 -17.59 19.77
C SER B 74 -34.53 -16.15 19.34
N MSE B 75 -33.60 -16.03 18.38
CA MSE B 75 -33.10 -14.74 17.91
C MSE B 75 -32.26 -14.85 16.64
O MSE B 75 -31.52 -15.81 16.50
CB MSE B 75 -32.22 -14.13 19.02
CG MSE B 75 -31.89 -12.69 18.80
SE MSE B 75 -30.12 -12.29 19.41
CE MSE B 75 -29.06 -13.25 17.92
N MSE B 76 -32.31 -13.82 15.77
CA MSE B 76 -31.42 -13.71 14.61
C MSE B 76 -30.97 -12.25 14.42
O MSE B 76 -31.76 -11.34 14.61
CB MSE B 76 -32.05 -14.24 13.32
CG MSE B 76 -31.07 -14.12 12.15
SE MSE B 76 -31.60 -14.90 10.52
CE MSE B 76 -31.49 -16.71 11.04
N THR B 77 -29.68 -12.05 14.07
CA THR B 77 -29.09 -10.73 13.80
C THR B 77 -28.48 -10.72 12.39
N CYS B 78 -28.67 -9.59 11.70
CA CYS B 78 -28.11 -9.34 10.39
C CYS B 78 -27.33 -8.04 10.44
N ALA B 79 -26.03 -8.12 10.17
CA ALA B 79 -25.14 -6.97 10.09
C ALA B 79 -24.68 -6.81 8.67
N GLY B 80 -24.74 -5.59 8.15
CA GLY B 80 -24.31 -5.33 6.79
C GLY B 80 -23.47 -4.09 6.59
N SER B 81 -22.75 -4.07 5.46
CA SER B 81 -21.97 -2.90 5.04
C SER B 81 -22.21 -2.66 3.56
N VAL B 82 -22.25 -1.39 3.19
CA VAL B 82 -22.47 -0.89 1.84
C VAL B 82 -21.30 0.03 1.52
N ILE B 83 -20.54 -0.30 0.48
CA ILE B 83 -19.40 0.48 0.00
C ILE B 83 -19.64 0.74 -1.48
N SER B 84 -19.55 2.01 -1.91
N SER B 84 -19.38 1.97 -1.97
CA SER B 84 -19.73 2.37 -3.31
CA SER B 84 -19.60 2.30 -3.38
C SER B 84 -18.43 2.13 -4.07
C SER B 84 -18.29 2.19 -4.21
N THR B 85 -18.54 1.65 -5.32
N THR B 85 -17.25 3.01 -3.90
CA THR B 85 -17.41 1.31 -6.20
CA THR B 85 -15.94 3.11 -4.61
C THR B 85 -17.46 2.19 -7.49
C THR B 85 -16.18 3.76 -6.02
N SER B 86 -18.08 3.38 -7.39
N SER B 86 -17.43 3.73 -6.54
CA SER B 86 -18.25 4.31 -8.49
CA SER B 86 -17.83 4.36 -7.81
C SER B 86 -17.94 5.75 -8.07
C SER B 86 -17.52 5.84 -7.77
N GLU B 87 -17.13 6.43 -8.91
CA GLU B 87 -16.71 7.84 -8.86
C GLU B 87 -17.78 8.77 -9.47
N GLN B 88 -18.91 8.20 -9.90
CA GLN B 88 -20.03 8.95 -10.46
C GLN B 88 -21.10 9.17 -9.38
N ALA B 89 -21.54 10.42 -9.23
CA ALA B 89 -22.56 10.83 -8.26
C ALA B 89 -23.96 10.51 -8.76
N GLY B 90 -24.85 10.18 -7.83
CA GLY B 90 -26.24 9.87 -8.15
C GLY B 90 -26.60 8.41 -8.35
N LYS B 91 -25.61 7.49 -8.25
CA LYS B 91 -25.87 6.05 -8.37
C LYS B 91 -26.59 5.61 -7.08
N LYS B 92 -27.82 5.10 -7.19
CA LYS B 92 -28.64 4.75 -6.04
C LYS B 92 -28.65 3.24 -5.73
N LEU B 93 -28.72 2.90 -4.44
CA LEU B 93 -28.90 1.55 -3.92
C LEU B 93 -29.99 1.58 -2.87
N LYS B 94 -31.03 0.78 -3.08
CA LYS B 94 -32.15 0.67 -2.16
C LYS B 94 -32.00 -0.65 -1.41
N ILE B 95 -31.96 -0.58 -0.06
CA ILE B 95 -31.84 -1.76 0.80
C ILE B 95 -33.08 -1.89 1.67
N SER B 96 -33.65 -3.11 1.68
CA SER B 96 -34.75 -3.54 2.55
C SER B 96 -34.27 -4.73 3.42
N VAL B 97 -34.27 -4.55 4.76
CA VAL B 97 -33.91 -5.64 5.69
C VAL B 97 -35.18 -5.96 6.46
N ILE B 98 -35.80 -7.12 6.20
CA ILE B 98 -37.05 -7.48 6.87
C ILE B 98 -36.81 -8.72 7.72
N ALA B 99 -37.22 -8.63 9.00
CA ALA B 99 -37.09 -9.68 9.99
C ALA B 99 -38.45 -10.32 10.27
N TYR B 100 -38.47 -11.66 10.35
CA TYR B 100 -39.67 -12.46 10.57
C TYR B 100 -39.49 -13.48 11.69
N ILE B 101 -40.60 -13.86 12.33
CA ILE B 101 -40.70 -14.94 13.31
C ILE B 101 -41.93 -15.71 12.87
N ASP B 102 -41.72 -16.93 12.32
CA ASP B 102 -42.77 -17.81 11.76
C ASP B 102 -43.54 -17.06 10.65
N ASN B 103 -42.78 -16.44 9.74
CA ASN B 103 -43.19 -15.65 8.56
C ASN B 103 -44.11 -14.44 8.92
N LYS B 104 -44.10 -14.01 10.19
CA LYS B 104 -44.77 -12.80 10.70
C LYS B 104 -43.68 -11.73 10.84
N GLU B 105 -43.79 -10.61 10.09
CA GLU B 105 -42.84 -9.51 10.13
C GLU B 105 -42.81 -8.87 11.53
N VAL B 106 -41.59 -8.82 12.13
CA VAL B 106 -41.40 -8.30 13.48
C VAL B 106 -40.51 -7.05 13.45
N ASN B 107 -39.73 -6.87 12.38
CA ASN B 107 -38.85 -5.71 12.24
C ASN B 107 -38.56 -5.44 10.76
N ARG B 108 -38.20 -4.19 10.47
CA ARG B 108 -37.91 -3.73 9.11
C ARG B 108 -37.00 -2.50 9.12
N LEU B 109 -36.03 -2.49 8.22
CA LEU B 109 -35.15 -1.36 7.97
C LEU B 109 -35.14 -1.06 6.47
N GLU B 110 -35.47 0.19 6.12
CA GLU B 110 -35.46 0.70 4.76
C GLU B 110 -34.38 1.76 4.64
N LYS B 111 -33.41 1.52 3.76
CA LYS B 111 -32.30 2.43 3.50
C LYS B 111 -32.15 2.69 2.00
N GLU B 112 -31.77 3.91 1.65
CA GLU B 112 -31.52 4.32 0.27
C GLU B 112 -30.18 5.04 0.26
N TYR B 113 -29.19 4.48 -0.42
CA TYR B 113 -27.84 5.05 -0.49
C TYR B 113 -27.62 5.70 -1.85
N ILE B 114 -27.13 6.96 -1.85
CA ILE B 114 -26.87 7.72 -3.07
C ILE B 114 -25.40 8.20 -3.04
N THR B 115 -24.65 7.91 -4.11
CA THR B 115 -23.25 8.27 -4.25
C THR B 115 -23.13 9.78 -4.47
N LYS B 116 -22.03 10.37 -3.97
CA LYS B 116 -21.77 11.81 -4.05
C LYS B 116 -20.51 12.13 -4.85
N GLY B 117 -19.81 11.08 -5.33
CA GLY B 117 -18.56 11.19 -6.09
C GLY B 117 -17.40 10.60 -5.33
N SER B 118 -17.49 10.63 -3.99
CA SER B 118 -16.50 10.09 -3.05
C SER B 118 -16.92 8.69 -2.61
N THR B 119 -16.02 7.97 -1.92
CA THR B 119 -16.32 6.62 -1.43
C THR B 119 -17.36 6.70 -0.31
N LEU B 120 -18.46 5.95 -0.48
CA LEU B 120 -19.56 5.80 0.45
C LEU B 120 -19.32 4.55 1.28
N VAL B 121 -19.26 4.71 2.60
CA VAL B 121 -19.07 3.62 3.55
C VAL B 121 -20.19 3.73 4.56
N GLU B 122 -21.16 2.82 4.45
CA GLU B 122 -22.34 2.79 5.28
C GLU B 122 -22.51 1.42 5.94
N ASN B 123 -23.17 1.37 7.10
CA ASN B 123 -23.40 0.15 7.88
C ASN B 123 -24.81 0.07 8.41
N PHE B 124 -25.27 -1.17 8.67
CA PHE B 124 -26.57 -1.42 9.27
C PHE B 124 -26.52 -2.69 10.10
N SER B 125 -27.46 -2.80 11.05
CA SER B 125 -27.63 -3.95 11.92
C SER B 125 -29.11 -4.05 12.28
N VAL B 126 -29.74 -5.20 11.96
CA VAL B 126 -31.16 -5.47 12.22
C VAL B 126 -31.29 -6.85 12.87
N SER B 127 -32.17 -6.97 13.85
CA SER B 127 -32.42 -8.21 14.56
C SER B 127 -33.92 -8.50 14.64
N THR B 128 -34.30 -9.77 14.89
CA THR B 128 -35.71 -10.18 15.02
C THR B 128 -36.26 -9.84 16.41
N THR B 129 -35.39 -9.64 17.40
CA THR B 129 -35.74 -9.37 18.80
C THR B 129 -35.33 -7.93 19.28
N SER B 130 -35.13 -6.97 18.35
CA SER B 130 -34.81 -5.58 18.67
C SER B 130 -35.97 -4.96 19.41
N VAL B 131 -35.69 -4.31 20.56
CA VAL B 131 -36.73 -3.70 21.39
C VAL B 131 -36.97 -2.27 20.90
N GLU B 132 -38.26 -1.91 20.70
CA GLU B 132 -38.73 -0.61 20.19
C GLU B 132 -38.37 0.52 21.16
N THR C 9 -23.20 -35.09 25.73
CA THR C 9 -22.52 -34.26 24.72
C THR C 9 -21.00 -34.28 24.99
N THR C 10 -20.56 -34.76 26.18
CA THR C 10 -19.14 -34.83 26.54
C THR C 10 -18.52 -36.09 25.87
N GLY C 11 -17.39 -35.88 25.21
CA GLY C 11 -16.65 -36.91 24.51
C GLY C 11 -15.53 -36.35 23.65
N VAL C 12 -15.02 -37.16 22.72
CA VAL C 12 -13.98 -36.71 21.79
C VAL C 12 -14.67 -35.95 20.64
N HIS C 13 -14.59 -34.62 20.71
CA HIS C 13 -15.10 -33.71 19.69
C HIS C 13 -14.06 -33.59 18.59
N LYS C 14 -14.45 -33.86 17.34
CA LYS C 14 -13.55 -33.89 16.18
C LYS C 14 -14.21 -33.28 14.97
N ILE C 15 -13.45 -32.50 14.20
CA ILE C 15 -13.92 -31.92 12.95
C ILE C 15 -12.87 -32.24 11.87
N VAL C 16 -13.32 -32.85 10.77
CA VAL C 16 -12.49 -33.19 9.61
C VAL C 16 -12.90 -32.28 8.43
N VAL C 17 -11.91 -31.62 7.84
CA VAL C 17 -12.06 -30.75 6.68
C VAL C 17 -11.37 -31.43 5.52
N GLU C 18 -12.10 -31.63 4.42
CA GLU C 18 -11.57 -32.24 3.20
C GLU C 18 -11.74 -31.32 2.01
N GLN C 19 -10.74 -31.27 1.13
CA GLN C 19 -10.80 -30.47 -0.08
C GLN C 19 -10.40 -31.31 -1.30
N SER C 20 -11.02 -31.03 -2.44
CA SER C 20 -10.71 -31.68 -3.72
C SER C 20 -11.00 -30.70 -4.85
N GLY C 21 -10.48 -31.02 -6.03
CA GLY C 21 -10.62 -30.20 -7.23
C GLY C 21 -9.35 -29.46 -7.55
N ASN C 22 -9.49 -28.20 -7.98
CA ASN C 22 -8.40 -27.31 -8.33
C ASN C 22 -7.86 -26.64 -7.06
N THR C 23 -7.36 -27.47 -6.13
CA THR C 23 -6.85 -27.06 -4.81
C THR C 23 -5.67 -26.06 -4.92
N ASP C 24 -4.95 -26.05 -6.05
CA ASP C 24 -3.81 -25.16 -6.30
C ASP C 24 -4.26 -23.69 -6.53
N ASP C 25 -5.40 -23.50 -7.20
CA ASP C 25 -5.96 -22.22 -7.61
C ASP C 25 -6.86 -21.58 -6.50
N PHE C 26 -6.71 -22.04 -5.25
CA PHE C 26 -7.45 -21.57 -4.08
C PHE C 26 -6.59 -21.53 -2.85
N ASP C 27 -6.98 -20.69 -1.90
CA ASP C 27 -6.39 -20.63 -0.58
C ASP C 27 -7.47 -21.00 0.43
N LEU C 28 -7.26 -22.11 1.15
CA LEU C 28 -8.14 -22.59 2.21
C LEU C 28 -7.49 -22.31 3.54
N ASN C 29 -8.15 -21.49 4.35
CA ASN C 29 -7.68 -21.08 5.67
C ASN C 29 -8.70 -21.58 6.68
N ILE C 30 -8.26 -22.40 7.64
CA ILE C 30 -9.20 -22.94 8.60
C ILE C 30 -8.66 -22.70 10.02
N ALA C 31 -9.57 -22.47 10.93
CA ALA C 31 -9.28 -22.25 12.34
C ALA C 31 -10.19 -23.11 13.19
N PHE C 32 -9.60 -23.81 14.16
CA PHE C 32 -10.30 -24.69 15.10
C PHE C 32 -10.14 -24.18 16.52
N GLY C 33 -11.22 -24.30 17.27
CA GLY C 33 -11.30 -23.93 18.68
C GLY C 33 -12.21 -24.88 19.39
N ALA C 34 -11.88 -25.22 20.65
CA ALA C 34 -12.68 -26.16 21.40
C ALA C 34 -12.75 -25.83 22.89
N ALA C 35 -13.78 -26.41 23.54
CA ALA C 35 -14.07 -26.28 24.97
C ALA C 35 -14.09 -27.64 25.62
N ASN C 36 -13.60 -27.68 26.85
CA ASN C 36 -13.51 -28.86 27.67
C ASN C 36 -14.36 -28.64 28.91
N THR C 37 -14.71 -29.72 29.63
CA THR C 37 -15.51 -29.59 30.86
C THR C 37 -14.68 -28.86 31.95
N GLY C 38 -13.35 -28.98 31.88
CA GLY C 38 -12.40 -28.34 32.79
C GLY C 38 -12.00 -26.91 32.44
N GLY C 39 -12.05 -26.57 31.16
CA GLY C 39 -11.67 -25.24 30.68
C GLY C 39 -11.30 -25.22 29.21
N VAL C 40 -10.13 -24.63 28.87
CA VAL C 40 -9.66 -24.56 27.47
C VAL C 40 -9.12 -25.94 27.10
N ALA C 41 -9.62 -26.50 26.00
CA ALA C 41 -9.27 -27.83 25.55
C ALA C 41 -7.97 -27.85 24.74
N LYS C 42 -7.15 -28.88 25.00
CA LYS C 42 -5.95 -29.18 24.23
C LYS C 42 -6.38 -29.73 22.87
N LEU C 43 -5.71 -29.35 21.77
CA LEU C 43 -6.12 -29.82 20.45
C LEU C 43 -5.09 -30.82 19.91
N TYR C 44 -5.58 -31.92 19.29
CA TYR C 44 -4.75 -33.01 18.78
C TYR C 44 -5.07 -33.36 17.35
N ASN C 45 -4.11 -33.98 16.64
CA ASN C 45 -4.31 -34.51 15.29
C ASN C 45 -4.81 -35.95 15.41
N GLU C 46 -4.90 -36.69 14.29
CA GLU C 46 -5.39 -38.07 14.37
C GLU C 46 -4.40 -39.00 15.11
N ASN C 47 -3.08 -38.68 15.15
CA ASN C 47 -2.12 -39.53 15.87
C ASN C 47 -1.85 -39.01 17.30
N GLY C 48 -2.82 -38.30 17.90
CA GLY C 48 -2.76 -37.80 19.27
C GLY C 48 -1.62 -36.86 19.59
N GLU C 49 -1.11 -36.17 18.57
CA GLU C 49 -0.04 -35.17 18.74
C GLU C 49 -0.68 -33.83 19.05
N TYR C 50 -0.23 -33.19 20.13
CA TYR C 50 -0.71 -31.91 20.64
C TYR C 50 -0.38 -30.79 19.65
N LEU C 51 -1.40 -30.01 19.28
CA LEU C 51 -1.33 -28.92 18.30
C LEU C 51 -1.29 -27.52 18.94
N GLY C 52 -1.68 -27.44 20.20
CA GLY C 52 -1.81 -26.21 20.95
C GLY C 52 -3.27 -26.06 21.36
N ASP C 53 -3.67 -24.89 21.88
CA ASP C 53 -5.04 -24.65 22.36
C ASP C 53 -5.92 -23.98 21.28
N SER C 54 -5.33 -23.59 20.18
CA SER C 54 -5.97 -23.07 18.98
C SER C 54 -5.25 -23.66 17.79
N TYR C 55 -5.97 -24.13 16.78
CA TYR C 55 -5.29 -24.71 15.63
C TYR C 55 -5.71 -23.93 14.39
N LEU C 56 -4.77 -23.14 13.87
CA LEU C 56 -4.94 -22.27 12.71
C LEU C 56 -4.03 -22.75 11.59
N VAL C 57 -4.62 -23.13 10.45
CA VAL C 57 -3.88 -23.59 9.27
C VAL C 57 -4.16 -22.62 8.12
N ASN C 58 -3.15 -21.85 7.71
CA ASN C 58 -3.30 -20.96 6.55
C ASN C 58 -2.83 -21.71 5.32
N LYS C 59 -3.56 -21.54 4.20
CA LYS C 59 -3.26 -22.14 2.89
C LYS C 59 -3.01 -23.64 3.04
N VAL C 60 -4.04 -24.38 3.49
CA VAL C 60 -4.05 -25.83 3.67
C VAL C 60 -3.65 -26.51 2.35
N THR C 61 -2.56 -27.29 2.38
CA THR C 61 -2.05 -28.00 1.19
C THR C 61 -2.50 -29.45 1.21
N GLU C 62 -2.78 -30.00 2.41
CA GLU C 62 -3.27 -31.37 2.62
C GLU C 62 -4.73 -31.48 2.16
N ASN C 63 -5.13 -32.65 1.67
CA ASN C 63 -6.49 -32.90 1.18
C ASN C 63 -7.44 -33.17 2.34
N LYS C 64 -6.89 -33.48 3.52
CA LYS C 64 -7.66 -33.78 4.72
C LYS C 64 -6.92 -33.18 5.94
N ILE C 65 -7.67 -32.43 6.75
CA ILE C 65 -7.19 -31.82 7.99
C ILE C 65 -8.15 -32.25 9.06
N SER C 66 -7.61 -32.74 10.17
CA SER C 66 -8.37 -33.20 11.31
C SER C 66 -7.91 -32.51 12.59
N CYS C 67 -8.85 -32.22 13.47
CA CYS C 67 -8.60 -31.63 14.78
C CYS C 67 -9.57 -32.24 15.79
N GLN C 68 -9.07 -32.66 16.97
CA GLN C 68 -9.90 -33.30 18.00
C GLN C 68 -9.44 -32.92 19.42
N THR C 69 -10.35 -33.10 20.39
CA THR C 69 -10.11 -32.89 21.82
C THR C 69 -9.84 -34.23 22.50
N GLY C 70 -9.71 -34.19 23.82
CA GLY C 70 -9.59 -35.38 24.66
C GLY C 70 -10.98 -35.89 24.95
N LYS C 71 -11.10 -36.93 25.80
CA LYS C 71 -12.37 -37.56 26.21
C LYS C 71 -13.34 -36.58 26.91
N GLU C 72 -12.82 -35.46 27.49
CA GLU C 72 -13.61 -34.52 28.27
C GLU C 72 -14.02 -33.26 27.47
N GLY C 73 -13.97 -33.36 26.14
CA GLY C 73 -14.37 -32.30 25.23
C GLY C 73 -15.86 -32.05 25.30
N SER C 74 -16.28 -30.77 25.28
CA SER C 74 -17.68 -30.38 25.37
C SER C 74 -18.18 -29.69 24.09
N MSE C 75 -17.25 -29.18 23.26
CA MSE C 75 -17.58 -28.46 22.02
C MSE C 75 -16.37 -28.22 21.14
O MSE C 75 -15.28 -28.00 21.67
CB MSE C 75 -18.18 -27.10 22.39
CG MSE C 75 -18.81 -26.38 21.25
SE MSE C 75 -18.51 -24.50 21.35
CE MSE C 75 -16.59 -24.44 20.89
N MSE C 76 -16.55 -28.20 19.81
CA MSE C 76 -15.52 -27.81 18.85
C MSE C 76 -16.14 -26.99 17.72
O MSE C 76 -17.23 -27.32 17.24
CB MSE C 76 -14.74 -28.99 18.30
CG MSE C 76 -13.64 -28.51 17.33
SE MSE C 76 -12.44 -29.81 16.66
CE MSE C 76 -11.52 -30.10 18.28
N THR C 77 -15.45 -25.94 17.28
CA THR C 77 -15.87 -25.07 16.18
C THR C 77 -14.78 -25.01 15.13
N CYS C 78 -15.20 -25.02 13.87
CA CYS C 78 -14.31 -24.88 12.74
C CYS C 78 -14.80 -23.74 11.88
N ALA C 79 -13.98 -22.70 11.75
CA ALA C 79 -14.25 -21.56 10.89
C ALA C 79 -13.26 -21.57 9.76
N GLY C 80 -13.77 -21.36 8.55
CA GLY C 80 -12.89 -21.36 7.39
C GLY C 80 -13.16 -20.26 6.40
N SER C 81 -12.17 -19.98 5.56
CA SER C 81 -12.27 -19.04 4.46
C SER C 81 -11.66 -19.66 3.21
N VAL C 82 -12.29 -19.39 2.08
CA VAL C 82 -11.90 -19.85 0.75
C VAL C 82 -11.70 -18.60 -0.10
N ILE C 83 -10.48 -18.39 -0.60
CA ILE C 83 -10.10 -17.23 -1.39
C ILE C 83 -9.42 -17.77 -2.66
N SER C 84 -9.90 -17.33 -3.82
N SER C 84 -9.80 -17.25 -3.84
CA SER C 84 -9.39 -17.79 -5.11
CA SER C 84 -9.27 -17.74 -5.11
C SER C 84 -8.24 -16.91 -5.55
C SER C 84 -8.08 -16.91 -5.63
N THR C 85 -7.19 -17.59 -6.04
N THR C 85 -8.27 -15.57 -5.86
CA THR C 85 -5.93 -17.00 -6.50
CA THR C 85 -7.29 -14.59 -6.40
C THR C 85 -5.80 -17.24 -8.03
C THR C 85 -7.02 -14.92 -7.91
N SER C 86 -6.94 -17.11 -8.76
N SER C 86 -7.29 -16.17 -8.35
CA SER C 86 -6.97 -17.35 -10.21
CA SER C 86 -7.15 -16.70 -9.72
C SER C 86 -7.91 -16.39 -10.94
C SER C 86 -7.90 -15.83 -10.72
N GLU C 87 -7.38 -15.71 -11.97
CA GLU C 87 -8.06 -14.84 -12.92
C GLU C 87 -8.80 -15.66 -14.00
N GLN C 88 -8.73 -17.01 -13.91
CA GLN C 88 -9.40 -17.92 -14.83
C GLN C 88 -10.72 -18.40 -14.22
N ALA C 89 -11.81 -18.28 -14.98
CA ALA C 89 -13.15 -18.72 -14.57
C ALA C 89 -13.31 -20.23 -14.74
N GLY C 90 -14.11 -20.84 -13.86
CA GLY C 90 -14.39 -22.28 -13.92
C GLY C 90 -13.54 -23.19 -13.06
N LYS C 91 -12.58 -22.64 -12.27
CA LYS C 91 -11.78 -23.48 -11.38
C LYS C 91 -12.67 -23.81 -10.16
N LYS C 92 -12.70 -25.08 -9.76
CA LYS C 92 -13.59 -25.55 -8.69
C LYS C 92 -12.85 -26.09 -7.46
N LEU C 93 -13.45 -25.86 -6.30
CA LEU C 93 -13.00 -26.37 -5.01
C LEU C 93 -14.19 -27.01 -4.30
N LYS C 94 -14.06 -28.29 -3.94
CA LYS C 94 -15.09 -29.05 -3.21
C LYS C 94 -14.63 -29.17 -1.78
N ILE C 95 -15.47 -28.72 -0.84
CA ILE C 95 -15.18 -28.73 0.59
C ILE C 95 -16.22 -29.59 1.33
N SER C 96 -15.72 -30.48 2.21
CA SER C 96 -16.46 -31.35 3.13
C SER C 96 -16.07 -31.01 4.55
N VAL C 97 -17.00 -30.57 5.42
CA VAL C 97 -16.69 -30.28 6.84
C VAL C 97 -17.56 -31.21 7.66
N ILE C 98 -16.98 -32.26 8.26
CA ILE C 98 -17.76 -33.23 9.03
C ILE C 98 -17.34 -33.15 10.50
N ALA C 99 -18.34 -33.04 11.39
CA ALA C 99 -18.19 -32.96 12.84
C ALA C 99 -18.60 -34.26 13.52
N TYR C 100 -17.79 -34.72 14.48
CA TYR C 100 -18.00 -35.96 15.22
C TYR C 100 -17.92 -35.78 16.72
N ILE C 101 -18.61 -36.64 17.47
CA ILE C 101 -18.53 -36.77 18.93
C ILE C 101 -18.38 -38.27 19.15
N ASP C 102 -17.17 -38.70 19.59
CA ASP C 102 -16.79 -40.10 19.81
C ASP C 102 -17.04 -40.93 18.51
N ASN C 103 -16.53 -40.41 17.37
CA ASN C 103 -16.54 -41.00 16.01
C ASN C 103 -17.98 -41.23 15.48
N LYS C 104 -18.96 -40.51 16.05
CA LYS C 104 -20.36 -40.51 15.61
C LYS C 104 -20.63 -39.14 15.00
N GLU C 105 -20.96 -39.09 13.68
CA GLU C 105 -21.21 -37.85 12.95
C GLU C 105 -22.42 -37.12 13.54
N VAL C 106 -22.21 -35.85 13.92
CA VAL C 106 -23.23 -35.02 14.55
C VAL C 106 -23.57 -33.81 13.65
N ASN C 107 -22.68 -33.43 12.73
CA ASN C 107 -22.91 -32.31 11.83
C ASN C 107 -22.09 -32.47 10.54
N ARG C 108 -22.54 -31.81 9.45
CA ARG C 108 -21.90 -31.87 8.13
C ARG C 108 -22.25 -30.66 7.29
N LEU C 109 -21.25 -30.16 6.56
CA LEU C 109 -21.41 -29.08 5.59
C LEU C 109 -20.68 -29.46 4.30
N GLU C 110 -21.41 -29.43 3.19
CA GLU C 110 -20.89 -29.72 1.86
C GLU C 110 -20.97 -28.45 1.00
N LYS C 111 -19.82 -27.96 0.50
CA LYS C 111 -19.76 -26.75 -0.33
C LYS C 111 -18.91 -26.98 -1.59
N GLU C 112 -19.27 -26.29 -2.68
CA GLU C 112 -18.53 -26.30 -3.95
C GLU C 112 -18.38 -24.85 -4.42
N TYR C 113 -17.13 -24.42 -4.63
CA TYR C 113 -16.79 -23.04 -5.02
C TYR C 113 -16.29 -23.03 -6.45
N ILE C 114 -16.78 -22.09 -7.27
CA ILE C 114 -16.40 -21.98 -8.69
C ILE C 114 -16.00 -20.52 -8.98
N THR C 115 -14.80 -20.31 -9.56
CA THR C 115 -14.28 -18.98 -9.90
C THR C 115 -15.04 -18.40 -11.10
N LYS C 116 -15.18 -17.05 -11.12
CA LYS C 116 -15.92 -16.32 -12.16
C LYS C 116 -15.01 -15.35 -12.93
N GLY C 117 -13.73 -15.28 -12.55
CA GLY C 117 -12.76 -14.38 -13.17
C GLY C 117 -12.27 -13.35 -12.18
N SER C 118 -13.14 -12.99 -11.22
CA SER C 118 -12.86 -12.04 -10.13
C SER C 118 -12.46 -12.81 -8.87
N THR C 119 -12.00 -12.09 -7.85
CA THR C 119 -11.59 -12.67 -6.57
C THR C 119 -12.83 -13.22 -5.86
N LEU C 120 -12.74 -14.51 -5.47
CA LEU C 120 -13.78 -15.24 -4.73
C LEU C 120 -13.40 -15.22 -3.25
N VAL C 121 -14.29 -14.68 -2.41
CA VAL C 121 -14.08 -14.62 -0.97
C VAL C 121 -15.32 -15.25 -0.34
N GLU C 122 -15.16 -16.48 0.17
CA GLU C 122 -16.22 -17.26 0.78
C GLU C 122 -15.84 -17.69 2.18
N ASN C 123 -16.84 -17.91 3.05
CA ASN C 123 -16.63 -18.30 4.44
C ASN C 123 -17.56 -19.41 4.87
N PHE C 124 -17.17 -20.15 5.92
CA PHE C 124 -17.99 -21.19 6.51
C PHE C 124 -17.66 -21.31 7.98
N SER C 125 -18.63 -21.83 8.75
CA SER C 125 -18.49 -22.08 10.19
C SER C 125 -19.36 -23.28 10.55
N VAL C 126 -18.73 -24.32 11.12
CA VAL C 126 -19.37 -25.60 11.48
C VAL C 126 -18.93 -25.98 12.90
N SER C 127 -19.88 -26.46 13.70
CA SER C 127 -19.61 -26.85 15.09
C SER C 127 -20.15 -28.27 15.37
N THR C 128 -19.67 -28.90 16.45
CA THR C 128 -20.15 -30.21 16.88
C THR C 128 -21.45 -30.07 17.68
N THR C 129 -21.73 -28.88 18.24
CA THR C 129 -22.88 -28.64 19.14
C THR C 129 -23.95 -27.66 18.55
N SER C 130 -24.01 -27.52 17.22
CA SER C 130 -25.02 -26.67 16.59
C SER C 130 -26.38 -27.28 16.78
N VAL C 131 -27.37 -26.49 17.23
CA VAL C 131 -28.74 -26.94 17.48
C VAL C 131 -29.53 -26.79 16.18
N GLU C 132 -30.40 -27.77 15.84
CA GLU C 132 -31.22 -27.78 14.61
C GLU C 132 -32.24 -26.62 14.60
N THR D 10 -2.66 -23.20 41.83
CA THR D 10 -2.15 -21.91 42.30
C THR D 10 -0.67 -22.05 42.67
N GLY D 11 0.14 -21.24 41.99
CA GLY D 11 1.58 -21.18 42.17
C GLY D 11 2.21 -20.28 41.13
N VAL D 12 3.53 -20.42 40.97
CA VAL D 12 4.27 -19.65 39.98
C VAL D 12 4.07 -20.32 38.64
N HIS D 13 3.16 -19.72 37.84
CA HIS D 13 2.84 -20.09 36.45
C HIS D 13 3.90 -19.46 35.58
N LYS D 14 4.58 -20.28 34.77
CA LYS D 14 5.70 -19.85 33.92
C LYS D 14 5.63 -20.53 32.56
N ILE D 15 5.92 -19.77 31.50
CA ILE D 15 6.00 -20.30 30.15
C ILE D 15 7.34 -19.85 29.56
N VAL D 16 8.13 -20.81 29.07
CA VAL D 16 9.40 -20.57 28.41
C VAL D 16 9.25 -20.89 26.91
N VAL D 17 9.66 -19.95 26.07
CA VAL D 17 9.66 -20.09 24.61
C VAL D 17 11.12 -20.15 24.18
N GLU D 18 11.48 -21.19 23.41
CA GLU D 18 12.84 -21.36 22.88
C GLU D 18 12.79 -21.51 21.36
N GLN D 19 13.76 -20.91 20.67
CA GLN D 19 13.86 -20.98 19.20
C GLN D 19 15.28 -21.35 18.79
N SER D 20 15.40 -22.10 17.70
CA SER D 20 16.69 -22.50 17.14
C SER D 20 16.53 -22.69 15.63
N GLY D 21 17.66 -22.74 14.93
CA GLY D 21 17.71 -22.91 13.48
C GLY D 21 18.05 -21.61 12.78
N ASN D 22 17.43 -21.39 11.61
CA ASN D 22 17.63 -20.17 10.83
C ASN D 22 16.73 -19.07 11.40
N THR D 23 17.04 -18.62 12.66
CA THR D 23 16.27 -17.62 13.42
C THR D 23 16.29 -16.22 12.75
N ASP D 24 17.28 -15.94 11.90
CA ASP D 24 17.40 -14.68 11.17
C ASP D 24 16.39 -14.59 10.02
N ASP D 25 15.92 -15.76 9.53
CA ASP D 25 15.03 -15.86 8.38
C ASP D 25 13.53 -15.97 8.81
N PHE D 26 13.21 -15.70 10.09
CA PHE D 26 11.85 -15.71 10.62
C PHE D 26 11.62 -14.59 11.56
N ASP D 27 10.35 -14.22 11.76
CA ASP D 27 9.87 -13.27 12.77
C ASP D 27 9.03 -14.02 13.77
N LEU D 28 9.45 -14.07 15.03
CA LEU D 28 8.73 -14.71 16.11
C LEU D 28 8.11 -13.62 16.99
N ASN D 29 6.78 -13.61 17.09
CA ASN D 29 6.02 -12.65 17.88
C ASN D 29 5.29 -13.43 18.93
N ILE D 30 5.51 -13.09 20.20
CA ILE D 30 4.88 -13.87 21.28
C ILE D 30 4.21 -12.87 22.24
N ALA D 31 3.07 -13.29 22.76
CA ALA D 31 2.29 -12.52 23.71
C ALA D 31 1.94 -13.41 24.91
N PHE D 32 2.19 -12.90 26.12
CA PHE D 32 1.89 -13.58 27.38
C PHE D 32 0.86 -12.81 28.18
N GLY D 33 0.00 -13.57 28.82
CA GLY D 33 -1.08 -13.07 29.67
C GLY D 33 -1.29 -14.05 30.79
N ALA D 34 -1.62 -13.54 31.98
CA ALA D 34 -1.84 -14.40 33.13
C ALA D 34 -2.88 -13.85 34.07
N ALA D 35 -3.33 -14.72 34.98
CA ALA D 35 -4.32 -14.43 36.00
C ALA D 35 -3.85 -14.92 37.38
N ASN D 36 -4.12 -14.11 38.42
CA ASN D 36 -3.85 -14.43 39.83
C ASN D 36 -5.18 -14.69 40.52
N THR D 37 -5.15 -15.28 41.72
CA THR D 37 -6.34 -15.57 42.51
C THR D 37 -7.05 -14.23 42.89
N GLY D 38 -6.29 -13.14 42.94
CA GLY D 38 -6.80 -11.80 43.23
C GLY D 38 -7.34 -11.01 42.04
N GLY D 39 -6.81 -11.30 40.84
CA GLY D 39 -7.21 -10.63 39.60
C GLY D 39 -6.17 -10.71 38.51
N VAL D 40 -5.82 -9.55 37.89
CA VAL D 40 -4.82 -9.46 36.81
C VAL D 40 -3.43 -9.66 37.42
N ALA D 41 -2.65 -10.58 36.86
CA ALA D 41 -1.36 -10.97 37.38
C ALA D 41 -0.22 -10.09 36.87
N LYS D 42 0.68 -9.72 37.79
CA LYS D 42 1.92 -9.04 37.44
C LYS D 42 2.84 -10.04 36.75
N LEU D 43 3.55 -9.64 35.71
CA LEU D 43 4.43 -10.59 35.00
C LEU D 43 5.88 -10.24 35.25
N TYR D 44 6.72 -11.27 35.37
CA TYR D 44 8.14 -11.16 35.69
C TYR D 44 9.01 -11.99 34.79
N ASN D 45 10.25 -11.55 34.55
CA ASN D 45 11.25 -12.33 33.80
C ASN D 45 11.96 -13.29 34.77
N GLU D 46 12.99 -14.07 34.30
CA GLU D 46 13.68 -15.03 35.17
CA GLU D 46 13.75 -15.02 35.12
C GLU D 46 14.41 -14.33 36.31
N ASN D 47 14.84 -13.06 36.11
CA ASN D 47 15.53 -12.25 37.13
C ASN D 47 14.55 -11.58 38.12
N GLY D 48 13.26 -11.90 38.00
CA GLY D 48 12.21 -11.38 38.87
C GLY D 48 11.84 -9.92 38.66
N GLU D 49 12.22 -9.36 37.50
CA GLU D 49 11.94 -7.98 37.12
C GLU D 49 10.52 -7.88 36.57
N TYR D 50 9.75 -6.89 37.04
CA TYR D 50 8.36 -6.64 36.60
C TYR D 50 8.35 -6.17 35.14
N LEU D 51 7.55 -6.85 34.32
CA LEU D 51 7.43 -6.59 32.87
C LEU D 51 6.17 -5.81 32.50
N GLY D 52 5.21 -5.79 33.41
CA GLY D 52 3.88 -5.22 33.23
C GLY D 52 2.86 -6.32 33.39
N ASP D 53 1.59 -6.02 33.03
CA ASP D 53 0.50 -6.98 33.20
C ASP D 53 0.21 -7.77 31.91
N SER D 54 0.91 -7.41 30.84
CA SER D 54 0.89 -8.08 29.53
C SER D 54 2.29 -8.04 29.00
N TYR D 55 2.80 -9.14 28.45
CA TYR D 55 4.16 -9.14 27.93
C TYR D 55 4.12 -9.54 26.47
N LEU D 56 4.35 -8.56 25.61
CA LEU D 56 4.32 -8.67 24.16
C LEU D 56 5.70 -8.42 23.60
N VAL D 57 6.26 -9.43 22.93
CA VAL D 57 7.58 -9.39 22.31
C VAL D 57 7.44 -9.54 20.78
N ASN D 58 7.68 -8.45 20.04
CA ASN D 58 7.70 -8.53 18.58
C ASN D 58 9.10 -8.83 18.12
N LYS D 59 9.24 -9.72 17.13
CA LYS D 59 10.50 -10.12 16.49
C LYS D 59 11.56 -10.47 17.56
N VAL D 60 11.28 -11.54 18.34
CA VAL D 60 12.13 -12.10 19.39
C VAL D 60 13.51 -12.43 18.81
N THR D 61 14.57 -11.81 19.36
CA THR D 61 15.94 -12.01 18.89
C THR D 61 16.67 -13.02 19.81
N GLU D 62 16.24 -13.12 21.08
CA GLU D 62 16.79 -14.04 22.07
C GLU D 62 16.36 -15.48 21.74
N ASN D 63 17.21 -16.46 22.08
CA ASN D 63 16.93 -17.88 21.81
C ASN D 63 15.99 -18.45 22.87
N LYS D 64 15.83 -17.75 24.00
CA LYS D 64 14.97 -18.16 25.11
C LYS D 64 14.29 -16.92 25.71
N ILE D 65 12.97 -16.98 25.84
CA ILE D 65 12.13 -15.94 26.45
C ILE D 65 11.31 -16.62 27.52
N SER D 66 11.28 -16.01 28.69
CA SER D 66 10.54 -16.54 29.81
C SER D 66 9.64 -15.48 30.41
N CYS D 67 8.48 -15.91 30.90
CA CYS D 67 7.50 -15.06 31.56
C CYS D 67 6.85 -15.86 32.71
N GLN D 68 6.72 -15.26 33.90
CA GLN D 68 6.16 -15.91 35.07
C GLN D 68 5.34 -14.96 35.94
N THR D 69 4.48 -15.53 36.81
CA THR D 69 3.66 -14.82 37.79
C THR D 69 4.30 -14.92 39.17
N GLY D 70 3.60 -14.41 40.16
CA GLY D 70 3.95 -14.52 41.57
C GLY D 70 3.40 -15.85 42.07
N LYS D 71 3.54 -16.12 43.39
CA LYS D 71 3.11 -17.36 44.03
C LYS D 71 1.56 -17.57 44.00
N GLU D 72 0.77 -16.50 43.72
CA GLU D 72 -0.69 -16.58 43.70
C GLU D 72 -1.27 -16.71 42.27
N GLY D 73 -0.41 -17.07 41.29
CA GLY D 73 -0.83 -17.25 39.90
C GLY D 73 -1.76 -18.42 39.74
N SER D 74 -2.81 -18.27 38.92
CA SER D 74 -3.82 -19.30 38.70
C SER D 74 -3.82 -19.82 37.24
N MSE D 75 -3.24 -19.04 36.30
CA MSE D 75 -3.21 -19.39 34.88
C MSE D 75 -2.28 -18.50 34.08
O MSE D 75 -2.18 -17.31 34.38
CB MSE D 75 -4.62 -19.25 34.30
CG MSE D 75 -4.78 -19.87 32.94
SE MSE D 75 -5.99 -18.83 31.81
CE MSE D 75 -4.75 -17.19 31.52
N MSE D 76 -1.64 -19.05 33.04
CA MSE D 76 -0.83 -18.28 32.08
C MSE D 76 -1.04 -18.81 30.67
O MSE D 76 -1.12 -20.01 30.46
CB MSE D 76 0.67 -18.25 32.42
CG MSE D 76 1.44 -17.39 31.42
SE MSE D 76 3.27 -17.07 31.77
CE MSE D 76 3.07 -15.94 33.23
N THR D 77 -1.14 -17.89 29.69
CA THR D 77 -1.32 -18.22 28.27
C THR D 77 -0.23 -17.55 27.46
N CYS D 78 0.29 -18.30 26.49
CA CYS D 78 1.27 -17.80 25.54
C CYS D 78 0.75 -18.02 24.14
N ALA D 79 0.56 -16.92 23.41
CA ALA D 79 0.14 -16.94 22.01
C ALA D 79 1.26 -16.45 21.17
N GLY D 80 1.56 -17.16 20.09
CA GLY D 80 2.64 -16.77 19.20
C GLY D 80 2.35 -16.84 17.73
N SER D 81 3.14 -16.12 16.95
CA SER D 81 3.06 -16.15 15.49
C SER D 81 4.46 -16.24 14.93
N VAL D 82 4.59 -16.99 13.86
CA VAL D 82 5.83 -17.22 13.12
C VAL D 82 5.56 -16.80 11.67
N ILE D 83 6.33 -15.82 11.18
CA ILE D 83 6.23 -15.31 9.81
C ILE D 83 7.64 -15.40 9.21
N SER D 84 7.74 -15.99 8.01
N SER D 84 7.75 -15.80 7.93
CA SER D 84 9.00 -16.12 7.29
CA SER D 84 9.07 -15.90 7.28
C SER D 84 9.27 -14.87 6.49
C SER D 84 9.38 -14.68 6.36
N THR D 85 10.52 -14.42 6.54
N THR D 85 8.59 -14.48 5.27
CA THR D 85 11.00 -13.20 5.88
CA THR D 85 8.74 -13.46 4.21
C THR D 85 11.99 -13.57 4.75
C THR D 85 9.99 -13.82 3.34
N SER D 86 11.89 -14.81 4.21
N SER D 86 10.89 -14.71 3.83
CA SER D 86 12.80 -15.28 3.16
CA SER D 86 12.11 -15.18 3.14
C SER D 86 12.08 -15.96 2.00
C SER D 86 11.75 -15.86 1.82
N GLU D 87 12.61 -15.73 0.78
CA GLU D 87 12.27 -16.29 -0.52
C GLU D 87 12.96 -17.62 -0.76
N GLN D 88 13.95 -17.96 0.08
CA GLN D 88 14.65 -19.23 -0.04
C GLN D 88 13.88 -20.30 0.71
N ALA D 89 13.66 -21.43 0.01
CA ALA D 89 12.96 -22.60 0.51
C ALA D 89 13.89 -23.52 1.29
N GLY D 90 13.38 -24.08 2.37
CA GLY D 90 14.15 -25.00 3.20
C GLY D 90 14.75 -24.42 4.46
N LYS D 91 14.47 -23.12 4.78
CA LYS D 91 14.94 -22.50 6.01
C LYS D 91 14.06 -23.02 7.14
N LYS D 92 14.67 -23.48 8.25
CA LYS D 92 13.89 -24.09 9.33
C LYS D 92 14.02 -23.34 10.65
N LEU D 93 12.89 -23.30 11.37
CA LEU D 93 12.78 -22.75 12.72
C LEU D 93 12.19 -23.81 13.63
N LYS D 94 12.89 -24.11 14.72
CA LYS D 94 12.46 -25.04 15.76
C LYS D 94 11.98 -24.23 16.95
N ILE D 95 10.73 -24.45 17.37
CA ILE D 95 10.10 -23.76 18.49
C ILE D 95 9.72 -24.77 19.58
N SER D 96 10.04 -24.46 20.83
CA SER D 96 9.57 -25.25 21.97
C SER D 96 8.91 -24.29 22.97
N VAL D 97 7.69 -24.60 23.36
CA VAL D 97 6.91 -23.80 24.32
C VAL D 97 6.66 -24.71 25.50
N ILE D 98 7.31 -24.45 26.64
CA ILE D 98 7.15 -25.32 27.82
C ILE D 98 6.49 -24.50 28.92
N ALA D 99 5.40 -25.05 29.50
CA ALA D 99 4.62 -24.45 30.58
C ALA D 99 4.90 -25.16 31.91
N TYR D 100 5.06 -24.37 32.98
CA TYR D 100 5.38 -24.84 34.33
C TYR D 100 4.46 -24.24 35.37
N ILE D 101 4.30 -24.96 36.49
CA ILE D 101 3.61 -24.52 37.70
C ILE D 101 4.56 -24.92 38.82
N ASP D 102 5.24 -23.93 39.42
CA ASP D 102 6.25 -24.08 40.49
C ASP D 102 7.38 -25.02 40.01
N ASN D 103 7.94 -24.74 38.81
CA ASN D 103 9.05 -25.42 38.14
C ASN D 103 8.75 -26.93 37.84
N LYS D 104 7.46 -27.28 37.79
CA LYS D 104 6.99 -28.61 37.40
C LYS D 104 6.29 -28.46 36.06
N GLU D 105 6.82 -29.12 35.01
CA GLU D 105 6.28 -29.05 33.66
C GLU D 105 4.86 -29.62 33.61
N VAL D 106 3.91 -28.81 33.11
CA VAL D 106 2.50 -29.17 33.05
C VAL D 106 2.03 -29.24 31.58
N ASN D 107 2.74 -28.57 30.67
CA ASN D 107 2.39 -28.59 29.25
C ASN D 107 3.62 -28.30 28.38
N ARG D 108 3.57 -28.73 27.11
CA ARG D 108 4.67 -28.60 26.15
C ARG D 108 4.16 -28.64 24.73
N LEU D 109 4.70 -27.78 23.89
CA LEU D 109 4.44 -27.76 22.46
C LEU D 109 5.78 -27.68 21.72
N GLU D 110 5.98 -28.60 20.80
CA GLU D 110 7.15 -28.66 19.93
C GLU D 110 6.69 -28.47 18.49
N LYS D 111 7.19 -27.42 17.81
CA LYS D 111 6.82 -27.18 16.41
C LYS D 111 8.05 -26.93 15.57
N GLU D 112 8.00 -27.31 14.29
CA GLU D 112 9.07 -27.05 13.32
C GLU D 112 8.46 -26.36 12.10
N TYR D 113 9.09 -25.27 11.62
CA TYR D 113 8.57 -24.49 10.48
C TYR D 113 9.59 -24.49 9.38
N ILE D 114 9.16 -24.81 8.14
CA ILE D 114 10.06 -24.86 6.99
C ILE D 114 9.50 -23.97 5.89
N THR D 115 10.33 -23.06 5.34
CA THR D 115 9.93 -22.16 4.26
C THR D 115 9.81 -22.93 2.94
N LYS D 116 8.87 -22.52 2.07
CA LYS D 116 8.61 -23.15 0.78
C LYS D 116 8.91 -22.17 -0.38
N GLY D 117 9.30 -20.94 -0.04
CA GLY D 117 9.62 -19.87 -0.98
C GLY D 117 8.64 -18.72 -0.87
N SER D 118 7.41 -19.05 -0.49
CA SER D 118 6.33 -18.08 -0.28
C SER D 118 6.29 -17.68 1.19
N THR D 119 5.46 -16.66 1.53
CA THR D 119 5.34 -16.17 2.91
C THR D 119 4.61 -17.22 3.76
N LEU D 120 5.28 -17.64 4.86
CA LEU D 120 4.81 -18.58 5.86
C LEU D 120 4.19 -17.78 7.01
N VAL D 121 2.92 -18.06 7.33
CA VAL D 121 2.21 -17.42 8.43
C VAL D 121 1.64 -18.55 9.27
N GLU D 122 2.23 -18.77 10.43
CA GLU D 122 1.88 -19.83 11.37
C GLU D 122 1.58 -19.27 12.75
N ASN D 123 0.74 -19.98 13.52
CA ASN D 123 0.33 -19.54 14.86
C ASN D 123 0.35 -20.68 15.86
N PHE D 124 0.47 -20.33 17.15
CA PHE D 124 0.41 -21.30 18.25
C PHE D 124 -0.15 -20.65 19.49
N SER D 125 -0.68 -21.46 20.40
CA SER D 125 -1.26 -21.04 21.68
C SER D 125 -1.07 -22.16 22.68
N VAL D 126 -0.40 -21.87 23.80
CA VAL D 126 -0.11 -22.84 24.87
C VAL D 126 -0.43 -22.19 26.22
N SER D 127 -1.06 -22.95 27.11
CA SER D 127 -1.45 -22.47 28.42
C SER D 127 -0.97 -23.46 29.50
N THR D 128 -0.85 -22.99 30.76
CA THR D 128 -0.44 -23.83 31.90
C THR D 128 -1.61 -24.66 32.42
N THR D 129 -2.87 -24.26 32.09
CA THR D 129 -4.10 -24.90 32.56
C THR D 129 -4.93 -25.57 31.42
N SER D 130 -4.30 -25.88 30.26
CA SER D 130 -4.97 -26.58 29.15
C SER D 130 -5.37 -27.98 29.59
N VAL D 131 -6.64 -28.36 29.41
CA VAL D 131 -7.17 -29.64 29.86
C VAL D 131 -6.93 -30.68 28.74
N GLU D 132 -6.40 -31.86 29.14
CA GLU D 132 -6.06 -32.99 28.25
C GLU D 132 -7.30 -33.57 27.58
N THR E 9 -10.01 -1.00 48.50
CA THR E 9 -9.40 -0.71 47.21
C THR E 9 -10.16 0.42 46.49
N THR E 10 -11.31 0.89 47.07
CA THR E 10 -12.12 1.96 46.48
C THR E 10 -11.50 3.32 46.87
N GLY E 11 -11.33 4.17 45.87
CA GLY E 11 -10.76 5.51 46.02
C GLY E 11 -10.46 6.15 44.68
N VAL E 12 -9.63 7.21 44.70
CA VAL E 12 -9.23 7.89 43.47
C VAL E 12 -8.08 7.10 42.85
N HIS E 13 -8.39 6.32 41.81
CA HIS E 13 -7.43 5.54 41.04
C HIS E 13 -6.82 6.47 39.98
N LYS E 14 -5.48 6.53 39.95
CA LYS E 14 -4.74 7.44 39.08
C LYS E 14 -3.49 6.77 38.54
N ILE E 15 -3.19 7.01 37.26
CA ILE E 15 -1.98 6.51 36.62
C ILE E 15 -1.29 7.69 35.94
N VAL E 16 0.00 7.89 36.26
CA VAL E 16 0.84 8.92 35.67
C VAL E 16 1.89 8.23 34.76
N VAL E 17 1.98 8.69 33.50
CA VAL E 17 2.95 8.24 32.53
C VAL E 17 3.91 9.38 32.30
N GLU E 18 5.21 9.12 32.44
CA GLU E 18 6.27 10.09 32.22
C GLU E 18 7.27 9.57 31.21
N GLN E 19 7.78 10.47 30.35
CA GLN E 19 8.79 10.12 29.36
C GLN E 19 9.93 11.11 29.39
N SER E 20 11.15 10.63 29.10
CA SER E 20 12.35 11.45 29.02
C SER E 20 13.34 10.79 28.06
N GLY E 21 14.36 11.56 27.67
CA GLY E 21 15.39 11.14 26.74
C GLY E 21 15.16 11.70 25.35
N ASN E 22 15.36 10.85 24.33
CA ASN E 22 15.20 11.18 22.92
C ASN E 22 13.74 11.03 22.55
N THR E 23 12.88 11.84 23.18
CA THR E 23 11.41 11.80 23.02
C THR E 23 10.98 12.12 21.58
N ASP E 24 11.82 12.85 20.83
CA ASP E 24 11.54 13.24 19.46
CA ASP E 24 11.56 13.25 19.46
C ASP E 24 11.76 12.06 18.48
N ASP E 25 12.47 10.99 18.91
CA ASP E 25 12.77 9.83 18.06
C ASP E 25 11.84 8.64 18.31
N PHE E 26 10.78 8.85 19.10
CA PHE E 26 9.80 7.82 19.40
C PHE E 26 8.41 8.35 19.34
N ASP E 27 7.44 7.44 19.15
CA ASP E 27 6.00 7.67 19.25
C ASP E 27 5.46 6.91 20.45
N LEU E 28 4.96 7.65 21.45
CA LEU E 28 4.34 7.08 22.65
C LEU E 28 2.82 7.21 22.53
N ASN E 29 2.12 6.07 22.52
CA ASN E 29 0.66 5.99 22.42
C ASN E 29 0.15 5.35 23.68
N ILE E 30 -0.72 6.04 24.42
CA ILE E 30 -1.18 5.49 25.68
C ILE E 30 -2.73 5.56 25.70
N ALA E 31 -3.33 4.53 26.33
CA ALA E 31 -4.77 4.38 26.48
C ALA E 31 -5.10 4.06 27.93
N PHE E 32 -6.07 4.76 28.48
CA PHE E 32 -6.53 4.59 29.86
C PHE E 32 -7.97 4.20 29.91
N GLY E 33 -8.29 3.34 30.86
CA GLY E 33 -9.62 2.83 31.10
C GLY E 33 -9.78 2.52 32.56
N ALA E 34 -10.98 2.74 33.09
CA ALA E 34 -11.21 2.51 34.51
C ALA E 34 -12.61 2.02 34.79
N ALA E 35 -12.81 1.59 36.04
CA ALA E 35 -14.07 1.10 36.58
C ALA E 35 -14.39 1.73 37.92
N ASN E 36 -15.67 2.05 38.11
CA ASN E 36 -16.20 2.56 39.37
C ASN E 36 -17.01 1.47 40.01
N THR E 37 -17.42 1.69 41.26
CA THR E 37 -18.26 0.73 41.99
C THR E 37 -19.65 0.67 41.31
N GLY E 38 -20.05 1.78 40.65
CA GLY E 38 -21.31 1.88 39.93
C GLY E 38 -21.33 1.36 38.50
N GLY E 39 -20.17 1.39 37.83
CA GLY E 39 -20.03 0.94 36.44
C GLY E 39 -18.82 1.50 35.75
N VAL E 40 -19.02 2.04 34.52
CA VAL E 40 -17.94 2.66 33.70
C VAL E 40 -17.58 4.00 34.34
N ALA E 41 -16.28 4.20 34.60
CA ALA E 41 -15.79 5.38 35.28
C ALA E 41 -15.54 6.55 34.35
N LYS E 42 -16.00 7.74 34.78
CA LYS E 42 -15.69 9.00 34.11
C LYS E 42 -14.21 9.29 34.38
N LEU E 43 -13.45 9.65 33.34
CA LEU E 43 -12.01 9.90 33.51
C LEU E 43 -11.73 11.41 33.56
N TYR E 44 -10.73 11.81 34.35
CA TYR E 44 -10.38 13.21 34.57
C TYR E 44 -8.87 13.46 34.53
N ASN E 45 -8.44 14.68 34.19
CA ASN E 45 -7.04 15.10 34.25
C ASN E 45 -6.74 15.61 35.69
N GLU E 46 -5.51 16.08 35.98
CA GLU E 46 -5.17 16.55 37.34
C GLU E 46 -6.00 17.79 37.74
N ASN E 47 -6.49 18.58 36.75
CA ASN E 47 -7.32 19.77 36.97
C ASN E 47 -8.81 19.42 37.14
N GLY E 48 -9.11 18.12 37.18
CA GLY E 48 -10.47 17.60 37.36
C GLY E 48 -11.39 17.77 36.18
N GLU E 49 -10.83 18.00 34.98
CA GLU E 49 -11.58 18.18 33.74
C GLU E 49 -11.92 16.81 33.17
N TYR E 50 -13.20 16.61 32.80
CA TYR E 50 -13.70 15.35 32.23
C TYR E 50 -13.09 15.13 30.84
N LEU E 51 -12.50 13.94 30.63
CA LEU E 51 -11.82 13.54 29.41
C LEU E 51 -12.65 12.61 28.52
N GLY E 52 -13.69 12.01 29.09
CA GLY E 52 -14.54 10.99 28.47
C GLY E 52 -14.42 9.71 29.28
N ASP E 53 -14.98 8.59 28.76
CA ASP E 53 -14.97 7.30 29.46
C ASP E 53 -13.81 6.40 29.04
N SER E 54 -13.05 6.85 28.05
CA SER E 54 -11.82 6.25 27.57
C SER E 54 -10.88 7.38 27.21
N TYR E 55 -9.62 7.32 27.65
CA TYR E 55 -8.67 8.39 27.35
C TYR E 55 -7.52 7.82 26.55
N LEU E 56 -7.47 8.20 25.28
CA LEU E 56 -6.50 7.73 24.29
C LEU E 56 -5.69 8.92 23.79
N VAL E 57 -4.35 8.89 24.02
CA VAL E 57 -3.42 9.92 23.57
C VAL E 57 -2.43 9.30 22.59
N ASN E 58 -2.52 9.69 21.31
CA ASN E 58 -1.57 9.23 20.29
C ASN E 58 -0.43 10.21 20.19
N LYS E 59 0.81 9.71 20.05
CA LYS E 59 2.05 10.50 19.91
C LYS E 59 2.12 11.59 20.99
N VAL E 60 2.17 11.17 22.27
CA VAL E 60 2.27 12.00 23.47
C VAL E 60 3.47 12.93 23.33
N THR E 61 3.24 14.27 23.36
CA THR E 61 4.29 15.28 23.21
C THR E 61 4.72 15.81 24.60
N GLU E 62 3.79 15.72 25.57
CA GLU E 62 3.96 16.14 26.96
CA GLU E 62 4.00 16.15 26.97
C GLU E 62 4.92 15.16 27.68
N ASN E 63 5.71 15.63 28.64
CA ASN E 63 6.64 14.77 29.39
C ASN E 63 5.92 13.99 30.48
N LYS E 64 4.70 14.43 30.83
CA LYS E 64 3.86 13.81 31.86
C LYS E 64 2.40 13.83 31.40
N ILE E 65 1.72 12.68 31.52
CA ILE E 65 0.30 12.49 31.24
C ILE E 65 -0.29 11.83 32.43
N SER E 66 -1.42 12.36 32.89
CA SER E 66 -2.13 11.84 34.05
C SER E 66 -3.60 11.57 33.72
N CYS E 67 -4.14 10.51 34.32
CA CYS E 67 -5.55 10.15 34.20
C CYS E 67 -6.03 9.59 35.54
N GLN E 68 -7.22 10.02 36.01
CA GLN E 68 -7.78 9.59 37.30
C GLN E 68 -9.31 9.46 37.26
N THR E 69 -9.85 8.71 38.22
CA THR E 69 -11.28 8.51 38.45
C THR E 69 -11.79 9.44 39.56
N GLY E 70 -13.05 9.27 39.93
CA GLY E 70 -13.66 9.95 41.07
C GLY E 70 -13.32 9.16 42.32
N LYS E 71 -13.89 9.55 43.47
CA LYS E 71 -13.67 8.90 44.77
C LYS E 71 -14.20 7.44 44.82
N GLU E 72 -15.09 7.03 43.87
CA GLU E 72 -15.69 5.70 43.86
C GLU E 72 -15.04 4.75 42.84
N GLY E 73 -13.82 5.08 42.42
CA GLY E 73 -13.02 4.28 41.50
C GLY E 73 -12.61 2.97 42.13
N SER E 74 -12.69 1.87 41.37
CA SER E 74 -12.35 0.54 41.86
C SER E 74 -11.12 -0.04 41.13
N MSE E 75 -10.79 0.48 39.92
CA MSE E 75 -9.68 0.00 39.11
C MSE E 75 -9.35 0.91 37.95
O MSE E 75 -10.26 1.49 37.37
CB MSE E 75 -10.06 -1.38 38.54
CG MSE E 75 -8.90 -2.13 37.95
SE MSE E 75 -9.45 -3.15 36.42
CE MSE E 75 -9.75 -1.53 35.09
N MSE E 76 -8.06 0.99 37.57
CA MSE E 76 -7.61 1.71 36.38
C MSE E 76 -6.51 0.93 35.68
O MSE E 76 -5.66 0.37 36.36
CB MSE E 76 -7.15 3.15 36.65
CG MSE E 76 -6.72 3.87 35.37
SE MSE E 76 -6.26 5.71 35.51
CE MSE E 76 -8.03 6.35 35.82
N THR E 77 -6.56 0.90 34.33
CA THR E 77 -5.57 0.23 33.50
C THR E 77 -5.00 1.25 32.49
N CYS E 78 -3.69 1.17 32.30
CA CYS E 78 -2.99 1.97 31.32
C CYS E 78 -2.25 1.04 30.39
N ALA E 79 -2.59 1.10 29.11
CA ALA E 79 -1.93 0.35 28.05
C ALA E 79 -1.19 1.31 27.15
N GLY E 80 0.04 0.98 26.83
CA GLY E 80 0.83 1.84 25.96
C GLY E 80 1.63 1.11 24.91
N SER E 81 2.03 1.85 23.88
CA SER E 81 2.90 1.36 22.82
C SER E 81 3.97 2.40 22.55
N VAL E 82 5.17 1.92 22.28
CA VAL E 82 6.35 2.69 21.97
C VAL E 82 6.85 2.22 20.61
N ILE E 83 6.88 3.13 19.65
CA ILE E 83 7.36 2.87 18.28
C ILE E 83 8.46 3.87 17.98
N SER E 84 9.62 3.40 17.52
N SER E 84 9.59 3.45 17.40
CA SER E 84 10.73 4.28 17.16
CA SER E 84 10.64 4.42 17.07
C SER E 84 10.56 4.76 15.72
C SER E 84 10.56 4.85 15.60
N THR E 85 10.86 6.05 15.53
N THR E 85 10.84 3.93 14.62
CA THR E 85 10.75 6.75 14.24
CA THR E 85 10.91 4.14 13.15
C THR E 85 12.19 7.14 13.76
C THR E 85 12.26 4.87 12.85
N SER E 86 13.27 6.53 14.34
N SER E 86 12.92 5.47 13.88
CA SER E 86 14.66 6.81 13.98
CA SER E 86 14.22 6.17 13.82
C SER E 86 15.45 5.57 13.53
C SER E 86 15.28 5.22 13.27
N GLU E 87 16.16 5.70 12.39
CA GLU E 87 17.10 4.76 11.77
C GLU E 87 18.49 4.79 12.46
N GLN E 88 18.63 5.61 13.51
CA GLN E 88 19.88 5.73 14.25
C GLN E 88 19.79 4.89 15.52
N ALA E 89 20.81 4.05 15.75
CA ALA E 89 20.91 3.18 16.93
C ALA E 89 21.38 3.95 18.14
N GLY E 90 20.89 3.55 19.31
CA GLY E 90 21.28 4.15 20.57
C GLY E 90 20.40 5.26 21.12
N LYS E 91 19.28 5.57 20.42
CA LYS E 91 18.31 6.58 20.87
C LYS E 91 17.50 5.96 21.98
N LYS E 92 17.31 6.69 23.10
CA LYS E 92 16.63 6.15 24.28
C LYS E 92 15.38 6.91 24.70
N LEU E 93 14.38 6.12 25.10
CA LEU E 93 13.14 6.60 25.69
C LEU E 93 13.01 5.97 27.05
N LYS E 94 13.04 6.81 28.12
CA LYS E 94 12.83 6.38 29.50
C LYS E 94 11.36 6.60 29.82
N ILE E 95 10.67 5.54 30.23
CA ILE E 95 9.25 5.55 30.57
C ILE E 95 9.08 5.15 32.02
N SER E 96 8.29 5.91 32.76
CA SER E 96 7.88 5.51 34.10
C SER E 96 6.34 5.57 34.13
N VAL E 97 5.71 4.48 34.56
CA VAL E 97 4.25 4.35 34.69
C VAL E 97 3.98 4.12 36.17
N ILE E 98 3.42 5.12 36.87
CA ILE E 98 3.18 5.00 38.31
C ILE E 98 1.67 5.04 38.55
N ALA E 99 1.17 4.04 39.31
CA ALA E 99 -0.24 3.86 39.66
C ALA E 99 -0.46 4.21 41.13
N TYR E 100 -1.55 4.96 41.39
CA TYR E 100 -1.93 5.44 42.73
C TYR E 100 -3.38 5.14 43.07
N ILE E 101 -3.68 5.04 44.37
CA ILE E 101 -5.02 4.93 44.95
C ILE E 101 -5.00 5.92 46.08
N ASP E 102 -5.74 7.04 45.93
CA ASP E 102 -5.81 8.16 46.89
C ASP E 102 -4.40 8.69 47.19
N ASN E 103 -3.61 8.97 46.12
CA ASN E 103 -2.25 9.54 46.12
C ASN E 103 -1.22 8.66 46.89
N LYS E 104 -1.53 7.36 47.05
CA LYS E 104 -0.65 6.35 47.62
C LYS E 104 -0.24 5.41 46.48
N GLU E 105 1.07 5.34 46.16
CA GLU E 105 1.60 4.51 45.09
C GLU E 105 1.34 3.03 45.38
N VAL E 106 0.69 2.35 44.43
CA VAL E 106 0.31 0.94 44.56
C VAL E 106 1.04 0.10 43.51
N ASN E 107 1.49 0.71 42.41
CA ASN E 107 2.21 -0.01 41.36
C ASN E 107 3.13 0.93 40.58
N ARG E 108 4.17 0.37 39.94
CA ARG E 108 5.17 1.12 39.19
C ARG E 108 5.84 0.26 38.14
N LEU E 109 6.03 0.83 36.95
CA LEU E 109 6.77 0.19 35.87
C LEU E 109 7.78 1.18 35.34
N GLU E 110 9.07 0.77 35.34
CA GLU E 110 10.19 1.54 34.82
C GLU E 110 10.76 0.83 33.60
N LYS E 111 10.71 1.49 32.44
CA LYS E 111 11.21 0.91 31.19
C LYS E 111 12.14 1.88 30.49
N GLU E 112 13.10 1.34 29.77
CA GLU E 112 14.04 2.11 28.96
C GLU E 112 14.15 1.42 27.62
N TYR E 113 13.81 2.13 26.53
CA TYR E 113 13.82 1.61 25.17
C TYR E 113 14.99 2.17 24.41
N ILE E 114 15.76 1.30 23.73
CA ILE E 114 16.95 1.72 22.99
C ILE E 114 16.82 1.19 21.56
N THR E 115 16.97 2.10 20.57
CA THR E 115 16.90 1.76 19.14
C THR E 115 18.17 0.96 18.72
N LYS E 116 18.01 0.08 17.72
CA LYS E 116 19.06 -0.80 17.21
C LYS E 116 19.37 -0.52 15.73
N GLY E 117 18.62 0.40 15.11
CA GLY E 117 18.74 0.75 13.69
C GLY E 117 17.48 0.38 12.92
N SER E 118 16.77 -0.65 13.41
CA SER E 118 15.51 -1.15 12.88
C SER E 118 14.33 -0.56 13.67
N THR E 119 13.10 -0.76 13.19
CA THR E 119 11.92 -0.25 13.86
C THR E 119 11.69 -1.05 15.16
N LEU E 120 11.58 -0.32 16.27
CA LEU E 120 11.28 -0.79 17.61
C LEU E 120 9.77 -0.69 17.85
N VAL E 121 9.15 -1.81 18.19
CA VAL E 121 7.74 -1.92 18.50
C VAL E 121 7.63 -2.60 19.84
N GLU E 122 7.30 -1.82 20.86
CA GLU E 122 7.21 -2.28 22.24
C GLU E 122 5.87 -1.93 22.83
N ASN E 123 5.43 -2.70 23.85
CA ASN E 123 4.14 -2.52 24.52
C ASN E 123 4.28 -2.63 26.02
N PHE E 124 3.34 -2.02 26.76
CA PHE E 124 3.29 -2.12 28.20
C PHE E 124 1.85 -2.01 28.66
N SER E 125 1.56 -2.56 29.83
CA SER E 125 0.26 -2.54 30.47
C SER E 125 0.46 -2.54 31.98
N VAL E 126 -0.05 -1.50 32.66
CA VAL E 126 0.05 -1.32 34.11
C VAL E 126 -1.34 -1.00 34.67
N SER E 127 -1.68 -1.57 35.81
CA SER E 127 -2.95 -1.37 36.46
C SER E 127 -2.75 -1.01 37.94
N THR E 128 -3.77 -0.39 38.57
CA THR E 128 -3.75 -0.02 40.00
C THR E 128 -4.04 -1.23 40.89
N THR E 129 -4.66 -2.30 40.32
CA THR E 129 -5.09 -3.50 41.05
C THR E 129 -4.33 -4.79 40.61
N SER E 130 -3.14 -4.65 40.02
CA SER E 130 -2.33 -5.80 39.58
C SER E 130 -1.85 -6.57 40.79
N VAL E 131 -2.04 -7.89 40.78
CA VAL E 131 -1.65 -8.76 41.90
C VAL E 131 -0.21 -9.21 41.69
N GLU E 132 0.62 -9.10 42.76
CA GLU E 132 2.05 -9.44 42.75
C GLU E 132 2.26 -10.96 42.61
N THR F 9 14.02 36.94 -29.91
CA THR F 9 13.46 36.02 -28.91
C THR F 9 14.40 35.97 -27.66
N THR F 10 15.63 36.50 -27.77
CA THR F 10 16.61 36.51 -26.67
C THR F 10 16.29 37.66 -25.70
N GLY F 11 16.23 37.33 -24.41
CA GLY F 11 15.95 38.27 -23.33
C GLY F 11 15.70 37.56 -22.03
N VAL F 12 15.06 38.27 -21.07
CA VAL F 12 14.73 37.69 -19.77
C VAL F 12 13.42 36.91 -19.91
N HIS F 13 13.56 35.57 -19.97
CA HIS F 13 12.41 34.66 -20.05
C HIS F 13 11.91 34.41 -18.66
N LYS F 14 10.62 34.64 -18.42
CA LYS F 14 9.97 34.53 -17.12
C LYS F 14 8.61 33.89 -17.23
N ILE F 15 8.30 32.96 -16.32
CA ILE F 15 7.00 32.32 -16.25
C ILE F 15 6.45 32.52 -14.83
N VAL F 16 5.25 33.11 -14.73
CA VAL F 16 4.54 33.33 -13.48
C VAL F 16 3.38 32.34 -13.42
N VAL F 17 3.21 31.69 -12.25
CA VAL F 17 2.10 30.78 -11.96
C VAL F 17 1.34 31.39 -10.80
N GLU F 18 0.03 31.59 -10.98
CA GLU F 18 -0.86 32.17 -9.98
C GLU F 18 -2.02 31.23 -9.70
N GLN F 19 -2.40 31.12 -8.43
CA GLN F 19 -3.51 30.26 -8.00
C GLN F 19 -4.43 31.03 -7.07
N SER F 20 -5.73 30.74 -7.17
CA SER F 20 -6.76 31.39 -6.36
C SER F 20 -7.93 30.43 -6.20
N GLY F 21 -8.81 30.74 -5.24
CA GLY F 21 -9.99 29.95 -4.93
C GLY F 21 -9.76 29.08 -3.71
N ASN F 22 -10.17 27.80 -3.80
CA ASN F 22 -10.03 26.82 -2.73
C ASN F 22 -8.66 26.13 -2.82
N THR F 23 -7.57 26.94 -2.76
CA THR F 23 -6.16 26.52 -2.87
C THR F 23 -5.79 25.47 -1.85
N ASP F 24 -6.49 25.49 -0.70
CA ASP F 24 -6.32 24.61 0.44
C ASP F 24 -6.64 23.15 0.05
N ASP F 25 -7.68 22.95 -0.79
CA ASP F 25 -8.23 21.65 -1.21
C ASP F 25 -7.47 21.01 -2.39
N PHE F 26 -6.34 21.60 -2.82
CA PHE F 26 -5.54 21.11 -3.93
C PHE F 26 -4.07 21.10 -3.65
N ASP F 27 -3.35 20.24 -4.37
CA ASP F 27 -1.90 20.20 -4.40
C ASP F 27 -1.44 20.67 -5.77
N LEU F 28 -0.72 21.80 -5.82
CA LEU F 28 -0.15 22.37 -7.03
C LEU F 28 1.35 22.10 -7.02
N ASN F 29 1.82 21.35 -8.02
CA ASN F 29 3.23 21.00 -8.19
C ASN F 29 3.69 21.58 -9.51
N ILE F 30 4.72 22.43 -9.48
CA ILE F 30 5.18 23.05 -10.72
C ILE F 30 6.70 22.85 -10.85
N ALA F 31 7.14 22.72 -12.11
CA ALA F 31 8.54 22.52 -12.47
C ALA F 31 8.91 23.46 -13.60
N PHE F 32 10.03 24.16 -13.45
CA PHE F 32 10.54 25.12 -14.43
C PHE F 32 11.89 24.67 -14.93
N GLY F 33 12.12 24.92 -16.22
CA GLY F 33 13.35 24.62 -16.92
C GLY F 33 13.56 25.66 -18.00
N ALA F 34 14.80 26.12 -18.20
CA ALA F 34 15.07 27.15 -19.19
C ALA F 34 16.39 26.94 -19.95
N ALA F 35 16.54 27.64 -21.07
CA ALA F 35 17.74 27.62 -21.91
C ALA F 35 18.21 29.02 -22.26
N ASN F 36 19.53 29.22 -22.26
CA ASN F 36 20.22 30.44 -22.67
C ASN F 36 20.79 30.20 -24.05
N THR F 37 21.35 31.24 -24.68
CA THR F 37 21.99 31.12 -26.00
C THR F 37 23.29 30.28 -25.84
N GLY F 38 23.85 30.25 -24.63
CA GLY F 38 25.05 29.47 -24.28
C GLY F 38 24.80 28.00 -23.92
N GLY F 39 23.62 27.69 -23.37
CA GLY F 39 23.25 26.33 -22.96
C GLY F 39 22.14 26.31 -21.93
N VAL F 40 22.30 25.50 -20.85
CA VAL F 40 21.32 25.40 -19.74
C VAL F 40 21.34 26.71 -18.96
N ALA F 41 20.15 27.28 -18.73
CA ALA F 41 20.05 28.56 -18.05
C ALA F 41 19.95 28.41 -16.55
N LYS F 42 20.66 29.32 -15.86
CA LYS F 42 20.59 29.50 -14.42
C LYS F 42 19.26 30.15 -14.15
N LEU F 43 18.49 29.63 -13.19
CA LEU F 43 17.18 30.17 -12.85
C LEU F 43 17.26 31.09 -11.63
N TYR F 44 16.40 32.12 -11.61
CA TYR F 44 16.37 33.14 -10.57
C TYR F 44 14.94 33.50 -10.15
N ASN F 45 14.79 34.00 -8.91
CA ASN F 45 13.51 34.51 -8.41
C ASN F 45 13.44 36.00 -8.78
N GLU F 46 12.30 36.68 -8.51
CA GLU F 46 12.11 38.09 -8.84
CA GLU F 46 12.08 38.10 -8.81
C GLU F 46 13.17 38.98 -8.16
N ASN F 47 13.74 38.53 -7.01
CA ASN F 47 14.80 39.25 -6.28
C ASN F 47 16.22 38.97 -6.85
N GLY F 48 16.28 38.24 -7.97
CA GLY F 48 17.52 37.86 -8.65
C GLY F 48 18.38 36.84 -7.94
N GLU F 49 17.80 36.09 -6.99
CA GLU F 49 18.48 35.04 -6.23
C GLU F 49 18.48 33.75 -7.04
N TYR F 50 19.64 33.08 -7.15
CA TYR F 50 19.82 31.84 -7.88
C TYR F 50 19.07 30.69 -7.19
N LEU F 51 18.31 29.94 -8.00
CA LEU F 51 17.47 28.84 -7.54
C LEU F 51 18.00 27.44 -7.90
N GLY F 52 18.98 27.39 -8.82
CA GLY F 52 19.51 26.15 -9.39
C GLY F 52 19.24 26.14 -10.88
N ASP F 53 19.50 25.01 -11.57
CA ASP F 53 19.30 24.89 -13.03
C ASP F 53 17.94 24.28 -13.37
N SER F 54 17.20 23.90 -12.33
CA SER F 54 15.83 23.38 -12.40
C SER F 54 15.11 23.88 -11.17
N TYR F 55 13.89 24.37 -11.30
CA TYR F 55 13.17 24.86 -10.14
C TYR F 55 11.87 24.08 -10.01
N LEU F 56 11.85 23.20 -8.99
CA LEU F 56 10.73 22.31 -8.69
C LEU F 56 10.11 22.68 -7.36
N VAL F 57 8.81 23.05 -7.36
CA VAL F 57 8.06 23.41 -6.16
C VAL F 57 6.92 22.42 -5.98
N ASN F 58 6.98 21.62 -4.91
CA ASN F 58 5.94 20.65 -4.59
CA ASN F 58 5.98 20.63 -4.52
C ASN F 58 4.96 21.32 -3.60
N LYS F 59 3.65 21.13 -3.79
CA LYS F 59 2.55 21.66 -2.97
C LYS F 59 2.75 23.17 -2.69
N VAL F 60 2.69 23.98 -3.76
CA VAL F 60 2.81 25.44 -3.74
C VAL F 60 1.76 26.03 -2.78
N THR F 61 2.21 26.76 -1.73
CA THR F 61 1.32 27.38 -0.75
C THR F 61 1.12 28.88 -1.07
N GLU F 62 2.08 29.49 -1.79
CA GLU F 62 2.05 30.87 -2.24
C GLU F 62 1.02 31.03 -3.36
N ASN F 63 0.42 32.22 -3.47
CA ASN F 63 -0.57 32.51 -4.50
C ASN F 63 0.09 32.83 -5.84
N LYS F 64 1.40 33.12 -5.82
CA LYS F 64 2.19 33.47 -6.99
C LYS F 64 3.60 32.87 -6.85
N ILE F 65 4.05 32.16 -7.87
CA ILE F 65 5.41 31.61 -7.97
C ILE F 65 5.96 32.06 -9.33
N SER F 66 7.13 32.70 -9.27
CA SER F 66 7.84 33.20 -10.43
C SER F 66 9.20 32.49 -10.61
N CYS F 67 9.66 32.44 -11.87
CA CYS F 67 10.95 31.89 -12.25
C CYS F 67 11.41 32.62 -13.50
N GLN F 68 12.68 33.09 -13.52
CA GLN F 68 13.21 33.82 -14.67
C GLN F 68 14.67 33.44 -14.94
N THR F 69 15.12 33.74 -16.16
CA THR F 69 16.49 33.57 -16.65
C THR F 69 17.24 34.91 -16.61
N GLY F 70 18.48 34.89 -17.11
CA GLY F 70 19.29 36.09 -17.29
C GLY F 70 18.90 36.74 -18.62
N LYS F 71 19.62 37.81 -19.00
CA LYS F 71 19.39 38.58 -20.23
C LYS F 71 19.62 37.75 -21.53
N GLU F 72 20.35 36.62 -21.43
CA GLU F 72 20.70 35.81 -22.61
CA GLU F 72 20.79 35.73 -22.51
C GLU F 72 19.80 34.55 -22.75
N GLY F 73 18.65 34.58 -22.05
CA GLY F 73 17.64 33.51 -22.11
C GLY F 73 17.02 33.39 -23.49
N SER F 74 16.81 32.14 -23.96
CA SER F 74 16.23 31.88 -25.27
C SER F 74 14.89 31.14 -25.17
N MSE F 75 14.60 30.50 -24.01
CA MSE F 75 13.37 29.72 -23.79
C MSE F 75 13.16 29.34 -22.32
O MSE F 75 14.14 29.07 -21.60
CB MSE F 75 13.45 28.42 -24.60
CG MSE F 75 12.13 27.69 -24.71
SE MSE F 75 12.42 25.80 -25.04
CE MSE F 75 13.02 25.33 -23.12
N MSE F 76 11.90 29.22 -21.89
CA MSE F 76 11.53 28.70 -20.57
C MSE F 76 10.26 27.87 -20.67
O MSE F 76 9.36 28.23 -21.43
CB MSE F 76 11.35 29.79 -19.51
CG MSE F 76 11.00 29.20 -18.15
SE MSE F 76 10.94 30.41 -16.70
CE MSE F 76 12.77 30.72 -16.54
N THR F 77 10.20 26.75 -19.94
CA THR F 77 9.06 25.83 -19.90
C THR F 77 8.61 25.65 -18.46
N CYS F 78 7.30 25.63 -18.26
CA CYS F 78 6.68 25.38 -16.99
C CYS F 78 5.71 24.22 -17.13
N ALA F 79 5.97 23.16 -16.39
CA ALA F 79 5.12 21.96 -16.33
C ALA F 79 4.52 21.87 -14.96
N GLY F 80 3.22 21.64 -14.89
CA GLY F 80 2.54 21.55 -13.61
C GLY F 80 1.55 20.43 -13.48
N SER F 81 1.20 20.09 -12.23
CA SER F 81 0.18 19.10 -11.91
C SER F 81 -0.69 19.65 -10.80
N VAL F 82 -1.97 19.34 -10.88
CA VAL F 82 -3.02 19.73 -9.94
C VAL F 82 -3.70 18.44 -9.50
N ILE F 83 -3.66 18.15 -8.19
CA ILE F 83 -4.27 16.97 -7.57
C ILE F 83 -5.16 17.49 -6.46
N SER F 84 -6.45 17.08 -6.45
N SER F 84 -6.39 16.96 -6.32
CA SER F 84 -7.40 17.49 -5.43
CA SER F 84 -7.32 17.41 -5.28
C SER F 84 -7.30 16.57 -4.23
C SER F 84 -7.32 16.49 -4.04
N THR F 85 -7.30 17.17 -3.03
N THR F 85 -7.68 15.18 -4.19
CA THR F 85 -7.14 16.48 -1.74
CA THR F 85 -7.82 14.13 -3.15
C THR F 85 -8.48 16.52 -0.95
C THR F 85 -9.03 14.50 -2.23
N SER F 86 -9.62 16.79 -1.64
N SER F 86 -9.46 15.79 -2.20
CA SER F 86 -10.94 16.91 -1.03
CA SER F 86 -10.61 16.32 -1.44
C SER F 86 -12.00 16.01 -1.67
C SER F 86 -11.86 15.53 -1.78
N GLU F 87 -12.75 15.29 -0.80
CA GLU F 87 -13.90 14.43 -1.05
C GLU F 87 -15.21 15.24 -1.22
N GLN F 88 -15.13 16.58 -1.14
CA GLN F 88 -16.28 17.45 -1.33
C GLN F 88 -16.27 18.00 -2.76
N ALA F 89 -17.41 17.88 -3.45
CA ALA F 89 -17.60 18.33 -4.84
C ALA F 89 -17.86 19.83 -4.89
N GLY F 90 -17.41 20.47 -5.97
CA GLY F 90 -17.60 21.90 -6.20
C GLY F 90 -16.48 22.81 -5.73
N LYS F 91 -15.36 22.24 -5.23
CA LYS F 91 -14.21 23.03 -4.81
C LYS F 91 -13.42 23.45 -6.04
N LYS F 92 -13.35 24.78 -6.26
CA LYS F 92 -12.68 25.39 -7.42
C LYS F 92 -11.27 25.87 -7.14
N LEU F 93 -10.36 25.63 -8.12
CA LEU F 93 -8.99 26.14 -8.18
C LEU F 93 -8.83 26.86 -9.50
N LYS F 94 -8.39 28.12 -9.46
CA LYS F 94 -8.16 28.93 -10.64
C LYS F 94 -6.65 29.09 -10.83
N ILE F 95 -6.14 28.69 -12.00
CA ILE F 95 -4.72 28.74 -12.33
C ILE F 95 -4.52 29.66 -13.52
N SER F 96 -3.57 30.59 -13.39
CA SER F 96 -3.09 31.45 -14.47
C SER F 96 -1.57 31.22 -14.66
N VAL F 97 -1.15 30.79 -15.87
CA VAL F 97 0.26 30.58 -16.20
C VAL F 97 0.60 31.62 -17.24
N ILE F 98 1.41 32.63 -16.87
CA ILE F 98 1.73 33.74 -17.77
C ILE F 98 3.22 33.70 -18.08
N ALA F 99 3.55 33.74 -19.38
CA ALA F 99 4.93 33.72 -19.88
C ALA F 99 5.31 35.09 -20.43
N TYR F 100 6.52 35.55 -20.07
CA TYR F 100 7.06 36.86 -20.47
C TYR F 100 8.45 36.76 -21.07
N ILE F 101 8.80 37.73 -21.92
CA ILE F 101 10.13 37.95 -22.49
C ILE F 101 10.36 39.43 -22.31
N ASP F 102 11.27 39.80 -21.38
CA ASP F 102 11.62 41.17 -21.01
C ASP F 102 10.35 41.93 -20.54
N ASN F 103 9.57 41.30 -19.63
CA ASN F 103 8.34 41.78 -18.98
C ASN F 103 7.21 42.10 -20.01
N LYS F 104 7.29 41.51 -21.22
CA LYS F 104 6.26 41.58 -22.26
C LYS F 104 5.61 40.21 -22.36
N GLU F 105 4.31 40.11 -22.10
CA GLU F 105 3.57 38.84 -22.14
C GLU F 105 3.57 38.25 -23.56
N VAL F 106 4.03 37.00 -23.67
CA VAL F 106 4.16 36.30 -24.94
C VAL F 106 3.24 35.07 -24.99
N ASN F 107 2.83 34.54 -23.82
CA ASN F 107 1.94 33.39 -23.75
C ASN F 107 1.16 33.40 -22.43
N ARG F 108 0.00 32.70 -22.42
CA ARG F 108 -0.90 32.62 -21.28
C ARG F 108 -1.77 31.38 -21.33
N LEU F 109 -1.95 30.73 -20.18
CA LEU F 109 -2.87 29.63 -19.98
C LEU F 109 -3.74 29.91 -18.78
N GLU F 110 -5.06 29.84 -18.99
CA GLU F 110 -6.07 30.03 -17.96
C GLU F 110 -6.82 28.71 -17.76
N LYS F 111 -6.72 28.15 -16.54
CA LYS F 111 -7.41 26.91 -16.21
C LYS F 111 -8.20 27.06 -14.91
N GLU F 112 -9.34 26.35 -14.83
CA GLU F 112 -10.19 26.30 -13.65
C GLU F 112 -10.53 24.84 -13.39
N TYR F 113 -10.18 24.34 -12.20
CA TYR F 113 -10.38 22.96 -11.79
C TYR F 113 -11.48 22.87 -10.77
N ILE F 114 -12.45 21.94 -10.98
CA ILE F 114 -13.59 21.77 -10.06
C ILE F 114 -13.67 20.31 -9.63
N THR F 115 -13.71 20.06 -8.32
CA THR F 115 -13.80 18.71 -7.75
C THR F 115 -15.20 18.11 -7.98
N LYS F 116 -15.26 16.79 -8.16
CA LYS F 116 -16.52 16.06 -8.41
C LYS F 116 -16.82 15.05 -7.27
N GLY F 117 -15.93 14.96 -6.30
CA GLY F 117 -16.03 14.03 -5.17
C GLY F 117 -14.90 13.02 -5.19
N SER F 118 -14.40 12.72 -6.40
CA SER F 118 -13.30 11.79 -6.67
C SER F 118 -11.99 12.55 -6.81
N THR F 119 -10.87 11.81 -6.86
CA THR F 119 -9.54 12.39 -6.99
C THR F 119 -9.38 12.97 -8.41
N LEU F 120 -9.02 14.26 -8.46
CA LEU F 120 -8.78 15.05 -9.66
C LEU F 120 -7.28 15.06 -9.92
N VAL F 121 -6.89 14.59 -11.12
CA VAL F 121 -5.49 14.56 -11.53
C VAL F 121 -5.43 15.25 -12.87
N GLU F 122 -4.85 16.43 -12.87
CA GLU F 122 -4.73 17.30 -14.01
C GLU F 122 -3.30 17.70 -14.24
N ASN F 123 -2.97 18.07 -15.48
CA ASN F 123 -1.64 18.51 -15.86
C ASN F 123 -1.69 19.68 -16.82
N PHE F 124 -0.60 20.47 -16.86
CA PHE F 124 -0.45 21.57 -17.80
C PHE F 124 1.01 21.75 -18.14
N SER F 125 1.26 22.36 -19.30
CA SER F 125 2.59 22.68 -19.82
C SER F 125 2.49 23.95 -20.65
N VAL F 126 3.26 24.99 -20.27
CA VAL F 126 3.30 26.30 -20.94
C VAL F 126 4.76 26.70 -21.13
N SER F 127 5.07 27.30 -22.27
CA SER F 127 6.42 27.75 -22.60
C SER F 127 6.38 29.19 -23.12
N THR F 128 7.55 29.88 -23.10
CA THR F 128 7.64 31.26 -23.61
C THR F 128 7.73 31.29 -25.14
N THR F 129 8.13 30.18 -25.75
CA THR F 129 8.37 30.06 -27.20
C THR F 129 7.38 29.08 -27.91
N SER F 130 6.22 28.80 -27.30
CA SER F 130 5.19 27.90 -27.88
C SER F 130 4.66 28.51 -29.15
N VAL F 131 4.61 27.71 -30.23
CA VAL F 131 4.17 28.18 -31.54
C VAL F 131 2.64 28.06 -31.63
N GLU F 132 1.98 29.15 -32.08
CA GLU F 132 0.54 29.31 -32.23
C GLU F 132 -0.02 28.34 -33.30
N ASN G 8 2.76 18.10 -48.81
CA ASN G 8 3.23 18.63 -47.54
C ASN G 8 2.47 18.01 -46.38
N THR G 9 3.19 17.72 -45.30
CA THR G 9 2.70 17.13 -44.06
C THR G 9 2.41 18.27 -43.04
N THR G 10 2.76 19.54 -43.38
CA THR G 10 2.51 20.69 -42.50
C THR G 10 1.05 21.16 -42.68
N GLY G 11 0.37 21.32 -41.56
CA GLY G 11 -1.02 21.76 -41.51
C GLY G 11 -1.61 21.64 -40.11
N VAL G 12 -2.96 21.65 -40.01
CA VAL G 12 -3.64 21.50 -38.72
C VAL G 12 -3.73 20.01 -38.42
N HIS G 13 -2.84 19.54 -37.53
CA HIS G 13 -2.80 18.15 -37.05
C HIS G 13 -3.83 18.02 -35.94
N LYS G 14 -4.74 17.05 -36.07
CA LYS G 14 -5.84 16.84 -35.14
C LYS G 14 -6.07 15.35 -34.89
N ILE G 15 -6.35 14.98 -33.63
CA ILE G 15 -6.69 13.61 -33.26
C ILE G 15 -8.00 13.67 -32.44
N VAL G 16 -8.99 12.88 -32.88
CA VAL G 16 -10.30 12.77 -32.21
C VAL G 16 -10.39 11.36 -31.61
N VAL G 17 -10.70 11.30 -30.30
CA VAL G 17 -10.89 10.06 -29.56
C VAL G 17 -12.36 9.98 -29.19
N GLU G 18 -13.00 8.86 -29.54
CA GLU G 18 -14.40 8.61 -29.25
C GLU G 18 -14.57 7.31 -28.50
N GLN G 19 -15.53 7.28 -27.55
CA GLN G 19 -15.84 6.08 -26.79
C GLN G 19 -17.34 5.84 -26.76
N SER G 20 -17.74 4.56 -26.72
CA SER G 20 -19.14 4.16 -26.60
C SER G 20 -19.21 2.82 -25.88
N GLY G 21 -20.41 2.44 -25.45
CA GLY G 21 -20.66 1.21 -24.73
C GLY G 21 -20.84 1.44 -23.25
N ASN G 22 -20.30 0.51 -22.45
CA ASN G 22 -20.36 0.56 -20.99
C ASN G 22 -19.26 1.47 -20.48
N THR G 23 -19.34 2.76 -20.82
CA THR G 23 -18.33 3.79 -20.50
C THR G 23 -18.17 3.98 -18.97
N ASP G 24 -19.17 3.60 -18.18
CA ASP G 24 -19.15 3.71 -16.72
C ASP G 24 -18.29 2.60 -16.07
N ASP G 25 -18.01 1.51 -16.80
CA ASP G 25 -17.29 0.34 -16.28
C ASP G 25 -15.82 0.32 -16.68
N PHE G 26 -15.31 1.44 -17.17
CA PHE G 26 -13.94 1.59 -17.63
C PHE G 26 -13.42 2.94 -17.30
N ASP G 27 -12.08 3.09 -17.27
CA ASP G 27 -11.31 4.34 -17.14
C ASP G 27 -10.50 4.53 -18.42
N LEU G 28 -10.79 5.60 -19.18
CA LEU G 28 -10.07 5.97 -20.41
C LEU G 28 -9.17 7.15 -20.08
N ASN G 29 -7.87 6.95 -20.26
CA ASN G 29 -6.84 7.97 -20.01
C ASN G 29 -6.12 8.23 -21.31
N ILE G 30 -6.11 9.48 -21.76
CA ILE G 30 -5.48 9.80 -23.03
C ILE G 30 -4.51 10.99 -22.82
N ALA G 31 -3.42 10.96 -23.59
CA ALA G 31 -2.40 11.99 -23.59
C ALA G 31 -2.07 12.38 -25.02
N PHE G 32 -2.04 13.69 -25.31
CA PHE G 32 -1.72 14.26 -26.60
C PHE G 32 -0.47 15.11 -26.52
N GLY G 33 0.37 14.97 -27.56
CA GLY G 33 1.61 15.70 -27.74
C GLY G 33 1.77 16.03 -29.21
N ALA G 34 2.30 17.22 -29.53
CA ALA G 34 2.46 17.64 -30.91
C ALA G 34 3.72 18.49 -31.12
N ALA G 35 4.10 18.62 -32.39
CA ALA G 35 5.25 19.44 -32.79
C ALA G 35 4.90 20.34 -33.97
N ASN G 36 5.42 21.58 -33.96
CA ASN G 36 5.26 22.56 -35.03
C ASN G 36 6.57 22.69 -35.77
N THR G 37 6.54 23.38 -36.92
CA THR G 37 7.75 23.63 -37.71
C THR G 37 8.69 24.57 -36.90
N GLY G 38 8.09 25.38 -36.01
CA GLY G 38 8.80 26.34 -35.16
C GLY G 38 9.34 25.80 -33.84
N GLY G 39 8.74 24.72 -33.34
CA GLY G 39 9.14 24.08 -32.09
C GLY G 39 8.02 23.28 -31.44
N VAL G 40 7.79 23.51 -30.13
CA VAL G 40 6.72 22.84 -29.38
C VAL G 40 5.40 23.49 -29.78
N ALA G 41 4.41 22.65 -30.14
CA ALA G 41 3.13 23.11 -30.63
C ALA G 41 2.14 23.45 -29.53
N LYS G 42 1.47 24.61 -29.67
CA LYS G 42 0.33 24.97 -28.82
C LYS G 42 -0.83 24.05 -29.15
N LEU G 43 -1.56 23.56 -28.13
CA LEU G 43 -2.69 22.66 -28.38
C LEU G 43 -4.03 23.38 -28.13
N TYR G 44 -5.03 23.00 -28.94
CA TYR G 44 -6.35 23.61 -28.88
C TYR G 44 -7.45 22.59 -28.95
N ASN G 45 -8.63 22.93 -28.39
CA ASN G 45 -9.85 22.10 -28.49
C ASN G 45 -10.60 22.50 -29.78
N GLU G 46 -11.76 21.88 -30.11
CA GLU G 46 -12.49 22.21 -31.35
C GLU G 46 -12.96 23.69 -31.38
N ASN G 47 -13.16 24.32 -30.18
CA ASN G 47 -13.58 25.72 -30.05
C ASN G 47 -12.38 26.70 -30.15
N GLY G 48 -11.19 26.16 -30.45
CA GLY G 48 -9.95 26.91 -30.60
C GLY G 48 -9.37 27.46 -29.31
N GLU G 49 -9.77 26.90 -28.15
CA GLU G 49 -9.29 27.32 -26.83
C GLU G 49 -7.96 26.63 -26.54
N TYR G 50 -6.95 27.40 -26.11
CA TYR G 50 -5.62 26.91 -25.79
C TYR G 50 -5.67 25.99 -24.55
N LEU G 51 -5.11 24.78 -24.70
CA LEU G 51 -5.08 23.72 -23.67
C LEU G 51 -3.74 23.60 -22.94
N GLY G 52 -2.71 24.19 -23.53
CA GLY G 52 -1.35 24.10 -23.08
C GLY G 52 -0.53 23.41 -24.17
N ASP G 53 0.70 23.01 -23.84
CA ASP G 53 1.61 22.37 -24.81
C ASP G 53 1.57 20.85 -24.71
N SER G 54 0.79 20.33 -23.77
CA SER G 54 0.53 18.91 -23.53
C SER G 54 -0.89 18.78 -23.06
N TYR G 55 -1.65 17.82 -23.60
CA TYR G 55 -3.03 17.68 -23.15
C TYR G 55 -3.25 16.27 -22.64
N LEU G 56 -3.41 16.16 -21.31
CA LEU G 56 -3.61 14.92 -20.59
C LEU G 56 -4.99 14.91 -19.95
N VAL G 57 -5.84 13.93 -20.33
CA VAL G 57 -7.18 13.76 -19.79
C VAL G 57 -7.28 12.41 -19.09
N ASN G 58 -7.38 12.42 -17.76
CA ASN G 58 -7.55 11.18 -16.98
C ASN G 58 -9.03 10.94 -16.80
N LYS G 59 -9.46 9.67 -16.91
CA LYS G 59 -10.85 9.21 -16.75
C LYS G 59 -11.82 10.09 -17.57
N VAL G 60 -11.65 10.06 -18.90
CA VAL G 60 -12.48 10.78 -19.89
C VAL G 60 -13.95 10.39 -19.67
N THR G 61 -14.81 11.39 -19.37
CA THR G 61 -16.25 11.18 -19.12
C THR G 61 -17.04 11.53 -20.41
N GLU G 62 -16.48 12.40 -21.26
CA GLU G 62 -17.03 12.82 -22.55
C GLU G 62 -16.93 11.67 -23.56
N ASN G 63 -17.90 11.59 -24.49
CA ASN G 63 -17.92 10.55 -25.52
C ASN G 63 -16.96 10.88 -26.66
N LYS G 64 -16.54 12.14 -26.75
CA LYS G 64 -15.64 12.63 -27.78
C LYS G 64 -14.66 13.65 -27.18
N ILE G 65 -13.37 13.47 -27.47
CA ILE G 65 -12.28 14.35 -27.07
C ILE G 65 -11.48 14.67 -28.32
N SER G 66 -11.20 15.95 -28.53
CA SER G 66 -10.45 16.43 -29.68
C SER G 66 -9.28 17.28 -29.24
N CYS G 67 -8.18 17.17 -29.98
CA CYS G 67 -6.98 17.98 -29.75
C CYS G 67 -6.36 18.33 -31.11
N GLN G 68 -5.97 19.62 -31.32
CA GLN G 68 -5.42 20.07 -32.60
C GLN G 68 -4.33 21.14 -32.40
N THR G 69 -3.48 21.30 -33.43
CA THR G 69 -2.43 22.33 -33.49
C THR G 69 -2.91 23.52 -34.34
N GLY G 70 -2.01 24.46 -34.58
CA GLY G 70 -2.21 25.59 -35.48
C GLY G 70 -1.89 25.13 -36.88
N LYS G 71 -1.89 26.05 -37.86
CA LYS G 71 -1.64 25.75 -39.28
C LYS G 71 -0.18 25.28 -39.55
N GLU G 72 0.76 25.51 -38.62
CA GLU G 72 2.17 25.13 -38.82
C GLU G 72 2.55 23.83 -38.07
N GLY G 73 1.54 23.02 -37.73
CA GLY G 73 1.72 21.71 -37.10
C GLY G 73 2.41 20.74 -38.03
N SER G 74 3.36 19.94 -37.49
CA SER G 74 4.12 18.97 -38.30
C SER G 74 3.83 17.51 -37.85
N MSE G 75 3.30 17.32 -36.63
CA MSE G 75 3.02 15.99 -36.09
C MSE G 75 2.21 16.05 -34.81
O MSE G 75 2.40 16.95 -34.01
CB MSE G 75 4.37 15.31 -35.77
CG MSE G 75 4.24 13.84 -35.47
SE MSE G 75 5.47 13.28 -34.08
CE MSE G 75 4.54 14.18 -32.47
N MSE G 76 1.35 15.03 -34.58
CA MSE G 76 0.60 14.86 -33.33
C MSE G 76 0.53 13.38 -32.96
O MSE G 76 0.33 12.55 -33.84
CB MSE G 76 -0.80 15.47 -33.37
CG MSE G 76 -1.53 15.30 -32.03
SE MSE G 76 -3.22 16.16 -31.85
CE MSE G 76 -2.62 17.91 -31.81
N THR G 77 0.69 13.06 -31.67
CA THR G 77 0.61 11.71 -31.14
C THR G 77 -0.43 11.64 -30.03
N CYS G 78 -1.18 10.53 -30.01
CA CYS G 78 -2.16 10.26 -28.97
C CYS G 78 -1.88 8.91 -28.38
N ALA G 79 -1.58 8.89 -27.09
CA ALA G 79 -1.35 7.67 -26.31
C ALA G 79 -2.44 7.51 -25.32
N GLY G 80 -3.00 6.32 -25.25
CA GLY G 80 -4.10 6.05 -24.32
C GLY G 80 -4.01 4.74 -23.56
N SER G 81 -4.76 4.68 -22.47
CA SER G 81 -4.88 3.47 -21.67
C SER G 81 -6.36 3.28 -21.32
N VAL G 82 -6.78 2.03 -21.30
CA VAL G 82 -8.11 1.56 -20.95
C VAL G 82 -7.94 0.57 -19.77
N ILE G 83 -8.55 0.88 -18.64
CA ILE G 83 -8.53 0.05 -17.43
C ILE G 83 -9.98 -0.19 -17.02
N SER G 84 -10.37 -1.45 -16.76
N SER G 84 -10.37 -1.43 -16.66
CA SER G 84 -11.74 -1.81 -16.36
CA SER G 84 -11.75 -1.70 -16.29
C SER G 84 -11.92 -1.66 -14.86
C SER G 84 -11.95 -1.81 -14.76
N THR G 85 -13.03 -1.00 -14.47
N THR G 85 -11.17 -2.68 -14.06
CA THR G 85 -13.42 -0.76 -13.06
CA THR G 85 -11.24 -3.01 -12.62
C THR G 85 -14.63 -1.67 -12.73
C THR G 85 -12.55 -3.80 -12.35
N SER G 86 -14.60 -2.94 -13.21
N SER G 86 -13.68 -3.43 -13.03
CA SER G 86 -15.69 -3.90 -13.01
CA SER G 86 -15.04 -4.02 -12.99
C SER G 86 -15.20 -5.36 -12.90
C SER G 86 -14.98 -5.54 -12.83
N GLU G 87 -15.82 -6.08 -11.95
CA GLU G 87 -15.74 -7.51 -11.63
C GLU G 87 -16.75 -8.34 -12.46
N GLN G 88 -17.55 -7.68 -13.32
CA GLN G 88 -18.52 -8.34 -14.17
C GLN G 88 -17.95 -8.54 -15.57
N ALA G 89 -18.02 -9.78 -16.09
CA ALA G 89 -17.53 -10.13 -17.42
C ALA G 89 -18.55 -9.72 -18.50
N GLY G 90 -18.05 -9.35 -19.69
CA GLY G 90 -18.88 -8.98 -20.82
C GLY G 90 -19.17 -7.51 -21.01
N LYS G 91 -18.61 -6.63 -20.16
CA LYS G 91 -18.77 -5.19 -20.30
C LYS G 91 -17.89 -4.73 -21.46
N LYS G 92 -18.45 -3.97 -22.39
CA LYS G 92 -17.70 -3.56 -23.59
C LYS G 92 -17.48 -2.07 -23.67
N LEU G 93 -16.29 -1.71 -24.19
CA LEU G 93 -15.91 -0.35 -24.50
C LEU G 93 -15.43 -0.34 -25.93
N LYS G 94 -16.04 0.52 -26.75
CA LYS G 94 -15.68 0.71 -28.15
C LYS G 94 -14.93 2.03 -28.25
N ILE G 95 -13.72 1.99 -28.81
CA ILE G 95 -12.84 3.15 -28.96
C ILE G 95 -12.53 3.39 -30.42
N SER G 96 -12.58 4.63 -30.83
CA SER G 96 -12.13 5.03 -32.16
C SER G 96 -11.16 6.19 -31.98
N VAL G 97 -10.01 6.12 -32.67
CA VAL G 97 -8.99 7.17 -32.65
C VAL G 97 -8.76 7.56 -34.09
N ILE G 98 -9.22 8.76 -34.49
CA ILE G 98 -9.07 9.18 -35.89
C ILE G 98 -8.13 10.40 -35.91
N ALA G 99 -7.11 10.33 -36.79
CA ALA G 99 -6.08 11.36 -36.99
C ALA G 99 -6.32 12.09 -38.31
N TYR G 100 -6.19 13.43 -38.27
CA TYR G 100 -6.41 14.32 -39.43
C TYR G 100 -5.26 15.30 -39.63
N ILE G 101 -5.09 15.76 -40.88
CA ILE G 101 -4.19 16.84 -41.29
C ILE G 101 -5.05 17.71 -42.19
N ASP G 102 -5.43 18.91 -41.70
CA ASP G 102 -6.30 19.88 -42.40
C ASP G 102 -7.65 19.21 -42.77
N ASN G 103 -8.27 18.53 -41.76
CA ASN G 103 -9.58 17.85 -41.84
C ASN G 103 -9.61 16.71 -42.94
N LYS G 104 -8.43 16.19 -43.31
CA LYS G 104 -8.24 15.04 -44.18
C LYS G 104 -7.73 13.89 -43.31
N GLU G 105 -8.52 12.81 -43.18
CA GLU G 105 -8.16 11.64 -42.38
C GLU G 105 -6.89 10.99 -42.92
N VAL G 106 -5.89 10.83 -42.03
CA VAL G 106 -4.59 10.27 -42.39
C VAL G 106 -4.33 8.96 -41.64
N ASN G 107 -5.03 8.74 -40.52
CA ASN G 107 -4.88 7.51 -39.75
C ASN G 107 -6.15 7.23 -38.93
N ARG G 108 -6.35 5.95 -38.57
CA ARG G 108 -7.53 5.49 -37.82
C ARG G 108 -7.23 4.21 -37.06
N LEU G 109 -7.71 4.14 -35.82
CA LEU G 109 -7.63 2.95 -34.99
C LEU G 109 -8.99 2.68 -34.38
N GLU G 110 -9.51 1.47 -34.58
CA GLU G 110 -10.78 0.98 -34.06
C GLU G 110 -10.51 -0.16 -33.10
N LYS G 111 -10.92 -0.01 -31.84
CA LYS G 111 -10.70 -1.04 -30.81
C LYS G 111 -11.97 -1.31 -30.02
N GLU G 112 -12.11 -2.56 -29.57
CA GLU G 112 -13.22 -3.00 -28.74
C GLU G 112 -12.65 -3.80 -27.58
N TYR G 113 -12.95 -3.37 -26.34
CA TYR G 113 -12.46 -4.01 -25.11
C TYR G 113 -13.60 -4.69 -24.39
N ILE G 114 -13.39 -5.93 -23.95
CA ILE G 114 -14.42 -6.74 -23.27
C ILE G 114 -13.82 -7.29 -21.97
N THR G 115 -14.51 -7.06 -20.84
CA THR G 115 -14.08 -7.53 -19.52
C THR G 115 -14.27 -9.07 -19.39
N LYS G 116 -13.38 -9.71 -18.59
CA LYS G 116 -13.37 -11.16 -18.36
CA LYS G 116 -13.35 -11.16 -18.35
C LYS G 116 -13.63 -11.51 -16.88
N GLY G 117 -13.74 -10.49 -16.03
CA GLY G 117 -13.97 -10.64 -14.60
C GLY G 117 -12.79 -10.11 -13.79
N SER G 118 -11.59 -10.16 -14.41
CA SER G 118 -10.33 -9.66 -13.86
C SER G 118 -10.05 -8.24 -14.40
N THR G 119 -9.04 -7.57 -13.85
CA THR G 119 -8.67 -6.22 -14.26
C THR G 119 -8.06 -6.26 -15.68
N LEU G 120 -8.65 -5.45 -16.58
CA LEU G 120 -8.28 -5.25 -17.96
C LEU G 120 -7.39 -4.03 -18.03
N VAL G 121 -6.16 -4.21 -18.56
CA VAL G 121 -5.21 -3.12 -18.73
C VAL G 121 -4.77 -3.17 -20.18
N GLU G 122 -5.25 -2.23 -20.97
CA GLU G 122 -4.99 -2.14 -22.39
C GLU G 122 -4.43 -0.77 -22.76
N ASN G 123 -3.63 -0.72 -23.85
CA ASN G 123 -2.97 0.50 -24.31
C ASN G 123 -3.09 0.67 -25.80
N PHE G 124 -2.97 1.93 -26.27
CA PHE G 124 -2.95 2.27 -27.67
C PHE G 124 -2.11 3.52 -27.88
N SER G 125 -1.63 3.68 -29.12
CA SER G 125 -0.84 4.82 -29.57
C SER G 125 -1.11 5.05 -31.04
N VAL G 126 -1.57 6.26 -31.39
CA VAL G 126 -1.89 6.64 -32.79
C VAL G 126 -1.29 8.02 -33.07
N SER G 127 -0.75 8.24 -34.27
CA SER G 127 -0.21 9.56 -34.64
C SER G 127 -0.61 9.90 -36.05
N THR G 128 -0.50 11.19 -36.39
CA THR G 128 -0.88 11.71 -37.70
C THR G 128 0.18 11.41 -38.76
N THR G 129 1.44 11.11 -38.35
CA THR G 129 2.57 10.88 -39.26
C THR G 129 3.11 9.41 -39.23
N SER G 130 2.29 8.44 -38.76
CA SER G 130 2.65 7.03 -38.75
C SER G 130 2.79 6.53 -40.18
N VAL G 131 3.92 5.89 -40.50
CA VAL G 131 4.20 5.38 -41.85
C VAL G 131 3.61 3.97 -41.98
N GLU G 132 2.86 3.72 -43.10
CA GLU G 132 2.17 2.46 -43.38
C GLU G 132 3.17 1.34 -43.68
N ASN H 8 19.54 -6.32 -48.41
CA ASN H 8 18.65 -5.27 -47.87
C ASN H 8 17.92 -5.76 -46.63
N THR H 9 17.84 -4.87 -45.62
CA THR H 9 17.20 -5.11 -44.33
C THR H 9 15.74 -4.59 -44.37
N THR H 10 15.35 -3.85 -45.43
CA THR H 10 14.02 -3.28 -45.58
C THR H 10 13.05 -4.37 -46.08
N GLY H 11 11.91 -4.49 -45.40
CA GLY H 11 10.86 -5.45 -45.70
C GLY H 11 9.80 -5.53 -44.61
N VAL H 12 9.01 -6.60 -44.62
CA VAL H 12 7.97 -6.81 -43.60
C VAL H 12 8.65 -7.44 -42.39
N HIS H 13 8.91 -6.63 -41.37
CA HIS H 13 9.49 -7.04 -40.09
C HIS H 13 8.36 -7.59 -39.23
N LYS H 14 8.54 -8.82 -38.72
CA LYS H 14 7.51 -9.53 -37.94
C LYS H 14 8.15 -10.29 -36.79
N ILE H 15 7.50 -10.27 -35.61
CA ILE H 15 7.95 -11.02 -34.45
C ILE H 15 6.74 -11.81 -33.93
N VAL H 16 6.93 -13.12 -33.75
CA VAL H 16 5.92 -14.02 -33.21
C VAL H 16 6.40 -14.50 -31.83
N VAL H 17 5.53 -14.37 -30.83
CA VAL H 17 5.78 -14.87 -29.46
C VAL H 17 4.83 -16.03 -29.24
N GLU H 18 5.38 -17.17 -28.81
CA GLU H 18 4.59 -18.38 -28.53
C GLU H 18 4.87 -18.81 -27.08
N GLN H 19 3.82 -19.30 -26.41
CA GLN H 19 3.94 -19.81 -25.04
C GLN H 19 3.27 -21.17 -24.94
N SER H 20 3.83 -22.03 -24.08
CA SER H 20 3.27 -23.36 -23.81
C SER H 20 3.67 -23.76 -22.39
N GLY H 21 3.02 -24.80 -21.87
CA GLY H 21 3.26 -25.30 -20.53
C GLY H 21 2.16 -24.89 -19.57
N ASN H 22 2.56 -24.53 -18.34
CA ASN H 22 1.66 -24.07 -17.28
C ASN H 22 1.36 -22.59 -17.47
N THR H 23 0.74 -22.24 -18.61
CA THR H 23 0.42 -20.86 -19.01
C THR H 23 -0.51 -20.17 -18.01
N ASP H 24 -1.26 -20.93 -17.24
CA ASP H 24 -2.21 -20.45 -16.22
C ASP H 24 -1.48 -19.95 -14.95
N ASP H 25 -0.24 -20.39 -14.73
CA ASP H 25 0.51 -20.07 -13.51
C ASP H 25 1.50 -18.93 -13.71
N PHE H 26 1.43 -18.26 -14.85
CA PHE H 26 2.28 -17.13 -15.20
C PHE H 26 1.51 -16.02 -15.84
N ASP H 27 2.10 -14.81 -15.78
CA ASP H 27 1.67 -13.60 -16.48
C ASP H 27 2.73 -13.23 -17.51
N LEU H 28 2.36 -13.27 -18.79
CA LEU H 28 3.23 -12.90 -19.93
C LEU H 28 2.79 -11.56 -20.44
N ASN H 29 3.69 -10.57 -20.37
CA ASN H 29 3.46 -9.20 -20.82
C ASN H 29 4.44 -8.91 -21.95
N ILE H 30 3.94 -8.53 -23.11
CA ILE H 30 4.83 -8.30 -24.24
C ILE H 30 4.51 -6.94 -24.86
N ALA H 31 5.55 -6.28 -25.36
CA ALA H 31 5.49 -4.97 -25.99
C ALA H 31 6.27 -4.99 -27.28
N PHE H 32 5.66 -4.49 -28.34
CA PHE H 32 6.27 -4.41 -29.68
C PHE H 32 6.37 -2.98 -30.14
N GLY H 33 7.45 -2.72 -30.87
CA GLY H 33 7.77 -1.43 -31.43
C GLY H 33 8.57 -1.62 -32.68
N ALA H 34 8.35 -0.76 -33.67
CA ALA H 34 9.05 -0.87 -34.94
C ALA H 34 9.38 0.48 -35.57
N ALA H 35 10.28 0.42 -36.55
CA ALA H 35 10.73 1.56 -37.34
C ALA H 35 10.54 1.28 -38.81
N ASN H 36 10.15 2.31 -39.56
CA ASN H 36 10.01 2.30 -41.01
C ASN H 36 11.11 3.16 -41.58
N THR H 37 11.30 3.10 -42.90
CA THR H 37 12.30 3.95 -43.58
C THR H 37 11.82 5.41 -43.49
N GLY H 38 10.49 5.62 -43.43
CA GLY H 38 9.86 6.93 -43.31
C GLY H 38 9.76 7.53 -41.92
N GLY H 39 9.70 6.68 -40.89
CA GLY H 39 9.60 7.12 -39.50
C GLY H 39 9.05 6.05 -38.57
N VAL H 40 8.04 6.40 -37.72
CA VAL H 40 7.41 5.45 -36.79
C VAL H 40 6.49 4.56 -37.60
N ALA H 41 6.64 3.24 -37.42
CA ALA H 41 5.92 2.23 -38.18
C ALA H 41 4.55 1.91 -37.61
N LYS H 42 3.56 1.79 -38.52
CA LYS H 42 2.23 1.30 -38.20
C LYS H 42 2.36 -0.20 -37.94
N LEU H 43 1.70 -0.72 -36.90
CA LEU H 43 1.81 -2.14 -36.56
C LEU H 43 0.53 -2.86 -36.91
N TYR H 44 0.66 -4.10 -37.43
CA TYR H 44 -0.46 -4.91 -37.91
C TYR H 44 -0.40 -6.33 -37.38
N ASN H 45 -1.57 -6.96 -37.25
CA ASN H 45 -1.67 -8.36 -36.86
C ASN H 45 -1.51 -9.20 -38.14
N GLU H 46 -1.52 -10.54 -38.02
CA GLU H 46 -1.35 -11.47 -39.16
C GLU H 46 -2.53 -11.35 -40.14
N ASN H 47 -3.68 -10.76 -39.72
CA ASN H 47 -4.86 -10.50 -40.56
C ASN H 47 -4.75 -9.12 -41.27
N GLY H 48 -3.64 -8.41 -41.04
CA GLY H 48 -3.38 -7.09 -41.61
C GLY H 48 -4.19 -5.95 -41.04
N GLU H 49 -4.72 -6.12 -39.81
CA GLU H 49 -5.49 -5.09 -39.13
C GLU H 49 -4.55 -4.19 -38.33
N TYR H 50 -4.72 -2.88 -38.43
CA TYR H 50 -3.89 -1.88 -37.72
C TYR H 50 -4.10 -1.97 -36.19
N LEU H 51 -2.99 -2.09 -35.45
CA LEU H 51 -2.96 -2.24 -33.99
C LEU H 51 -2.60 -0.95 -33.25
N GLY H 52 -2.01 0.01 -33.97
CA GLY H 52 -1.52 1.27 -33.44
C GLY H 52 -0.03 1.35 -33.73
N ASP H 53 0.68 2.34 -33.15
CA ASP H 53 2.11 2.54 -33.38
C ASP H 53 2.97 1.86 -32.32
N SER H 54 2.33 1.33 -31.28
CA SER H 54 2.90 0.53 -30.21
C SER H 54 1.92 -0.60 -29.92
N TYR H 55 2.39 -1.83 -29.76
CA TYR H 55 1.47 -2.91 -29.45
C TYR H 55 1.88 -3.55 -28.13
N LEU H 56 1.09 -3.30 -27.10
CA LEU H 56 1.31 -3.78 -25.75
C LEU H 56 0.20 -4.73 -25.33
N VAL H 57 0.56 -5.99 -25.00
CA VAL H 57 -0.39 -7.02 -24.56
C VAL H 57 -0.03 -7.43 -23.14
N ASN H 58 -0.91 -7.11 -22.19
CA ASN H 58 -0.71 -7.49 -20.79
CA ASN H 58 -0.78 -7.46 -20.77
C ASN H 58 -1.45 -8.81 -20.55
N LYS H 59 -0.82 -9.74 -19.80
CA LYS H 59 -1.34 -11.07 -19.44
C LYS H 59 -1.90 -11.79 -20.68
N VAL H 60 -1.00 -12.10 -21.64
CA VAL H 60 -1.29 -12.80 -22.89
C VAL H 60 -1.97 -14.15 -22.58
N THR H 61 -3.22 -14.36 -23.07
CA THR H 61 -3.95 -15.61 -22.84
C THR H 61 -3.85 -16.52 -24.09
N GLU H 62 -3.59 -15.92 -25.26
CA GLU H 62 -3.38 -16.65 -26.52
C GLU H 62 -2.02 -17.38 -26.49
N ASN H 63 -1.92 -18.51 -27.19
CA ASN H 63 -0.67 -19.29 -27.23
C ASN H 63 0.31 -18.68 -28.22
N LYS H 64 -0.17 -17.80 -29.11
CA LYS H 64 0.62 -17.15 -30.15
C LYS H 64 0.17 -15.70 -30.33
N ILE H 65 1.13 -14.76 -30.34
CA ILE H 65 0.89 -13.32 -30.57
C ILE H 65 1.89 -12.87 -31.62
N SER H 66 1.35 -12.26 -32.66
CA SER H 66 2.11 -11.79 -33.81
C SER H 66 1.95 -10.27 -34.01
N CYS H 67 3.03 -9.63 -34.43
CA CYS H 67 3.06 -8.22 -34.76
C CYS H 67 3.98 -8.01 -35.99
N GLN H 68 3.52 -7.22 -36.99
CA GLN H 68 4.28 -6.96 -38.23
C GLN H 68 4.14 -5.48 -38.70
N THR H 69 5.10 -5.04 -39.54
CA THR H 69 5.11 -3.72 -40.19
C THR H 69 4.62 -3.84 -41.64
N GLY H 70 4.70 -2.72 -42.37
CA GLY H 70 4.43 -2.69 -43.80
C GLY H 70 5.69 -3.12 -44.55
N LYS H 71 5.66 -3.06 -45.88
CA LYS H 71 6.79 -3.45 -46.74
C LYS H 71 8.05 -2.56 -46.56
N GLU H 72 7.90 -1.35 -45.96
CA GLU H 72 9.00 -0.40 -45.78
C GLU H 72 9.57 -0.42 -44.33
N GLY H 73 9.31 -1.50 -43.59
CA GLY H 73 9.82 -1.71 -42.24
C GLY H 73 11.33 -1.87 -42.26
N SER H 74 12.03 -1.27 -41.28
CA SER H 74 13.49 -1.32 -41.18
C SER H 74 13.96 -2.04 -39.91
N MSE H 75 13.07 -2.18 -38.91
CA MSE H 75 13.40 -2.81 -37.63
C MSE H 75 12.17 -3.06 -36.77
O MSE H 75 11.25 -2.25 -36.79
CB MSE H 75 14.35 -1.88 -36.85
CG MSE H 75 14.99 -2.53 -35.67
SE MSE H 75 15.21 -1.30 -34.24
CE MSE H 75 13.21 -1.12 -33.68
N MSE H 76 12.18 -4.13 -35.97
CA MSE H 76 11.16 -4.42 -34.97
C MSE H 76 11.80 -5.00 -33.70
O MSE H 76 12.71 -5.81 -33.78
CB MSE H 76 10.06 -5.36 -35.48
CG MSE H 76 8.99 -5.60 -34.40
SE MSE H 76 7.46 -6.59 -34.86
CE MSE H 76 6.66 -5.27 -36.03
N THR H 77 11.31 -4.55 -32.54
CA THR H 77 11.76 -5.01 -31.23
C THR H 77 10.57 -5.54 -30.42
N CYS H 78 10.82 -6.64 -29.71
CA CYS H 78 9.85 -7.25 -28.83
C CYS H 78 10.46 -7.37 -27.46
N ALA H 79 9.85 -6.72 -26.48
CA ALA H 79 10.26 -6.76 -25.10
C ALA H 79 9.19 -7.46 -24.31
N GLY H 80 9.60 -8.39 -23.45
CA GLY H 80 8.63 -9.11 -22.64
C GLY H 80 9.02 -9.31 -21.20
N SER H 81 8.03 -9.58 -20.36
CA SER H 81 8.23 -9.91 -18.97
C SER H 81 7.37 -11.12 -18.63
N VAL H 82 7.92 -11.97 -17.77
CA VAL H 82 7.31 -13.19 -17.26
C VAL H 82 7.31 -13.09 -15.73
N ILE H 83 6.11 -13.13 -15.13
CA ILE H 83 5.93 -13.09 -13.68
C ILE H 83 5.09 -14.31 -13.30
N SER H 84 5.54 -15.05 -12.27
N SER H 84 5.44 -14.98 -12.19
CA SER H 84 4.82 -16.23 -11.78
CA SER H 84 4.67 -16.14 -11.75
C SER H 84 3.81 -15.81 -10.76
C SER H 84 3.66 -15.75 -10.64
N THR H 85 2.62 -16.40 -10.85
N THR H 85 4.15 -15.44 -9.41
CA THR H 85 1.46 -16.15 -9.99
CA THR H 85 3.40 -15.14 -8.17
C THR H 85 1.18 -17.41 -9.12
C THR H 85 2.87 -16.50 -7.59
N SER H 86 2.17 -18.34 -9.01
N SER H 86 2.85 -17.58 -8.42
CA SER H 86 2.04 -19.59 -8.25
CA SER H 86 2.46 -18.96 -8.09
C SER H 86 3.11 -19.73 -7.17
C SER H 86 3.29 -19.44 -6.91
N GLU H 87 2.69 -20.19 -5.97
CA GLU H 87 3.47 -20.56 -4.78
C GLU H 87 3.97 -22.02 -4.87
N GLN H 88 3.67 -22.69 -5.99
CA GLN H 88 4.08 -24.06 -6.23
C GLN H 88 5.31 -24.08 -7.12
N ALA H 89 6.35 -24.80 -6.69
CA ALA H 89 7.61 -24.96 -7.42
C ALA H 89 7.48 -26.00 -8.54
N GLY H 90 8.20 -25.78 -9.64
CA GLY H 90 8.21 -26.68 -10.77
C GLY H 90 7.25 -26.40 -11.90
N LYS H 91 6.50 -25.28 -11.81
CA LYS H 91 5.58 -24.87 -12.87
C LYS H 91 6.42 -24.29 -13.98
N LYS H 92 6.23 -24.76 -15.22
CA LYS H 92 7.07 -24.35 -16.35
C LYS H 92 6.32 -23.54 -17.41
N LEU H 93 7.02 -22.54 -17.98
CA LEU H 93 6.56 -21.71 -19.09
C LEU H 93 7.61 -21.72 -20.21
N LYS H 94 7.26 -22.32 -21.37
CA LYS H 94 8.13 -22.37 -22.53
C LYS H 94 7.78 -21.20 -23.43
N ILE H 95 8.78 -20.37 -23.73
CA ILE H 95 8.63 -19.18 -24.56
C ILE H 95 9.53 -19.30 -25.79
N SER H 96 8.96 -19.00 -26.97
CA SER H 96 9.74 -18.92 -28.19
C SER H 96 9.42 -17.59 -28.86
N VAL H 97 10.46 -16.84 -29.17
CA VAL H 97 10.34 -15.51 -29.79
C VAL H 97 11.06 -15.62 -31.11
N ILE H 98 10.29 -15.62 -32.22
CA ILE H 98 10.90 -15.76 -33.55
C ILE H 98 10.68 -14.47 -34.33
N ALA H 99 11.78 -13.94 -34.91
CA ALA H 99 11.81 -12.72 -35.70
C ALA H 99 11.98 -13.03 -37.18
N TYR H 100 11.20 -12.34 -38.03
CA TYR H 100 11.20 -12.53 -39.49
C TYR H 100 11.35 -11.21 -40.25
N ILE H 101 11.88 -11.28 -41.47
CA ILE H 101 11.96 -10.18 -42.43
C ILE H 101 11.50 -10.81 -43.72
N ASP H 102 10.30 -10.42 -44.19
CA ASP H 102 9.63 -10.95 -45.40
C ASP H 102 9.48 -12.50 -45.29
N ASN H 103 8.97 -12.98 -44.12
CA ASN H 103 8.67 -14.38 -43.78
C ASN H 103 9.95 -15.29 -43.82
N LYS H 104 11.15 -14.67 -43.70
CA LYS H 104 12.44 -15.35 -43.59
C LYS H 104 12.95 -15.12 -42.16
N GLU H 105 13.12 -16.20 -41.37
CA GLU H 105 13.57 -16.12 -39.97
C GLU H 105 14.98 -15.52 -39.91
N VAL H 106 15.14 -14.46 -39.10
CA VAL H 106 16.39 -13.73 -38.96
C VAL H 106 16.91 -13.84 -37.51
N ASN H 107 16.01 -14.10 -36.54
CA ASN H 107 16.41 -14.23 -35.15
C ASN H 107 15.44 -15.13 -34.39
N ARG H 108 15.90 -15.70 -33.26
CA ARG H 108 15.13 -16.61 -32.43
C ARG H 108 15.67 -16.64 -30.99
N LEU H 109 14.75 -16.64 -30.03
CA LEU H 109 15.05 -16.81 -28.61
C LEU H 109 14.15 -17.88 -28.05
N GLU H 110 14.78 -18.90 -27.43
CA GLU H 110 14.09 -20.01 -26.77
C GLU H 110 14.37 -19.96 -25.29
N LYS H 111 13.32 -19.82 -24.47
CA LYS H 111 13.44 -19.71 -23.02
CA LYS H 111 13.47 -19.74 -23.03
C LYS H 111 12.45 -20.62 -22.33
N GLU H 112 12.84 -21.11 -21.14
CA GLU H 112 12.02 -21.94 -20.30
C GLU H 112 12.12 -21.42 -18.87
N TYR H 113 10.98 -21.07 -18.28
CA TYR H 113 10.92 -20.53 -16.92
C TYR H 113 10.33 -21.54 -15.99
N ILE H 114 10.98 -21.77 -14.84
CA ILE H 114 10.54 -22.75 -13.85
C ILE H 114 10.43 -22.04 -12.48
N THR H 115 9.27 -22.17 -11.83
CA THR H 115 9.01 -21.57 -10.53
C THR H 115 9.79 -22.32 -9.43
N LYS H 116 10.19 -21.61 -8.37
CA LYS H 116 10.97 -22.14 -7.24
C LYS H 116 10.20 -22.06 -5.89
N GLY H 117 9.00 -21.50 -5.93
CA GLY H 117 8.16 -21.31 -4.74
C GLY H 117 7.97 -19.84 -4.44
N SER H 118 8.97 -19.03 -4.80
CA SER H 118 8.99 -17.57 -4.66
C SER H 118 8.55 -16.92 -5.98
N THR H 119 8.31 -15.60 -5.96
CA THR H 119 7.88 -14.88 -7.15
C THR H 119 9.05 -14.81 -8.16
N LEU H 120 8.77 -15.25 -9.39
CA LEU H 120 9.67 -15.25 -10.53
C LEU H 120 9.40 -14.00 -11.35
N VAL H 121 10.44 -13.19 -11.55
CA VAL H 121 10.37 -11.98 -12.35
C VAL H 121 11.49 -12.07 -13.35
N GLU H 122 11.13 -12.33 -14.60
CA GLU H 122 12.07 -12.51 -15.70
C GLU H 122 11.74 -11.58 -16.86
N ASN H 123 12.75 -11.22 -17.66
CA ASN H 123 12.60 -10.31 -18.81
C ASN H 123 13.32 -10.85 -20.03
N PHE H 124 12.88 -10.40 -21.22
CA PHE H 124 13.53 -10.75 -22.48
C PHE H 124 13.34 -9.61 -23.47
N SER H 125 14.25 -9.54 -24.46
CA SER H 125 14.21 -8.55 -25.51
C SER H 125 14.83 -9.15 -26.75
N VAL H 126 14.05 -9.21 -27.86
CA VAL H 126 14.45 -9.78 -29.15
C VAL H 126 14.11 -8.80 -30.27
N SER H 127 15.03 -8.63 -31.22
CA SER H 127 14.85 -7.71 -32.34
C SER H 127 15.12 -8.44 -33.68
N THR H 128 14.61 -7.89 -34.81
CA THR H 128 14.84 -8.44 -36.15
C THR H 128 16.21 -8.05 -36.70
N THR H 129 16.84 -6.99 -36.12
CA THR H 129 18.12 -6.44 -36.57
C THR H 129 19.27 -6.60 -35.54
N SER H 130 19.13 -7.55 -34.59
CA SER H 130 20.16 -7.81 -33.57
C SER H 130 21.41 -8.36 -34.24
N VAL H 131 22.58 -7.76 -33.94
CA VAL H 131 23.85 -8.18 -34.52
C VAL H 131 24.44 -9.28 -33.63
N GLU H 132 24.87 -10.40 -34.27
CA GLU H 132 25.42 -11.59 -33.63
C GLU H 132 26.78 -11.31 -32.99
N ASN I 8 42.02 -0.63 -31.40
CA ASN I 8 40.61 -0.86 -31.67
C ASN I 8 39.88 -1.25 -30.38
N THR I 9 38.68 -0.69 -30.20
CA THR I 9 37.77 -0.91 -29.06
C THR I 9 36.76 -2.02 -29.43
N THR I 10 36.76 -2.48 -30.72
CA THR I 10 35.85 -3.52 -31.21
C THR I 10 36.42 -4.90 -30.83
N GLY I 11 35.56 -5.72 -30.24
CA GLY I 11 35.89 -7.07 -29.79
C GLY I 11 34.79 -7.68 -28.95
N VAL I 12 35.11 -8.73 -28.19
CA VAL I 12 34.15 -9.37 -27.31
C VAL I 12 34.11 -8.57 -26.00
N HIS I 13 33.07 -7.75 -25.85
CA HIS I 13 32.80 -6.96 -24.65
C HIS I 13 32.09 -7.84 -23.65
N LYS I 14 32.66 -7.93 -22.44
CA LYS I 14 32.17 -8.82 -21.37
C LYS I 14 32.23 -8.12 -20.02
N ILE I 15 31.20 -8.31 -19.20
CA ILE I 15 31.16 -7.78 -17.84
C ILE I 15 30.78 -8.96 -16.92
N VAL I 16 31.61 -9.18 -15.89
CA VAL I 16 31.40 -10.20 -14.86
C VAL I 16 31.06 -9.49 -13.53
N VAL I 17 29.97 -9.91 -12.92
CA VAL I 17 29.50 -9.43 -11.61
C VAL I 17 29.68 -10.59 -10.63
N GLU I 18 30.39 -10.32 -9.51
CA GLU I 18 30.61 -11.30 -8.45
C GLU I 18 30.13 -10.77 -7.13
N GLN I 19 29.50 -11.64 -6.32
CA GLN I 19 29.03 -11.28 -4.98
C GLN I 19 29.50 -12.30 -3.97
N SER I 20 29.78 -11.83 -2.75
CA SER I 20 30.18 -12.70 -1.65
C SER I 20 29.74 -12.06 -0.33
N GLY I 21 29.73 -12.86 0.73
CA GLY I 21 29.34 -12.44 2.07
C GLY I 21 27.97 -12.95 2.42
N ASN I 22 27.18 -12.10 3.07
CA ASN I 22 25.81 -12.39 3.50
C ASN I 22 24.84 -12.17 2.35
N THR I 23 25.04 -12.93 1.25
CA THR I 23 24.27 -12.82 0.00
C THR I 23 22.75 -13.08 0.22
N ASP I 24 22.38 -13.80 1.28
CA ASP I 24 21.00 -14.11 1.62
C ASP I 24 20.25 -12.89 2.20
N ASP I 25 21.00 -11.89 2.73
CA ASP I 25 20.42 -10.74 3.41
C ASP I 25 20.32 -9.51 2.49
N PHE I 26 20.56 -9.70 1.19
CA PHE I 26 20.48 -8.66 0.17
C PHE I 26 19.78 -9.14 -1.08
N ASP I 27 19.26 -8.20 -1.87
CA ASP I 27 18.71 -8.39 -3.22
C ASP I 27 19.62 -7.68 -4.21
N LEU I 28 20.28 -8.43 -5.11
CA LEU I 28 21.14 -7.88 -6.16
C LEU I 28 20.39 -7.96 -7.48
N ASN I 29 20.16 -6.82 -8.10
CA ASN I 29 19.45 -6.69 -9.39
C ASN I 29 20.41 -6.08 -10.38
N ILE I 30 20.67 -6.77 -11.49
CA ILE I 30 21.64 -6.27 -12.46
C ILE I 30 21.00 -6.30 -13.86
N ALA I 31 21.35 -5.30 -14.65
CA ALA I 31 20.89 -5.15 -16.02
C ALA I 31 22.09 -4.91 -16.93
N PHE I 32 22.17 -5.64 -18.03
CA PHE I 32 23.21 -5.53 -19.03
C PHE I 32 22.64 -5.09 -20.36
N GLY I 33 23.40 -4.27 -21.06
CA GLY I 33 23.06 -3.77 -22.38
C GLY I 33 24.32 -3.57 -23.16
N ALA I 34 24.27 -3.79 -24.48
CA ALA I 34 25.43 -3.63 -25.31
C ALA I 34 25.10 -3.12 -26.70
N ALA I 35 26.16 -2.74 -27.43
CA ALA I 35 26.12 -2.23 -28.80
C ALA I 35 27.18 -2.90 -29.66
N ASN I 36 26.83 -3.18 -30.92
CA ASN I 36 27.74 -3.73 -31.92
C ASN I 36 28.03 -2.66 -32.95
N THR I 37 28.99 -2.93 -33.85
CA THR I 37 29.34 -2.00 -34.92
C THR I 37 28.16 -1.91 -35.91
N GLY I 38 27.33 -2.96 -35.98
CA GLY I 38 26.15 -3.02 -36.84
C GLY I 38 24.88 -2.43 -36.25
N GLY I 39 24.75 -2.47 -34.92
CA GLY I 39 23.58 -1.95 -34.22
C GLY I 39 23.44 -2.51 -32.81
N VAL I 40 22.24 -3.06 -32.48
CA VAL I 40 21.94 -3.64 -31.16
C VAL I 40 22.66 -4.99 -31.08
N ALA I 41 23.38 -5.22 -29.98
CA ALA I 41 24.21 -6.40 -29.78
C ALA I 41 23.46 -7.57 -29.12
N LYS I 42 23.62 -8.77 -29.72
CA LYS I 42 23.11 -10.01 -29.14
C LYS I 42 23.90 -10.31 -27.88
N LEU I 43 23.25 -10.73 -26.80
CA LEU I 43 23.98 -10.99 -25.56
C LEU I 43 24.06 -12.49 -25.34
N TYR I 44 25.18 -12.95 -24.73
CA TYR I 44 25.48 -14.36 -24.50
C TYR I 44 26.05 -14.61 -23.11
N ASN I 45 25.84 -15.83 -22.57
CA ASN I 45 26.44 -16.27 -21.31
C ASN I 45 27.84 -16.85 -21.59
N GLU I 46 28.56 -17.33 -20.53
CA GLU I 46 29.90 -17.92 -20.62
CA GLU I 46 29.91 -17.91 -20.66
C GLU I 46 29.93 -19.12 -21.60
N ASN I 47 28.79 -19.86 -21.72
CA ASN I 47 28.62 -21.04 -22.57
C ASN I 47 28.19 -20.69 -24.02
N GLY I 48 28.15 -19.38 -24.33
CA GLY I 48 27.79 -18.88 -25.65
C GLY I 48 26.32 -19.00 -26.03
N GLU I 49 25.45 -19.16 -25.03
CA GLU I 49 24.01 -19.27 -25.22
C GLU I 49 23.40 -17.86 -25.30
N TYR I 50 22.56 -17.62 -26.32
CA TYR I 50 21.90 -16.34 -26.56
C TYR I 50 20.88 -16.05 -25.42
N LEU I 51 21.01 -14.86 -24.81
CA LEU I 51 20.18 -14.41 -23.67
C LEU I 51 19.09 -13.41 -24.09
N GLY I 52 19.25 -12.84 -25.27
CA GLY I 52 18.39 -11.78 -25.80
C GLY I 52 19.24 -10.54 -26.04
N ASP I 53 18.61 -9.40 -26.31
CA ASP I 53 19.32 -8.14 -26.61
C ASP I 53 19.47 -7.25 -25.38
N SER I 54 18.88 -7.68 -24.26
CA SER I 54 18.97 -7.06 -22.94
C SER I 54 18.99 -8.17 -21.93
N TYR I 55 19.88 -8.11 -20.93
CA TYR I 55 19.91 -9.18 -19.94
C TYR I 55 19.68 -8.59 -18.56
N LEU I 56 18.51 -8.86 -18.02
CA LEU I 56 18.04 -8.36 -16.73
C LEU I 56 17.86 -9.51 -15.76
N VAL I 57 18.61 -9.50 -14.65
CA VAL I 57 18.55 -10.54 -13.62
C VAL I 57 18.09 -9.89 -12.30
N ASN I 58 16.88 -10.22 -11.84
CA ASN I 58 16.39 -9.74 -10.54
C ASN I 58 16.74 -10.77 -9.48
N LYS I 59 17.15 -10.29 -8.30
CA LYS I 59 17.52 -11.10 -7.13
C LYS I 59 18.48 -12.24 -7.53
N VAL I 60 19.68 -11.87 -8.01
CA VAL I 60 20.78 -12.77 -8.41
C VAL I 60 21.14 -13.70 -7.25
N THR I 61 21.02 -15.02 -7.47
CA THR I 61 21.29 -16.05 -6.45
C THR I 61 22.71 -16.64 -6.68
N GLU I 62 23.22 -16.57 -7.92
CA GLU I 62 24.55 -17.03 -8.30
C GLU I 62 25.62 -16.07 -7.76
N ASN I 63 26.81 -16.61 -7.45
CA ASN I 63 27.92 -15.83 -6.94
C ASN I 63 28.66 -15.10 -8.06
N LYS I 64 28.48 -15.52 -9.33
CA LYS I 64 29.12 -14.93 -10.51
C LYS I 64 28.14 -14.95 -11.69
N ILE I 65 27.87 -13.78 -12.27
CA ILE I 65 27.02 -13.57 -13.44
C ILE I 65 27.87 -12.94 -14.50
N SER I 66 27.81 -13.49 -15.71
CA SER I 66 28.58 -13.02 -16.84
C SER I 66 27.66 -12.71 -18.03
N CYS I 67 28.02 -11.69 -18.79
CA CYS I 67 27.31 -11.31 -19.99
C CYS I 67 28.35 -10.81 -21.02
N GLN I 68 28.24 -11.27 -22.29
CA GLN I 68 29.19 -10.89 -23.35
C GLN I 68 28.49 -10.72 -24.71
N THR I 69 29.16 -10.01 -25.63
CA THR I 69 28.75 -9.79 -27.02
C THR I 69 29.51 -10.73 -27.94
N GLY I 70 29.29 -10.56 -29.24
CA GLY I 70 30.01 -11.26 -30.29
C GLY I 70 31.31 -10.51 -30.55
N LYS I 71 32.09 -10.95 -31.55
CA LYS I 71 33.38 -10.34 -31.93
C LYS I 71 33.27 -8.88 -32.40
N GLU I 72 32.06 -8.43 -32.82
CA GLU I 72 31.84 -7.09 -33.38
C GLU I 72 31.26 -6.11 -32.34
N GLY I 73 31.39 -6.44 -31.05
CA GLY I 73 30.95 -5.61 -29.94
C GLY I 73 31.72 -4.31 -29.89
N SER I 74 31.02 -3.20 -29.58
CA SER I 74 31.66 -1.89 -29.50
C SER I 74 31.55 -1.31 -28.08
N MSE I 75 30.58 -1.79 -27.26
CA MSE I 75 30.34 -1.29 -25.92
C MSE I 75 29.40 -2.19 -25.11
O MSE I 75 28.47 -2.75 -25.68
CB MSE I 75 29.70 0.10 -26.03
CG MSE I 75 29.64 0.85 -24.74
SE MSE I 75 28.00 1.87 -24.56
CE MSE I 75 26.71 0.33 -24.27
N MSE I 76 29.60 -2.28 -23.79
CA MSE I 76 28.70 -2.95 -22.86
C MSE I 76 28.57 -2.16 -21.57
O MSE I 76 29.57 -1.63 -21.08
CB MSE I 76 29.12 -4.40 -22.57
CG MSE I 76 28.12 -5.08 -21.62
SE MSE I 76 28.36 -6.94 -21.29
CE MSE I 76 27.85 -7.56 -22.98
N THR I 77 27.35 -2.08 -21.03
CA THR I 77 27.04 -1.38 -19.77
C THR I 77 26.37 -2.34 -18.81
N CYS I 78 26.73 -2.23 -17.54
CA CYS I 78 26.14 -3.00 -16.47
C CYS I 78 25.65 -2.03 -15.39
N ALA I 79 24.33 -2.03 -15.15
CA ALA I 79 23.71 -1.22 -14.11
C ALA I 79 23.16 -2.14 -13.07
N GLY I 80 23.42 -1.84 -11.81
CA GLY I 80 22.93 -2.67 -10.72
C GLY I 80 22.37 -1.95 -9.54
N SER I 81 21.58 -2.65 -8.75
CA SER I 81 21.02 -2.14 -7.50
C SER I 81 21.18 -3.21 -6.43
N VAL I 82 21.43 -2.75 -5.21
CA VAL I 82 21.60 -3.55 -4.01
C VAL I 82 20.60 -3.04 -3.00
N ILE I 83 19.69 -3.90 -2.58
CA ILE I 83 18.68 -3.60 -1.57
C ILE I 83 18.85 -4.63 -0.45
N SER I 84 18.97 -4.19 0.81
N SER I 84 18.74 -4.24 0.83
CA SER I 84 19.11 -5.11 1.94
CA SER I 84 18.84 -5.22 1.90
C SER I 84 17.75 -5.41 2.54
C SER I 84 17.45 -5.56 2.50
N THR I 85 17.48 -6.72 2.71
N THR I 85 16.84 -4.60 3.29
CA THR I 85 16.23 -7.30 3.19
CA THR I 85 15.57 -4.67 4.05
C THR I 85 16.28 -7.65 4.72
C THR I 85 15.82 -5.44 5.38
N SER I 86 17.38 -7.33 5.43
N SER I 86 16.92 -6.25 5.45
CA SER I 86 17.56 -7.66 6.86
CA SER I 86 17.35 -7.04 6.61
C SER I 86 17.42 -6.45 7.81
C SER I 86 17.32 -6.18 7.86
N GLU I 87 16.75 -6.68 8.98
CA GLU I 87 16.60 -5.79 10.13
C GLU I 87 17.81 -5.88 11.06
N GLN I 88 18.81 -6.73 10.72
CA GLN I 88 20.02 -6.90 11.52
C GLN I 88 21.16 -6.11 10.91
N ALA I 89 21.84 -5.30 11.75
CA ALA I 89 22.96 -4.47 11.36
C ALA I 89 24.26 -5.28 11.27
N GLY I 90 25.15 -4.90 10.36
CA GLY I 90 26.44 -5.54 10.20
C GLY I 90 26.54 -6.64 9.16
N LYS I 91 25.44 -6.90 8.42
CA LYS I 91 25.45 -7.89 7.35
C LYS I 91 26.17 -7.25 6.15
N LYS I 92 27.15 -7.97 5.58
CA LYS I 92 27.97 -7.43 4.50
C LYS I 92 27.78 -8.14 3.17
N LEU I 93 27.86 -7.35 2.10
CA LEU I 93 27.83 -7.80 0.71
C LEU I 93 29.00 -7.19 0.00
N LYS I 94 29.85 -8.05 -0.58
CA LYS I 94 31.01 -7.64 -1.37
C LYS I 94 30.65 -7.84 -2.84
N ILE I 95 30.77 -6.77 -3.63
CA ILE I 95 30.46 -6.78 -5.06
C ILE I 95 31.71 -6.40 -5.87
N SER I 96 32.00 -7.16 -6.91
CA SER I 96 33.06 -6.82 -7.85
C SER I 96 32.46 -6.86 -9.26
N VAL I 97 32.62 -5.76 -10.00
CA VAL I 97 32.15 -5.65 -11.38
C VAL I 97 33.37 -5.47 -12.24
N ILE I 98 33.74 -6.48 -13.04
CA ILE I 98 34.94 -6.40 -13.88
C ILE I 98 34.51 -6.44 -15.35
N ALA I 99 35.02 -5.46 -16.14
CA ALA I 99 34.74 -5.28 -17.56
C ALA I 99 35.95 -5.71 -18.39
N TYR I 100 35.70 -6.44 -19.48
CA TYR I 100 36.72 -6.98 -20.40
C TYR I 100 36.41 -6.68 -21.86
N ILE I 101 37.46 -6.62 -22.68
CA ILE I 101 37.39 -6.51 -24.14
C ILE I 101 38.39 -7.56 -24.60
N ASP I 102 37.87 -8.68 -25.16
CA ASP I 102 38.67 -9.83 -25.65
C ASP I 102 39.54 -10.39 -24.48
N ASN I 103 38.92 -10.62 -23.30
CA ASN I 103 39.48 -11.19 -22.07
C ASN I 103 40.66 -10.32 -21.48
N LYS I 104 40.72 -9.04 -21.86
CA LYS I 104 41.65 -8.05 -21.34
C LYS I 104 40.84 -7.07 -20.50
N GLU I 105 41.12 -7.00 -19.17
CA GLU I 105 40.41 -6.13 -18.23
C GLU I 105 40.59 -4.67 -18.61
N VAL I 106 39.47 -3.96 -18.78
CA VAL I 106 39.49 -2.55 -19.19
C VAL I 106 38.88 -1.66 -18.09
N ASN I 107 38.07 -2.24 -17.20
CA ASN I 107 37.45 -1.49 -16.11
C ASN I 107 37.10 -2.42 -14.94
N ARG I 108 36.97 -1.83 -13.73
CA ARG I 108 36.69 -2.57 -12.49
C ARG I 108 36.06 -1.66 -11.45
N LEU I 109 35.05 -2.18 -10.75
CA LEU I 109 34.43 -1.53 -9.62
C LEU I 109 34.34 -2.51 -8.46
N GLU I 110 34.86 -2.11 -7.30
CA GLU I 110 34.83 -2.90 -6.07
C GLU I 110 33.97 -2.17 -5.04
N LYS I 111 32.90 -2.80 -4.57
CA LYS I 111 32.00 -2.21 -3.58
C LYS I 111 31.73 -3.17 -2.43
N GLU I 112 31.54 -2.62 -1.22
CA GLU I 112 31.20 -3.37 -0.01
C GLU I 112 30.05 -2.67 0.68
N TYR I 113 28.94 -3.38 0.89
CA TYR I 113 27.73 -2.82 1.50
C TYR I 113 27.53 -3.43 2.88
N ILE I 114 27.21 -2.60 3.87
CA ILE I 114 27.00 -3.04 5.25
C ILE I 114 25.66 -2.48 5.75
N THR I 115 24.78 -3.37 6.27
CA THR I 115 23.47 -3.01 6.80
C THR I 115 23.60 -2.25 8.12
N LYS I 116 22.66 -1.30 8.38
CA LYS I 116 22.64 -0.46 9.57
C LYS I 116 21.37 -0.71 10.43
N GLY I 117 20.49 -1.58 9.96
CA GLY I 117 19.24 -1.92 10.63
C GLY I 117 18.03 -1.51 9.82
N SER I 118 18.20 -0.46 9.01
CA SER I 118 17.17 0.11 8.11
C SER I 118 17.40 -0.42 6.70
N THR I 119 16.47 -0.14 5.78
CA THR I 119 16.57 -0.59 4.39
C THR I 119 17.70 0.18 3.67
N LEU I 120 18.64 -0.58 3.09
CA LEU I 120 19.80 -0.11 2.32
C LEU I 120 19.43 -0.15 0.84
N VAL I 121 19.53 0.99 0.16
CA VAL I 121 19.24 1.10 -1.26
C VAL I 121 20.47 1.76 -1.90
N GLU I 122 21.23 0.95 -2.64
CA GLU I 122 22.47 1.35 -3.29
C GLU I 122 22.42 1.02 -4.79
N ASN I 123 23.19 1.78 -5.59
CA ASN I 123 23.24 1.62 -7.05
C ASN I 123 24.65 1.66 -7.57
N PHE I 124 24.88 1.07 -8.76
CA PHE I 124 26.16 1.13 -9.44
C PHE I 124 25.95 1.04 -10.94
N SER I 125 26.92 1.54 -11.71
CA SER I 125 26.92 1.52 -13.17
C SER I 125 28.38 1.44 -13.63
N VAL I 126 28.70 0.41 -14.42
CA VAL I 126 30.05 0.15 -14.96
C VAL I 126 29.93 -0.17 -16.44
N SER I 127 30.85 0.35 -17.26
CA SER I 127 30.86 0.10 -18.70
C SER I 127 32.28 -0.31 -19.15
N THR I 128 32.39 -0.95 -20.34
CA THR I 128 33.68 -1.36 -20.92
C THR I 128 34.39 -0.18 -21.59
N THR I 129 33.64 0.89 -21.93
CA THR I 129 34.13 2.08 -22.65
C THR I 129 34.08 3.37 -21.82
N SER I 130 34.02 3.28 -20.47
CA SER I 130 34.02 4.45 -19.57
C SER I 130 35.32 5.21 -19.71
N VAL I 131 35.26 6.52 -19.97
CA VAL I 131 36.45 7.35 -20.19
C VAL I 131 36.94 7.88 -18.85
N GLU I 132 38.26 7.78 -18.60
CA GLU I 132 38.93 8.20 -17.36
C GLU I 132 38.91 9.72 -17.19
N THR J 9 36.52 24.73 -21.35
CA THR J 9 35.56 24.21 -20.38
C THR J 9 35.93 22.75 -20.00
N THR J 10 36.88 22.13 -20.74
CA THR J 10 37.35 20.76 -20.50
C THR J 10 38.35 20.75 -19.33
N GLY J 11 38.12 19.86 -18.38
CA GLY J 11 38.95 19.67 -17.20
C GLY J 11 38.34 18.71 -16.22
N VAL J 12 38.71 18.86 -14.93
CA VAL J 12 38.18 18.03 -13.84
C VAL J 12 36.97 18.75 -13.28
N HIS J 13 35.81 18.30 -13.68
CA HIS J 13 34.51 18.79 -13.25
C HIS J 13 34.17 18.13 -11.90
N LYS J 14 33.95 18.96 -10.85
CA LYS J 14 33.71 18.50 -9.49
C LYS J 14 32.56 19.26 -8.83
N ILE J 15 31.73 18.54 -8.08
CA ILE J 15 30.63 19.13 -7.32
C ILE J 15 30.74 18.59 -5.90
N VAL J 16 30.77 19.50 -4.92
CA VAL J 16 30.81 19.18 -3.51
C VAL J 16 29.46 19.60 -2.87
N VAL J 17 28.82 18.64 -2.17
CA VAL J 17 27.57 18.84 -1.44
C VAL J 17 27.91 18.76 0.04
N GLU J 18 27.53 19.78 0.79
CA GLU J 18 27.73 19.85 2.24
C GLU J 18 26.42 20.08 2.96
N GLN J 19 26.23 19.41 4.11
CA GLN J 19 25.03 19.55 4.93
C GLN J 19 25.39 19.78 6.39
N SER J 20 24.57 20.56 7.10
CA SER J 20 24.75 20.83 8.52
C SER J 20 23.38 21.11 9.14
N GLY J 21 23.31 21.08 10.46
CA GLY J 21 22.11 21.30 11.24
C GLY J 21 21.56 20.00 11.78
N ASN J 22 20.24 19.86 11.77
CA ASN J 22 19.51 18.68 12.24
C ASN J 22 19.49 17.64 11.13
N THR J 23 20.69 17.16 10.73
CA THR J 23 20.90 16.22 9.62
C THR J 23 20.19 14.85 9.86
N ASP J 24 19.93 14.50 11.11
CA ASP J 24 19.28 13.26 11.51
C ASP J 24 17.78 13.27 11.20
N ASP J 25 17.17 14.46 11.09
CA ASP J 25 15.73 14.66 10.92
C ASP J 25 15.33 14.87 9.45
N PHE J 26 16.29 14.76 8.52
CA PHE J 26 16.07 14.89 7.09
C PHE J 26 16.67 13.74 6.34
N ASP J 27 16.19 13.48 5.12
CA ASP J 27 16.73 12.54 4.15
C ASP J 27 17.26 13.36 2.97
N LEU J 28 18.59 13.32 2.73
CA LEU J 28 19.26 13.99 1.62
C LEU J 28 19.62 12.93 0.59
N ASN J 29 19.06 13.05 -0.61
CA ASN J 29 19.29 12.14 -1.73
C ASN J 29 19.91 12.93 -2.84
N ILE J 30 21.10 12.52 -3.31
CA ILE J 30 21.79 13.28 -4.34
C ILE J 30 22.22 12.31 -5.47
N ALA J 31 22.16 12.81 -6.69
CA ALA J 31 22.54 12.10 -7.89
C ALA J 31 23.47 12.96 -8.70
N PHE J 32 24.62 12.40 -9.11
CA PHE J 32 25.62 13.08 -9.91
C PHE J 32 25.72 12.48 -11.32
N GLY J 33 25.59 13.35 -12.32
CA GLY J 33 25.68 13.00 -13.74
C GLY J 33 26.75 13.81 -14.45
N ALA J 34 27.72 13.13 -15.09
CA ALA J 34 28.80 13.83 -15.78
C ALA J 34 28.91 13.44 -17.27
N ALA J 35 29.58 14.32 -18.03
CA ALA J 35 29.90 14.12 -19.46
C ALA J 35 31.41 14.25 -19.66
N ASN J 36 31.95 13.50 -20.61
CA ASN J 36 33.36 13.50 -20.95
C ASN J 36 33.46 13.75 -22.44
N THR J 37 34.62 14.25 -22.90
CA THR J 37 34.83 14.54 -24.33
C THR J 37 34.85 13.20 -25.12
N GLY J 38 35.25 12.12 -24.45
CA GLY J 38 35.36 10.76 -24.99
C GLY J 38 34.10 9.93 -24.99
N GLY J 39 33.18 10.23 -24.04
CA GLY J 39 31.93 9.51 -23.93
C GLY J 39 31.35 9.56 -22.53
N VAL J 40 31.09 8.36 -21.95
CA VAL J 40 30.53 8.17 -20.60
C VAL J 40 31.68 8.32 -19.60
N ALA J 41 31.61 9.36 -18.76
CA ALA J 41 32.66 9.72 -17.82
C ALA J 41 32.71 8.81 -16.60
N LYS J 42 33.94 8.36 -16.25
CA LYS J 42 34.21 7.65 -14.99
C LYS J 42 34.07 8.66 -13.87
N LEU J 43 33.42 8.31 -12.77
CA LEU J 43 33.25 9.25 -11.64
C LEU J 43 34.16 8.83 -10.48
N TYR J 44 34.72 9.81 -9.78
CA TYR J 44 35.66 9.60 -8.67
C TYR J 44 35.37 10.45 -7.44
N ASN J 45 35.82 9.96 -6.27
CA ASN J 45 35.74 10.73 -5.01
C ASN J 45 37.01 11.62 -4.95
N GLU J 46 37.23 12.38 -3.85
CA GLU J 46 38.40 13.27 -3.77
C GLU J 46 39.73 12.50 -3.73
N ASN J 47 39.76 11.22 -3.28
CA ASN J 47 41.00 10.42 -3.26
C ASN J 47 41.20 9.67 -4.60
N GLY J 48 40.43 10.04 -5.64
CA GLY J 48 40.48 9.44 -6.97
C GLY J 48 40.09 7.98 -7.00
N GLU J 49 39.18 7.57 -6.10
CA GLU J 49 38.64 6.21 -6.06
C GLU J 49 37.41 6.20 -6.95
N TYR J 50 37.38 5.26 -7.88
CA TYR J 50 36.32 5.08 -8.86
C TYR J 50 35.00 4.71 -8.17
N LEU J 51 33.93 5.46 -8.51
CA LEU J 51 32.58 5.30 -7.97
C LEU J 51 31.62 4.61 -8.96
N GLY J 52 32.08 4.43 -10.19
CA GLY J 52 31.24 3.93 -11.28
C GLY J 52 30.92 5.08 -12.21
N ASP J 53 30.04 4.87 -13.20
CA ASP J 53 29.67 5.85 -14.24
C ASP J 53 28.45 6.74 -13.87
N SER J 54 27.71 6.39 -12.82
CA SER J 54 26.62 7.18 -12.22
C SER J 54 26.83 7.18 -10.72
N TYR J 55 26.62 8.30 -10.02
CA TYR J 55 26.82 8.27 -8.57
C TYR J 55 25.52 8.75 -7.89
N LEU J 56 24.79 7.77 -7.27
CA LEU J 56 23.50 7.95 -6.60
C LEU J 56 23.57 7.60 -5.12
N VAL J 57 23.56 8.63 -4.23
CA VAL J 57 23.65 8.44 -2.78
C VAL J 57 22.28 8.74 -2.14
N ASN J 58 21.64 7.70 -1.60
CA ASN J 58 20.38 7.86 -0.88
C ASN J 58 20.67 8.02 0.59
N LYS J 59 19.94 8.92 1.26
CA LYS J 59 20.04 9.23 2.69
C LYS J 59 21.53 9.44 3.10
N VAL J 60 22.16 10.48 2.51
CA VAL J 60 23.55 10.90 2.78
C VAL J 60 23.75 11.12 4.29
N THR J 61 24.68 10.37 4.93
CA THR J 61 24.95 10.49 6.36
C THR J 61 26.22 11.35 6.59
N GLU J 62 27.09 11.44 5.57
CA GLU J 62 28.31 12.24 5.60
C GLU J 62 27.95 13.73 5.48
N ASN J 63 28.75 14.59 6.11
CA ASN J 63 28.53 16.05 6.10
C ASN J 63 29.03 16.66 4.82
N LYS J 64 29.85 15.93 4.06
CA LYS J 64 30.43 16.35 2.79
C LYS J 64 30.48 15.15 1.82
N ILE J 65 29.98 15.36 0.60
CA ILE J 65 29.99 14.39 -0.49
C ILE J 65 30.60 15.07 -1.68
N SER J 66 31.56 14.41 -2.30
CA SER J 66 32.24 14.95 -3.47
C SER J 66 32.21 13.95 -4.63
N CYS J 67 32.06 14.48 -5.83
CA CYS J 67 32.09 13.71 -7.08
C CYS J 67 32.85 14.50 -8.13
N GLN J 68 33.78 13.87 -8.87
CA GLN J 68 34.55 14.57 -9.91
C GLN J 68 34.80 13.66 -11.11
N THR J 69 35.20 14.26 -12.24
CA THR J 69 35.56 13.56 -13.47
C THR J 69 37.08 13.46 -13.55
N GLY J 70 37.56 12.90 -14.66
CA GLY J 70 38.97 12.88 -15.01
C GLY J 70 39.29 14.20 -15.69
N LYS J 71 40.53 14.32 -16.16
CA LYS J 71 41.08 15.50 -16.82
C LYS J 71 40.28 15.89 -18.11
N GLU J 72 39.41 15.00 -18.65
CA GLU J 72 38.68 15.21 -19.91
C GLU J 72 37.15 15.41 -19.74
N GLY J 73 36.70 15.72 -18.51
CA GLY J 73 35.30 16.00 -18.23
C GLY J 73 34.88 17.29 -18.93
N SER J 74 33.64 17.31 -19.47
CA SER J 74 33.09 18.49 -20.17
C SER J 74 31.86 19.04 -19.42
N MSE J 75 31.39 18.32 -18.40
CA MSE J 75 30.22 18.71 -17.64
C MSE J 75 29.96 17.78 -16.49
O MSE J 75 30.29 16.60 -16.55
CB MSE J 75 28.99 18.69 -18.55
CG MSE J 75 27.80 19.36 -17.96
SE MSE J 75 26.16 18.47 -18.46
CE MSE J 75 26.38 16.78 -17.32
N MSE J 76 29.33 18.32 -15.42
CA MSE J 76 28.83 17.57 -14.27
C MSE J 76 27.55 18.21 -13.74
O MSE J 76 27.51 19.43 -13.59
CB MSE J 76 29.84 17.42 -13.16
CG MSE J 76 29.19 16.70 -11.96
SE MSE J 76 30.32 15.99 -10.66
CE MSE J 76 31.05 14.61 -11.62
N THR J 77 26.52 17.40 -13.41
CA THR J 77 25.26 17.86 -12.84
C THR J 77 25.00 17.16 -11.52
N CYS J 78 24.46 17.90 -10.58
CA CYS J 78 24.07 17.37 -9.30
C CYS J 78 22.62 17.71 -9.06
N ALA J 79 21.80 16.67 -8.92
CA ALA J 79 20.39 16.80 -8.59
C ALA J 79 20.15 16.23 -7.23
N GLY J 80 19.44 16.96 -6.40
CA GLY J 80 19.17 16.49 -5.05
C GLY J 80 17.75 16.69 -4.57
N SER J 81 17.38 15.93 -3.54
CA SER J 81 16.09 16.05 -2.88
C SER J 81 16.31 16.01 -1.38
N VAL J 82 15.52 16.81 -0.68
CA VAL J 82 15.50 16.95 0.76
C VAL J 82 14.08 16.63 1.23
N ILE J 83 13.95 15.59 2.09
CA ILE J 83 12.67 15.13 2.65
C ILE J 83 12.82 15.12 4.18
N SER J 84 11.85 15.69 4.88
N SER J 84 11.79 15.53 4.93
CA SER J 84 11.83 15.78 6.34
CA SER J 84 11.87 15.57 6.39
C SER J 84 11.08 14.59 6.90
C SER J 84 11.06 14.43 7.06
N THR J 85 11.74 13.94 7.86
N THR J 85 9.71 14.34 6.82
CA THR J 85 11.28 12.73 8.51
CA THR J 85 8.75 13.39 7.40
C THR J 85 10.82 13.05 9.96
C THR J 85 8.64 13.64 8.95
N SER J 86 10.38 14.30 10.20
N SER J 86 9.59 14.41 9.53
CA SER J 86 9.99 14.77 11.52
CA SER J 86 9.64 14.80 10.95
C SER J 86 8.66 15.53 11.49
C SER J 86 8.37 15.53 11.32
N GLU J 87 7.83 15.27 12.52
CA GLU J 87 6.56 15.90 12.87
C GLU J 87 6.78 17.12 13.76
N GLN J 88 8.05 17.43 14.07
CA GLN J 88 8.40 18.59 14.88
C GLN J 88 8.82 19.75 13.98
N ALA J 89 8.22 20.92 14.21
CA ALA J 89 8.50 22.15 13.46
C ALA J 89 9.79 22.82 13.98
N GLY J 90 10.51 23.48 13.08
CA GLY J 90 11.72 24.21 13.43
C GLY J 90 13.04 23.48 13.28
N LYS J 91 13.02 22.23 12.78
CA LYS J 91 14.24 21.47 12.52
C LYS J 91 14.86 22.03 11.25
N LYS J 92 16.17 22.37 11.28
CA LYS J 92 16.81 23.01 10.14
C LYS J 92 17.90 22.15 9.48
N LEU J 93 18.01 22.30 8.16
CA LEU J 93 19.04 21.70 7.33
C LEU J 93 19.65 22.77 6.46
N LYS J 94 20.99 22.95 6.54
CA LYS J 94 21.75 23.89 5.73
C LYS J 94 22.49 23.10 4.65
N ILE J 95 22.26 23.45 3.38
CA ILE J 95 22.87 22.77 2.23
C ILE J 95 23.69 23.76 1.40
N SER J 96 24.91 23.35 1.03
CA SER J 96 25.75 24.12 0.11
C SER J 96 26.21 23.19 -1.01
N VAL J 97 25.97 23.60 -2.25
CA VAL J 97 26.34 22.85 -3.45
C VAL J 97 27.34 23.70 -4.21
N ILE J 98 28.61 23.32 -4.23
CA ILE J 98 29.65 24.13 -4.91
C ILE J 98 30.20 23.32 -6.07
N ALA J 99 30.25 23.94 -7.26
CA ALA J 99 30.74 23.37 -8.52
C ALA J 99 32.10 23.96 -8.89
N TYR J 100 33.01 23.09 -9.32
CA TYR J 100 34.39 23.45 -9.70
C TYR J 100 34.79 22.89 -11.03
N ILE J 101 35.71 23.56 -11.70
CA ILE J 101 36.39 23.10 -12.90
C ILE J 101 37.86 23.35 -12.58
N ASP J 102 38.64 22.26 -12.48
CA ASP J 102 40.07 22.27 -12.14
C ASP J 102 40.31 23.11 -10.85
N ASN J 103 39.51 22.81 -9.79
CA ASN J 103 39.54 23.40 -8.43
C ASN J 103 39.28 24.94 -8.43
N LYS J 104 38.68 25.46 -9.50
CA LYS J 104 38.24 26.86 -9.62
C LYS J 104 36.71 26.86 -9.56
N GLU J 105 36.12 27.52 -8.54
CA GLU J 105 34.67 27.58 -8.34
C GLU J 105 34.00 28.28 -9.53
N VAL J 106 33.00 27.61 -10.12
CA VAL J 106 32.30 28.10 -11.31
C VAL J 106 30.82 28.30 -11.00
N ASN J 107 30.30 27.64 -9.95
CA ASN J 107 28.89 27.77 -9.57
C ASN J 107 28.71 27.42 -8.08
N ARG J 108 27.62 27.92 -7.46
CA ARG J 108 27.31 27.73 -6.05
C ARG J 108 25.82 27.90 -5.79
N LEU J 109 25.27 27.04 -4.93
CA LEU J 109 23.91 27.13 -4.44
C LEU J 109 23.91 26.95 -2.92
N GLU J 110 23.35 27.92 -2.22
CA GLU J 110 23.18 27.92 -0.75
C GLU J 110 21.69 27.85 -0.42
N LYS J 111 21.24 26.83 0.35
CA LYS J 111 19.82 26.68 0.72
C LYS J 111 19.66 26.24 2.20
N GLU J 112 18.59 26.70 2.86
CA GLU J 112 18.29 26.36 4.26
C GLU J 112 16.83 25.88 4.35
N TYR J 113 16.61 24.67 4.87
CA TYR J 113 15.29 24.05 4.97
C TYR J 113 14.84 24.02 6.42
N ILE J 114 13.59 24.42 6.69
CA ILE J 114 13.04 24.44 8.05
C ILE J 114 11.68 23.70 8.02
N THR J 115 11.52 22.72 8.91
CA THR J 115 10.29 21.92 9.00
C THR J 115 9.15 22.76 9.59
N LYS J 116 7.90 22.49 9.17
CA LYS J 116 6.71 23.22 9.61
C LYS J 116 5.72 22.32 10.37
N GLY J 117 6.04 21.04 10.48
CA GLY J 117 5.18 20.05 11.14
C GLY J 117 4.71 19.00 10.17
N SER J 118 4.57 19.40 8.89
CA SER J 118 4.16 18.55 7.77
C SER J 118 5.40 18.04 7.02
N THR J 119 5.19 17.10 6.08
CA THR J 119 6.27 16.54 5.29
C THR J 119 6.80 17.61 4.30
N LEU J 120 8.12 17.86 4.37
CA LEU J 120 8.86 18.80 3.55
C LEU J 120 9.47 18.03 2.40
N VAL J 121 9.16 18.44 1.18
CA VAL J 121 9.69 17.83 -0.04
C VAL J 121 10.26 18.96 -0.86
N GLU J 122 11.58 19.05 -0.90
CA GLU J 122 12.33 20.08 -1.59
C GLU J 122 13.32 19.47 -2.57
N ASN J 123 13.65 20.22 -3.63
CA ASN J 123 14.57 19.77 -4.67
C ASN J 123 15.55 20.86 -5.06
N PHE J 124 16.70 20.43 -5.62
CA PHE J 124 17.70 21.34 -6.16
C PHE J 124 18.43 20.66 -7.32
N SER J 125 19.01 21.47 -8.21
CA SER J 125 19.80 21.03 -9.36
C SER J 125 20.85 22.08 -9.66
N VAL J 126 22.13 21.69 -9.64
CA VAL J 126 23.29 22.56 -9.86
C VAL J 126 24.26 21.88 -10.83
N SER J 127 24.91 22.64 -11.74
CA SER J 127 25.90 22.05 -12.64
C SER J 127 27.10 22.98 -12.83
N THR J 128 28.20 22.41 -13.38
CA THR J 128 29.46 23.11 -13.68
C THR J 128 29.37 23.99 -14.90
N THR J 129 28.42 23.69 -15.82
CA THR J 129 28.32 24.38 -17.10
C THR J 129 27.00 25.22 -17.24
N SER J 130 26.35 25.57 -16.11
CA SER J 130 25.14 26.43 -16.12
C SER J 130 25.50 27.81 -16.61
N VAL J 131 24.78 28.32 -17.62
CA VAL J 131 25.05 29.65 -18.17
C VAL J 131 24.21 30.68 -17.39
N GLU J 132 24.84 31.79 -16.97
CA GLU J 132 24.20 32.86 -16.19
C GLU J 132 23.10 33.59 -16.99
C1 PEG K . -13.37 5.15 20.60
O1 PEG K . -12.78 5.95 21.63
C2 PEG K . -12.91 5.52 19.21
O2 PEG K . -13.48 4.63 18.25
C3 PEG K . -13.86 5.24 17.01
C4 PEG K . -15.29 4.84 16.63
O4 PEG K . -15.65 5.30 15.32
C1 EDO L . -16.24 17.06 9.48
O1 EDO L . -15.46 17.76 10.40
C2 EDO L . -15.72 15.62 9.48
O2 EDO L . -16.45 14.79 8.61
C1 EDO M . -15.57 16.98 5.84
O1 EDO M . -14.22 17.27 6.22
C2 EDO M . -15.71 15.55 5.24
O2 EDO M . -15.31 14.56 6.20
C1 EDO N . -19.81 23.13 19.86
O1 EDO N . -19.22 22.45 18.77
C2 EDO N . -21.34 23.04 19.70
O2 EDO N . -21.79 23.60 18.45
C1 EDO O . -33.00 18.43 23.94
O1 EDO O . -32.14 18.20 22.83
C2 EDO O . -32.98 17.18 24.82
O2 EDO O . -33.35 16.06 24.02
C1 EDO P . -2.32 13.68 17.61
O1 EDO P . -2.56 12.88 18.74
C2 EDO P . -1.27 12.96 16.73
O2 EDO P . -1.79 11.71 16.30
C1 EDO Q . -16.46 28.61 14.42
O1 EDO Q . -16.28 27.81 15.59
C2 EDO Q . -17.89 28.41 13.84
O2 EDO Q . -18.85 28.82 14.81
C1 PEG R . -20.08 -5.53 8.51
O1 PEG R . -20.35 -4.92 9.77
C2 PEG R . -20.65 -6.91 8.40
O2 PEG R . -20.34 -7.46 7.13
C3 PEG R . -19.78 -8.77 7.19
C4 PEG R . -19.74 -9.39 5.82
O4 PEG R . -19.25 -10.73 5.83
C1 EDO S . -43.36 -22.49 17.24
O1 EDO S . -42.25 -22.94 18.00
C2 EDO S . -42.97 -22.43 15.74
O2 EDO S . -42.53 -23.70 15.29
C1 EDO T . -16.92 -4.93 6.04
O1 EDO T . -16.93 -3.87 5.12
C2 EDO T . -17.17 -6.25 5.27
O2 EDO T . -17.04 -7.34 6.17
C1 EDO U . -11.78 -17.47 9.80
O1 EDO U . -12.49 -17.21 8.59
C2 EDO U . -10.76 -18.63 9.62
O2 EDO U . -9.77 -18.28 8.68
C1 EDO V . 0.08 -26.37 5.89
O1 EDO V . -0.72 -25.23 5.60
C2 EDO V . -0.79 -27.67 5.99
O2 EDO V . -1.45 -27.90 4.76
C1 PEG W . 0.95 -13.12 18.08
O1 PEG W . 1.64 -12.29 18.99
C2 PEG W . -0.38 -13.54 18.63
O2 PEG W . -1.07 -14.35 17.68
C3 PEG W . -1.97 -15.29 18.27
C4 PEG W . -1.63 -16.70 17.82
O4 PEG W . -2.45 -17.69 18.47
C1 EDO X . -1.80 -11.53 25.62
O1 EDO X . -1.77 -10.61 26.72
C2 EDO X . -2.38 -12.91 26.02
O2 EDO X . -2.16 -13.86 24.98
C1 PEG Y . 0.37 11.54 43.69
O1 PEG Y . -0.77 11.63 42.85
C2 PEG Y . 1.59 12.13 43.04
O2 PEG Y . 2.71 11.96 43.89
C3 PEG Y . 3.87 12.66 43.46
C4 PEG Y . 5.07 11.76 43.45
O4 PEG Y . 6.25 12.45 43.03
C1 EDO Z . -1.47 1.61 22.94
O1 EDO Z . -2.76 2.14 23.07
C2 EDO Z . -1.54 0.16 22.41
O2 EDO Z . -2.20 -0.66 23.35
C1 EDO AA . 11.33 8.83 34.70
O1 EDO AA . 12.04 7.63 34.47
C2 EDO AA . 11.41 9.71 33.44
O2 EDO AA . 10.88 9.00 32.34
C1 EDO BA . 14.08 15.59 27.92
O1 EDO BA . 13.95 14.28 28.46
C2 EDO BA . 13.35 15.67 26.56
O2 EDO BA . 11.99 15.36 26.75
C1 EDO CA . 18.03 15.04 16.90
O1 EDO CA . 16.86 14.88 17.69
C2 EDO CA . 18.84 13.75 16.93
O2 EDO CA . 18.10 12.73 16.30
C1 EDO DA . -2.27 -4.70 22.49
O1 EDO DA . -3.10 -3.58 22.74
C2 EDO DA . -1.53 -4.54 21.13
O2 EDO DA . -0.72 -3.39 21.15
C1 EDO EA . -11.36 7.89 50.39
O1 EDO EA . -10.96 6.55 50.53
C2 EDO EA . -11.87 8.11 48.96
O2 EDO EA . -12.98 7.28 48.74
C1 EDO FA . 5.69 18.27 -12.94
O1 EDO FA . 4.85 18.81 -11.94
C2 EDO FA . 4.98 17.11 -13.70
O2 EDO FA . 3.94 17.56 -14.56
C1 EDO GA . -6.29 27.80 -33.27
O1 EDO GA . -5.38 28.27 -34.25
C2 EDO GA . -7.25 26.72 -33.88
O2 EDO GA . -6.53 25.71 -34.60
C1 EDO HA . -17.19 5.44 -31.32
O1 EDO HA . -17.08 4.90 -30.02
C2 EDO HA . -17.20 4.27 -32.31
O2 EDO HA . -16.05 3.45 -32.10
C1 EDO IA . -15.21 7.84 -15.24
O1 EDO IA . -16.56 8.22 -15.00
C2 EDO IA . -15.11 6.30 -15.21
O2 EDO IA . -16.00 5.72 -16.15
C1 PGE JA . 4.68 -4.73 -20.95
O1 PGE JA . 3.54 -4.60 -21.82
C2 PGE JA . 5.90 -5.26 -21.67
O2 PGE JA . 6.94 -5.52 -20.74
C3 PGE JA . 8.23 -5.10 -21.16
C4 PGE JA . 9.19 -5.46 -20.07
O4 PGE JA . 13.55 -6.85 -21.51
C6 PGE JA . 12.56 -5.83 -21.44
C5 PGE JA . 11.45 -6.16 -20.46
O3 PGE JA . 10.52 -5.07 -20.38
C1 EDO KA . 8.47 -2.14 -27.34
O1 EDO KA . 8.45 -0.89 -26.69
C2 EDO KA . 9.85 -2.39 -27.94
O2 EDO KA . 10.81 -2.35 -26.90
C1 EDO LA . -1.97 -25.62 -12.09
O1 EDO LA . -1.33 -25.86 -10.86
C2 EDO LA . -3.48 -25.52 -11.82
O2 EDO LA . -4.12 -25.10 -13.03
C1 PEG MA . 21.35 2.13 -11.98
O1 PEG MA . 22.60 2.57 -11.45
C2 PEG MA . 20.79 0.94 -11.24
O2 PEG MA . 19.51 0.56 -11.77
C3 PEG MA . 19.51 -0.68 -12.47
C4 PEG MA . 18.80 -1.76 -11.67
O4 PEG MA . 18.79 -2.99 -12.36
C1 PEG NA . 20.07 11.62 5.24
O1 PEG NA . 20.05 13.01 5.57
C2 PEG NA . 19.29 10.74 6.18
O2 PEG NA . 19.80 10.81 7.51
C3 PEG NA . 18.85 10.53 8.52
C4 PEG NA . 19.07 9.16 9.10
O4 PEG NA . 18.88 8.14 8.13
C1 EDO OA . 6.91 21.92 0.66
O1 EDO OA . 8.12 21.55 1.32
C2 EDO OA . 5.78 20.84 0.80
O2 EDO OA . 6.07 19.64 0.10
C1 EDO PA . 17.82 13.08 -7.11
O1 EDO PA . 18.07 12.01 -6.23
C2 EDO PA . 16.38 13.60 -6.90
O2 EDO PA . 16.04 14.56 -7.90
C1 EDO QA . 27.12 23.21 5.27
O1 EDO QA . 27.14 23.97 6.45
C2 EDO QA . 26.12 23.85 4.31
O2 EDO QA . 26.54 25.16 3.97
C1 EDO RA . 43.33 20.57 -17.15
O1 EDO RA . 43.16 19.49 -16.21
C2 EDO RA . 43.23 19.99 -18.58
O2 EDO RA . 42.01 19.29 -18.69
C1 EDO SA . 38.39 23.57 -3.46
O1 EDO SA . 38.84 23.05 -2.22
C2 EDO SA . 38.60 22.52 -4.58
O2 EDO SA . 37.94 21.32 -4.26
#